data_2AHU
#
_entry.id   2AHU
#
_cell.length_a   81.129
_cell.length_b   133.308
_cell.length_c   105.838
_cell.angle_alpha   90.00
_cell.angle_beta   100.57
_cell.angle_gamma   90.00
#
_symmetry.space_group_name_H-M   'P 1 21 1'
#
loop_
_entity.id
_entity.type
_entity.pdbx_description
1 polymer 'putative enzyme ydiF'
2 water water
#
_entity_poly.entity_id   1
_entity_poly.type   'polypeptide(L)'
_entity_poly.pdbx_seq_one_letter_code
;(MSE)KPVKPPRINGRVPVLSAQEAVNYIPDEATLCVLGAGGGILEATTLITALADKYKQTQTPRNLSIISPTGLGDRAD
RGISPLAQEGLVKWALCGHWGQSPRISDLAEQNKIIAYNYPQGVLTQTLRAAAAHQPGIISDIGIGTFVDPRQQGGKLNE
VTKEDLIKLVEFDNKEYLYYKAIAPDIAFIRATTCDSEGYATFEDEV(MSE)YLDALVIAQAVHNNGGIV(MSE)(MSE)
QVQK(MSE)VKKATLHPKSVRIPGYLVDIVVVDPDQSQLYGGAPVNRFISGDFTLDDSTKLSLPLNQRKLVARRALFE
(MSE)RKGAVGNVGVGIADGIGLVAREEGCADDFILTVETGPIGGITSQGIAFGANVNTRAILD(MSE)TSQFDFYHGGG
LDVCYLSFAEVDQHGNVGVHKFNGKI(MSE)GTGGFIDISATSKKIIFCGTLTAGSLKTEIADGKLNIVQEGRVKKFIRE
LPEITFSGKIALERGLDVRYITERAVFTLKEDGLHLIEIAPGVDLQKDILDK(MSE)DFTPVISPELKL(MSE)DERLFI
DAA(MSE)GFVLPEAAH
;
_entity_poly.pdbx_strand_id   A,B,C,D
#
# COMPACT_ATOMS: atom_id res chain seq x y z
N VAL A 4 -22.41 -32.92 -4.00
CA VAL A 4 -21.86 -33.22 -2.63
C VAL A 4 -20.61 -32.39 -2.35
N LYS A 5 -20.76 -31.37 -1.50
CA LYS A 5 -19.66 -30.49 -1.09
C LYS A 5 -19.64 -30.42 0.43
N PRO A 6 -18.48 -30.18 1.04
CA PRO A 6 -18.42 -29.98 2.48
C PRO A 6 -19.12 -28.67 2.87
N PRO A 7 -19.88 -28.70 3.97
CA PRO A 7 -20.65 -27.53 4.38
C PRO A 7 -19.73 -26.48 4.98
N ARG A 8 -20.14 -25.21 4.88
CA ARG A 8 -19.41 -24.15 5.55
C ARG A 8 -19.91 -24.11 7.00
N ILE A 9 -18.99 -23.88 7.93
CA ILE A 9 -19.37 -23.72 9.33
C ILE A 9 -19.17 -22.25 9.73
N ASN A 10 -20.28 -21.62 10.14
CA ASN A 10 -20.33 -20.18 10.43
C ASN A 10 -19.76 -19.29 9.32
N GLY A 11 -20.10 -19.61 8.08
CA GLY A 11 -19.67 -18.82 6.92
C GLY A 11 -18.22 -19.04 6.49
N ARG A 12 -17.47 -19.81 7.28
CA ARG A 12 -16.06 -20.07 6.96
C ARG A 12 -15.91 -21.10 5.83
N VAL A 13 -15.07 -20.79 4.86
CA VAL A 13 -14.84 -21.72 3.75
C VAL A 13 -14.13 -22.99 4.26
N PRO A 14 -14.59 -24.19 3.88
CA PRO A 14 -13.93 -25.42 4.29
C PRO A 14 -12.47 -25.47 3.82
N VAL A 15 -11.57 -25.81 4.73
CA VAL A 15 -10.15 -25.94 4.40
C VAL A 15 -9.80 -27.42 4.54
N LEU A 16 -9.35 -28.01 3.44
CA LEU A 16 -9.01 -29.44 3.40
C LEU A 16 -7.59 -29.65 2.85
N SER A 17 -7.04 -30.84 3.08
CA SER A 17 -5.82 -31.25 2.40
C SER A 17 -6.20 -31.51 0.94
N ALA A 18 -5.21 -31.45 0.04
CA ALA A 18 -5.44 -31.71 -1.38
C ALA A 18 -5.97 -33.13 -1.58
N GLN A 19 -5.49 -34.06 -0.76
CA GLN A 19 -5.98 -35.46 -0.78
C GLN A 19 -7.46 -35.55 -0.45
N GLU A 20 -7.87 -34.89 0.65
CA GLU A 20 -9.28 -34.85 1.05
C GLU A 20 -10.14 -34.17 -0.02
N ALA A 21 -9.63 -33.06 -0.57
CA ALA A 21 -10.37 -32.26 -1.57
C ALA A 21 -10.70 -33.03 -2.86
N VAL A 22 -9.72 -33.75 -3.40
CA VAL A 22 -9.91 -34.43 -4.69
C VAL A 22 -10.87 -35.62 -4.60
N ASN A 23 -11.17 -36.06 -3.38
CA ASN A 23 -12.15 -37.10 -3.11
C ASN A 23 -13.56 -36.70 -3.53
N TYR A 24 -13.80 -35.40 -3.58
CA TYR A 24 -15.08 -34.85 -4.00
C TYR A 24 -15.32 -34.82 -5.52
N ILE A 25 -14.36 -35.30 -6.29
CA ILE A 25 -14.50 -35.41 -7.75
C ILE A 25 -15.12 -36.75 -8.11
N PRO A 26 -16.30 -36.73 -8.72
CA PRO A 26 -16.96 -37.95 -9.18
C PRO A 26 -16.47 -38.44 -10.55
N ASP A 27 -16.83 -39.67 -10.89
CA ASP A 27 -16.61 -40.19 -12.23
C ASP A 27 -17.30 -39.31 -13.27
N GLU A 28 -16.64 -39.16 -14.43
CA GLU A 28 -17.16 -38.41 -15.58
C GLU A 28 -17.36 -36.90 -15.36
N ALA A 29 -16.72 -36.37 -14.31
CA ALA A 29 -16.76 -34.92 -14.06
C ALA A 29 -15.96 -34.16 -15.12
N THR A 30 -16.41 -32.95 -15.44
CA THR A 30 -15.64 -32.04 -16.30
C THR A 30 -14.77 -31.15 -15.40
N LEU A 31 -13.46 -31.33 -15.53
CA LEU A 31 -12.49 -30.60 -14.74
C LEU A 31 -11.83 -29.48 -15.55
N CYS A 32 -11.89 -28.27 -15.02
CA CYS A 32 -11.22 -27.14 -15.64
C CYS A 32 -10.00 -26.77 -14.80
N VAL A 33 -8.83 -26.71 -15.42
CA VAL A 33 -7.59 -26.46 -14.68
C VAL A 33 -6.98 -25.11 -15.07
N LEU A 34 -6.81 -24.23 -14.08
CA LEU A 34 -6.22 -22.91 -14.26
C LEU A 34 -4.71 -23.04 -14.35
N GLY A 35 -4.08 -22.20 -15.15
CA GLY A 35 -2.63 -22.14 -15.18
C GLY A 35 -2.06 -21.87 -16.55
N ALA A 36 -0.84 -21.33 -16.57
CA ALA A 36 -0.09 -21.14 -17.80
C ALA A 36 1.23 -21.92 -17.68
N GLY A 37 2.10 -21.79 -18.67
CA GLY A 37 3.38 -22.51 -18.70
C GLY A 37 4.29 -22.25 -17.51
N GLY A 38 5.11 -23.25 -17.19
CA GLY A 38 6.18 -23.11 -16.20
C GLY A 38 5.75 -22.86 -14.76
N GLY A 39 4.52 -23.22 -14.44
CA GLY A 39 4.02 -23.11 -13.07
C GLY A 39 3.13 -21.92 -12.75
N ILE A 40 2.99 -21.00 -13.70
CA ILE A 40 2.20 -19.77 -13.49
C ILE A 40 0.76 -20.12 -13.09
N LEU A 41 0.36 -19.65 -11.90
CA LEU A 41 -0.98 -19.87 -11.36
C LEU A 41 -1.48 -21.31 -11.34
N GLU A 42 -0.55 -22.26 -11.22
CA GLU A 42 -0.93 -23.67 -11.22
C GLU A 42 -1.20 -24.22 -9.82
N ALA A 43 -2.36 -24.85 -9.65
CA ALA A 43 -2.71 -25.45 -8.37
C ALA A 43 -2.10 -26.85 -8.30
N THR A 44 -0.78 -26.87 -8.20
CA THR A 44 0.02 -28.10 -8.29
C THR A 44 -0.39 -29.17 -7.28
N THR A 45 -0.71 -28.80 -6.04
CA THR A 45 -1.06 -29.83 -5.05
C THR A 45 -2.35 -30.58 -5.38
N LEU A 46 -3.29 -29.93 -6.07
CA LEU A 46 -4.53 -30.58 -6.48
C LEU A 46 -4.30 -31.54 -7.65
N ILE A 47 -3.48 -31.13 -8.61
CA ILE A 47 -3.13 -31.99 -9.75
C ILE A 47 -2.38 -33.24 -9.28
N THR A 48 -1.40 -33.04 -8.39
CA THR A 48 -0.64 -34.11 -7.76
C THR A 48 -1.55 -35.07 -6.99
N ALA A 49 -2.49 -34.51 -6.23
CA ALA A 49 -3.41 -35.30 -5.41
C ALA A 49 -4.34 -36.17 -6.25
N LEU A 50 -4.83 -35.63 -7.37
CA LEU A 50 -5.73 -36.38 -8.27
C LEU A 50 -4.99 -37.50 -8.98
N ALA A 51 -3.81 -37.19 -9.52
CA ALA A 51 -2.96 -38.17 -10.19
C ALA A 51 -2.63 -39.33 -9.26
N ASP A 52 -2.29 -39.00 -8.01
CA ASP A 52 -2.02 -39.97 -6.94
C ASP A 52 -3.20 -40.84 -6.53
N LYS A 53 -4.40 -40.24 -6.47
CA LYS A 53 -5.60 -41.01 -6.18
C LYS A 53 -5.83 -42.03 -7.27
N TYR A 54 -5.73 -41.62 -8.53
CA TYR A 54 -5.90 -42.53 -9.65
C TYR A 54 -4.83 -43.62 -9.68
N LYS A 55 -3.58 -43.23 -9.47
CA LYS A 55 -2.47 -44.17 -9.41
C LYS A 55 -2.74 -45.26 -8.37
N GLN A 56 -3.33 -44.87 -7.24
CA GLN A 56 -3.57 -45.81 -6.13
C GLN A 56 -4.86 -46.62 -6.27
N THR A 57 -5.94 -45.97 -6.71
CA THR A 57 -7.29 -46.58 -6.66
C THR A 57 -7.98 -46.78 -8.01
N GLN A 58 -7.38 -46.29 -9.09
CA GLN A 58 -7.99 -46.29 -10.42
C GLN A 58 -9.37 -45.59 -10.42
N THR A 59 -9.54 -44.63 -9.50
CA THR A 59 -10.69 -43.74 -9.45
C THR A 59 -10.16 -42.30 -9.26
N PRO A 60 -10.89 -41.28 -9.71
CA PRO A 60 -12.13 -41.42 -10.48
C PRO A 60 -11.91 -41.75 -11.96
N ARG A 61 -12.99 -42.04 -12.69
CA ARG A 61 -12.88 -42.51 -14.07
C ARG A 61 -13.49 -41.58 -15.10
N ASN A 62 -12.92 -41.59 -16.30
CA ASN A 62 -13.50 -40.99 -17.50
C ASN A 62 -13.84 -39.51 -17.34
N LEU A 63 -12.90 -38.76 -16.77
CA LEU A 63 -12.98 -37.31 -16.68
C LEU A 63 -12.87 -36.65 -18.05
N SER A 64 -13.50 -35.48 -18.16
CA SER A 64 -13.31 -34.58 -19.28
C SER A 64 -12.48 -33.40 -18.75
N ILE A 65 -11.50 -32.96 -19.53
CA ILE A 65 -10.62 -31.87 -19.10
C ILE A 65 -10.82 -30.65 -19.99
N ILE A 66 -10.91 -29.47 -19.36
CA ILE A 66 -10.81 -28.21 -20.11
C ILE A 66 -9.60 -27.47 -19.58
N SER A 67 -8.73 -27.05 -20.51
CA SER A 67 -7.50 -26.38 -20.15
C SER A 67 -7.36 -25.17 -21.07
N PRO A 68 -7.80 -24.00 -20.60
CA PRO A 68 -7.81 -22.79 -21.43
C PRO A 68 -6.42 -22.47 -21.99
N THR A 69 -5.41 -22.48 -21.12
CA THR A 69 -4.01 -22.23 -21.49
C THR A 69 -3.23 -23.55 -21.33
N GLY A 70 -1.99 -23.59 -21.83
CA GLY A 70 -1.15 -24.76 -21.68
C GLY A 70 -0.38 -24.75 -20.38
N LEU A 71 -0.61 -25.74 -19.53
CA LEU A 71 0.14 -25.92 -18.30
C LEU A 71 1.34 -26.81 -18.55
N GLY A 72 2.41 -26.60 -17.78
CA GLY A 72 3.52 -27.54 -17.75
C GLY A 72 4.85 -27.05 -18.28
N ASP A 73 5.73 -28.02 -18.51
CA ASP A 73 7.13 -27.75 -18.86
C ASP A 73 7.53 -28.43 -20.17
N ARG A 74 6.54 -28.77 -21.00
CA ARG A 74 6.74 -29.54 -22.23
C ARG A 74 7.27 -30.96 -21.92
N ALA A 75 7.01 -31.44 -20.70
CA ALA A 75 7.43 -32.77 -20.30
C ALA A 75 6.41 -33.48 -19.39
N ASP A 76 6.80 -33.80 -18.15
CA ASP A 76 5.97 -34.60 -17.25
C ASP A 76 5.24 -33.81 -16.15
N ARG A 77 5.33 -32.48 -16.22
CA ARG A 77 4.65 -31.64 -15.24
C ARG A 77 3.34 -31.14 -15.86
N GLY A 78 2.76 -30.07 -15.32
CA GLY A 78 1.46 -29.59 -15.82
C GLY A 78 0.38 -30.61 -15.58
N ILE A 79 -0.39 -30.92 -16.62
CA ILE A 79 -1.43 -31.95 -16.52
C ILE A 79 -1.02 -33.30 -17.14
N SER A 80 0.26 -33.42 -17.48
CA SER A 80 0.80 -34.72 -17.90
C SER A 80 0.55 -35.86 -16.91
N PRO A 81 0.64 -35.64 -15.60
CA PRO A 81 0.34 -36.70 -14.61
C PRO A 81 -1.09 -37.25 -14.71
N LEU A 82 -1.98 -36.52 -15.38
CA LEU A 82 -3.38 -36.94 -15.56
C LEU A 82 -3.56 -37.79 -16.81
N ALA A 83 -2.47 -38.05 -17.54
CA ALA A 83 -2.54 -38.85 -18.77
C ALA A 83 -2.51 -40.35 -18.51
N GLN A 84 -2.80 -40.76 -17.28
CA GLN A 84 -2.92 -42.18 -16.94
C GLN A 84 -4.15 -42.79 -17.59
N GLU A 85 -3.97 -43.98 -18.19
CA GLU A 85 -5.05 -44.64 -18.94
C GLU A 85 -6.34 -44.79 -18.14
N GLY A 86 -7.43 -44.26 -18.69
CA GLY A 86 -8.76 -44.40 -18.11
C GLY A 86 -9.19 -43.24 -17.21
N LEU A 87 -8.24 -42.38 -16.85
CA LEU A 87 -8.53 -41.22 -16.00
C LEU A 87 -9.28 -40.15 -16.81
N VAL A 88 -8.76 -39.88 -18.02
CA VAL A 88 -9.30 -38.86 -18.93
C VAL A 88 -9.82 -39.52 -20.22
N LYS A 89 -11.00 -39.11 -20.68
CA LYS A 89 -11.53 -39.64 -21.94
C LYS A 89 -11.83 -38.57 -23.01
N TRP A 90 -11.76 -37.29 -22.63
CA TRP A 90 -12.19 -36.19 -23.48
C TRP A 90 -11.40 -34.98 -23.00
N ALA A 91 -10.86 -34.19 -23.92
CA ALA A 91 -10.12 -32.98 -23.57
C ALA A 91 -10.34 -31.88 -24.59
N LEU A 92 -10.54 -30.66 -24.10
CA LEU A 92 -10.56 -29.45 -24.91
C LEU A 92 -9.53 -28.49 -24.33
N CYS A 93 -8.48 -28.23 -25.09
CA CYS A 93 -7.39 -27.37 -24.62
C CYS A 93 -7.03 -26.30 -25.64
N GLY A 94 -6.52 -25.17 -25.14
CA GLY A 94 -6.10 -24.07 -26.00
C GLY A 94 -4.70 -24.28 -26.53
N HIS A 95 -3.85 -24.90 -25.72
CA HIS A 95 -2.48 -25.21 -26.09
C HIS A 95 -2.12 -26.61 -25.60
N TRP A 96 -1.83 -27.50 -26.54
CA TRP A 96 -1.63 -28.90 -26.23
C TRP A 96 -0.17 -29.31 -25.97
N GLY A 97 0.76 -28.59 -26.58
CA GLY A 97 2.19 -28.94 -26.52
C GLY A 97 2.87 -28.85 -25.15
N GLN A 98 2.29 -28.07 -24.25
CA GLN A 98 2.88 -27.84 -22.94
C GLN A 98 2.77 -29.04 -21.99
N SER A 99 1.75 -29.88 -22.17
CA SER A 99 1.57 -31.14 -21.42
C SER A 99 1.53 -32.33 -22.39
N PRO A 100 2.69 -32.72 -22.92
CA PRO A 100 2.75 -33.65 -24.07
C PRO A 100 2.24 -35.07 -23.85
N ARG A 101 2.14 -35.51 -22.59
CA ARG A 101 1.59 -36.83 -22.29
C ARG A 101 0.10 -36.92 -22.62
N ILE A 102 -0.62 -35.81 -22.44
CA ILE A 102 -2.03 -35.74 -22.82
C ILE A 102 -2.17 -35.65 -24.34
N SER A 103 -1.28 -34.90 -24.98
CA SER A 103 -1.22 -34.82 -26.44
C SER A 103 -0.96 -36.20 -27.08
N ASP A 104 -0.12 -37.01 -26.43
CA ASP A 104 0.18 -38.37 -26.87
C ASP A 104 -1.08 -39.23 -26.92
N LEU A 105 -1.94 -39.09 -25.90
CA LEU A 105 -3.23 -39.78 -25.87
C LEU A 105 -4.11 -39.40 -27.07
N ALA A 106 -4.12 -38.11 -27.38
CA ALA A 106 -4.88 -37.60 -28.52
C ALA A 106 -4.35 -38.13 -29.85
N GLU A 107 -3.02 -38.11 -30.02
CA GLU A 107 -2.35 -38.58 -31.23
C GLU A 107 -2.64 -40.05 -31.54
N GLN A 108 -2.91 -40.83 -30.49
CA GLN A 108 -3.12 -42.26 -30.61
C GLN A 108 -4.60 -42.65 -30.56
N ASN A 109 -5.48 -41.65 -30.71
CA ASN A 109 -6.92 -41.87 -30.76
C ASN A 109 -7.48 -42.55 -29.51
N LYS A 110 -6.89 -42.25 -28.36
CA LYS A 110 -7.28 -42.84 -27.10
C LYS A 110 -8.20 -41.92 -26.31
N ILE A 111 -8.24 -40.65 -26.70
CA ILE A 111 -9.18 -39.69 -26.11
C ILE A 111 -9.84 -38.87 -27.20
N ILE A 112 -11.03 -38.35 -26.90
CA ILE A 112 -11.68 -37.36 -27.75
C ILE A 112 -10.95 -36.04 -27.50
N ALA A 113 -10.65 -35.28 -28.56
CA ALA A 113 -9.69 -34.17 -28.48
C ALA A 113 -10.05 -33.00 -29.40
N TYR A 114 -10.22 -31.82 -28.80
CA TYR A 114 -10.58 -30.58 -29.50
C TYR A 114 -9.57 -29.46 -29.21
N ASN A 115 -9.44 -28.53 -30.15
CA ASN A 115 -8.66 -27.32 -29.94
C ASN A 115 -9.43 -26.07 -30.42
N TYR A 116 -10.07 -25.37 -29.47
CA TYR A 116 -10.61 -24.02 -29.72
C TYR A 116 -9.42 -23.08 -29.61
N PRO A 117 -9.39 -21.98 -30.37
CA PRO A 117 -8.40 -20.94 -30.11
C PRO A 117 -8.45 -20.56 -28.63
N GLN A 118 -7.28 -20.33 -28.04
CA GLN A 118 -7.20 -20.06 -26.60
C GLN A 118 -8.12 -18.91 -26.16
N GLY A 119 -8.17 -17.85 -26.94
CA GLY A 119 -9.02 -16.69 -26.61
C GLY A 119 -10.51 -17.00 -26.71
N VAL A 120 -10.89 -17.73 -27.75
CA VAL A 120 -12.26 -18.13 -27.93
C VAL A 120 -12.68 -19.05 -26.78
N LEU A 121 -11.78 -19.97 -26.41
CA LEU A 121 -12.00 -20.90 -25.32
C LEU A 121 -12.33 -20.19 -24.02
N THR A 122 -11.49 -19.25 -23.60
CA THR A 122 -11.80 -18.51 -22.39
C THR A 122 -13.10 -17.69 -22.51
N GLN A 123 -13.39 -17.15 -23.69
CA GLN A 123 -14.67 -16.48 -23.96
C GLN A 123 -15.89 -17.42 -23.81
N THR A 124 -15.75 -18.68 -24.25
CA THR A 124 -16.85 -19.64 -24.10
C THR A 124 -17.11 -20.01 -22.62
N LEU A 125 -16.05 -20.04 -21.81
CA LEU A 125 -16.20 -20.28 -20.36
C LEU A 125 -16.93 -19.12 -19.71
N ARG A 126 -16.63 -17.91 -20.17
CA ARG A 126 -17.35 -16.72 -19.72
C ARG A 126 -18.82 -16.79 -20.13
N ALA A 127 -19.09 -17.24 -21.35
CA ALA A 127 -20.46 -17.45 -21.81
C ALA A 127 -21.16 -18.52 -20.97
N ALA A 128 -20.45 -19.60 -20.63
CA ALA A 128 -20.99 -20.65 -19.78
C ALA A 128 -21.39 -20.15 -18.39
N ALA A 129 -20.61 -19.22 -17.83
CA ALA A 129 -20.93 -18.60 -16.55
C ALA A 129 -22.30 -17.90 -16.61
N ALA A 130 -22.58 -17.30 -17.76
CA ALA A 130 -23.81 -16.55 -17.95
C ALA A 130 -24.97 -17.40 -18.52
N HIS A 131 -24.73 -18.71 -18.65
CA HIS A 131 -25.68 -19.65 -19.30
C HIS A 131 -26.03 -19.29 -20.74
N GLN A 132 -25.08 -18.70 -21.45
CA GLN A 132 -25.23 -18.49 -22.89
C GLN A 132 -24.76 -19.77 -23.58
N PRO A 133 -25.44 -20.19 -24.64
CA PRO A 133 -25.17 -21.50 -25.25
C PRO A 133 -23.85 -21.54 -26.02
N GLY A 134 -23.36 -20.39 -26.48
CA GLY A 134 -22.05 -20.32 -27.14
C GLY A 134 -21.77 -18.92 -27.64
N ILE A 135 -20.67 -18.75 -28.37
CA ILE A 135 -20.30 -17.42 -28.86
C ILE A 135 -20.11 -17.41 -30.38
N ILE A 136 -20.36 -16.25 -30.98
CA ILE A 136 -20.23 -16.08 -32.44
C ILE A 136 -19.00 -15.24 -32.75
N SER A 137 -18.07 -15.80 -33.50
CA SER A 137 -16.79 -15.13 -33.77
C SER A 137 -16.27 -15.54 -35.13
N ASP A 138 -15.59 -14.63 -35.83
CA ASP A 138 -14.95 -15.03 -37.09
C ASP A 138 -13.49 -15.47 -36.89
N ILE A 139 -13.04 -15.49 -35.65
CA ILE A 139 -11.72 -16.04 -35.33
C ILE A 139 -11.77 -17.54 -35.63
N GLY A 140 -10.88 -18.00 -36.52
CA GLY A 140 -10.85 -19.41 -36.90
C GLY A 140 -11.34 -19.71 -38.32
N ILE A 141 -12.11 -18.82 -38.93
CA ILE A 141 -12.53 -19.01 -40.33
C ILE A 141 -11.32 -19.30 -41.22
N GLY A 142 -11.42 -20.32 -42.06
CA GLY A 142 -10.32 -20.67 -42.97
C GLY A 142 -9.21 -21.53 -42.40
N THR A 143 -9.26 -21.79 -41.09
CA THR A 143 -8.26 -22.62 -40.43
C THR A 143 -8.86 -23.98 -40.13
N PHE A 144 -8.08 -24.86 -39.50
CA PHE A 144 -8.53 -26.20 -39.12
C PHE A 144 -9.73 -26.17 -38.16
N VAL A 145 -9.90 -25.04 -37.48
CA VAL A 145 -11.01 -24.82 -36.56
C VAL A 145 -12.36 -24.71 -37.31
N ASP A 146 -12.30 -24.21 -38.54
CA ASP A 146 -13.45 -24.08 -39.43
C ASP A 146 -14.05 -25.47 -39.75
N PRO A 147 -15.37 -25.60 -39.60
CA PRO A 147 -16.07 -26.86 -39.87
C PRO A 147 -15.90 -27.38 -41.29
N ARG A 148 -15.54 -26.50 -42.21
CA ARG A 148 -15.29 -26.88 -43.60
C ARG A 148 -13.96 -27.60 -43.75
N GLN A 149 -13.14 -27.50 -42.70
CA GLN A 149 -11.87 -28.22 -42.62
C GLN A 149 -11.98 -29.32 -41.56
N GLN A 150 -11.42 -29.12 -40.36
CA GLN A 150 -11.48 -30.17 -39.33
C GLN A 150 -12.38 -29.85 -38.14
N GLY A 151 -13.00 -28.67 -38.15
CA GLY A 151 -13.88 -28.25 -37.04
C GLY A 151 -13.23 -28.28 -35.67
N GLY A 152 -11.91 -28.10 -35.62
CA GLY A 152 -11.16 -28.11 -34.37
C GLY A 152 -10.89 -29.48 -33.78
N LYS A 153 -11.27 -30.54 -34.50
CA LYS A 153 -11.07 -31.92 -34.04
C LYS A 153 -9.63 -32.33 -34.32
N LEU A 154 -8.97 -32.93 -33.33
CA LEU A 154 -7.53 -33.19 -33.41
C LEU A 154 -7.14 -34.59 -33.92
N ASN A 155 -8.10 -35.50 -33.91
CA ASN A 155 -7.86 -36.86 -34.38
C ASN A 155 -9.09 -37.45 -35.10
N GLU A 156 -8.96 -38.69 -35.56
CA GLU A 156 -10.01 -39.35 -36.34
C GLU A 156 -11.15 -39.91 -35.48
N VAL A 157 -10.86 -40.19 -34.21
CA VAL A 157 -11.87 -40.75 -33.30
C VAL A 157 -12.90 -39.71 -32.82
N THR A 158 -12.48 -38.43 -32.84
CA THR A 158 -13.32 -37.30 -32.45
C THR A 158 -14.32 -36.96 -33.57
N LYS A 159 -15.62 -37.07 -33.27
CA LYS A 159 -16.66 -36.95 -34.30
C LYS A 159 -17.68 -35.83 -34.08
N GLU A 160 -18.14 -35.62 -32.84
CA GLU A 160 -19.18 -34.63 -32.56
C GLU A 160 -18.75 -33.19 -32.92
N ASP A 161 -19.59 -32.50 -33.68
CA ASP A 161 -19.36 -31.10 -34.02
C ASP A 161 -19.64 -30.21 -32.83
N LEU A 162 -18.67 -29.36 -32.48
CA LEU A 162 -18.86 -28.35 -31.44
C LEU A 162 -18.96 -26.97 -32.08
N ILE A 163 -18.45 -26.86 -33.30
CA ILE A 163 -18.38 -25.59 -34.02
C ILE A 163 -19.23 -25.67 -35.27
N LYS A 164 -20.02 -24.63 -35.54
CA LYS A 164 -20.75 -24.59 -36.79
C LYS A 164 -20.61 -23.25 -37.51
N LEU A 165 -20.76 -23.30 -38.82
CA LEU A 165 -20.68 -22.12 -39.66
C LEU A 165 -22.04 -21.43 -39.64
N VAL A 166 -22.04 -20.12 -39.39
CA VAL A 166 -23.27 -19.33 -39.32
C VAL A 166 -23.09 -18.02 -40.09
N GLU A 167 -24.19 -17.29 -40.31
CA GLU A 167 -24.14 -16.02 -41.04
C GLU A 167 -24.89 -14.92 -40.29
N PHE A 168 -24.27 -13.74 -40.22
CA PHE A 168 -24.89 -12.55 -39.66
C PHE A 168 -24.43 -11.34 -40.46
N ASP A 169 -25.37 -10.46 -40.82
CA ASP A 169 -25.07 -9.24 -41.59
C ASP A 169 -24.30 -9.58 -42.88
N ASN A 170 -24.74 -10.66 -43.53
CA ASN A 170 -24.12 -11.16 -44.76
C ASN A 170 -22.61 -11.43 -44.65
N LYS A 171 -22.19 -11.92 -43.48
CA LYS A 171 -20.79 -12.25 -43.22
C LYS A 171 -20.69 -13.61 -42.56
N GLU A 172 -19.59 -14.32 -42.80
CA GLU A 172 -19.36 -15.64 -42.22
C GLU A 172 -18.84 -15.52 -40.79
N TYR A 173 -19.38 -16.36 -39.90
CA TYR A 173 -18.89 -16.47 -38.53
C TYR A 173 -18.96 -17.93 -38.10
N LEU A 174 -18.18 -18.26 -37.08
CA LEU A 174 -18.27 -19.56 -36.45
C LEU A 174 -19.03 -19.43 -35.14
N TYR A 175 -19.87 -20.42 -34.87
CA TYR A 175 -20.53 -20.52 -33.58
C TYR A 175 -19.82 -21.62 -32.80
N TYR A 176 -19.22 -21.25 -31.67
CA TYR A 176 -18.55 -22.21 -30.80
C TYR A 176 -19.45 -22.51 -29.62
N LYS A 177 -19.75 -23.79 -29.41
CA LYS A 177 -20.54 -24.20 -28.25
C LYS A 177 -19.81 -23.93 -26.94
N ALA A 178 -20.54 -23.41 -25.95
CA ALA A 178 -19.99 -23.18 -24.62
C ALA A 178 -20.20 -24.40 -23.76
N ILE A 179 -19.14 -24.84 -23.09
CA ILE A 179 -19.19 -26.02 -22.24
C ILE A 179 -18.81 -25.59 -20.83
N ALA A 180 -19.66 -25.94 -19.87
CA ALA A 180 -19.44 -25.59 -18.47
C ALA A 180 -18.75 -26.72 -17.73
N PRO A 181 -17.72 -26.42 -16.95
CA PRO A 181 -17.08 -27.42 -16.10
C PRO A 181 -17.89 -27.72 -14.84
N ASP A 182 -17.59 -28.86 -14.23
CA ASP A 182 -18.20 -29.35 -12.98
C ASP A 182 -17.27 -29.09 -11.78
N ILE A 183 -15.96 -29.06 -12.05
CA ILE A 183 -14.94 -28.93 -11.00
C ILE A 183 -13.89 -27.94 -11.51
N ALA A 184 -13.41 -27.07 -10.62
CA ALA A 184 -12.31 -26.18 -10.95
C ALA A 184 -11.15 -26.36 -9.98
N PHE A 185 -9.94 -26.38 -10.53
CA PHE A 185 -8.70 -26.24 -9.74
C PHE A 185 -8.19 -24.83 -10.01
N ILE A 186 -8.43 -23.91 -9.09
CA ILE A 186 -7.88 -22.56 -9.21
C ILE A 186 -6.88 -22.24 -8.11
N ARG A 187 -6.29 -21.05 -8.20
CA ARG A 187 -5.23 -20.68 -7.29
C ARG A 187 -5.18 -19.18 -7.09
N ALA A 188 -4.83 -18.75 -5.88
CA ALA A 188 -4.58 -17.35 -5.56
C ALA A 188 -3.39 -17.28 -4.60
N THR A 189 -2.97 -16.09 -4.21
CA THR A 189 -1.89 -15.97 -3.21
C THR A 189 -2.44 -16.17 -1.82
N THR A 190 -3.54 -15.46 -1.55
CA THR A 190 -4.05 -15.27 -0.21
C THR A 190 -5.57 -15.26 -0.27
N CYS A 191 -6.21 -15.82 0.75
CA CYS A 191 -7.66 -15.59 0.93
C CYS A 191 -8.04 -15.41 2.39
N ASP A 192 -9.16 -14.73 2.65
CA ASP A 192 -9.60 -14.59 4.03
C ASP A 192 -10.42 -15.83 4.43
N SER A 193 -10.90 -15.86 5.67
CA SER A 193 -11.55 -17.07 6.20
C SER A 193 -12.85 -17.43 5.47
N GLU A 194 -13.38 -16.49 4.67
CA GLU A 194 -14.61 -16.72 3.91
C GLU A 194 -14.34 -17.00 2.43
N GLY A 195 -13.05 -17.03 2.05
CA GLY A 195 -12.66 -17.37 0.68
C GLY A 195 -12.40 -16.20 -0.27
N TYR A 196 -12.55 -14.96 0.19
CA TYR A 196 -12.26 -13.77 -0.65
C TYR A 196 -10.75 -13.74 -0.92
N ALA A 197 -10.37 -13.71 -2.20
CA ALA A 197 -8.98 -13.97 -2.59
C ALA A 197 -8.26 -12.86 -3.36
N THR A 198 -6.99 -12.65 -3.02
CA THR A 198 -6.12 -11.68 -3.68
C THR A 198 -4.97 -12.38 -4.41
N PHE A 199 -4.39 -11.69 -5.39
CA PHE A 199 -3.36 -12.26 -6.28
C PHE A 199 -2.02 -11.49 -6.18
N GLU A 200 -1.70 -10.97 -5.00
CA GLU A 200 -0.57 -10.03 -4.86
C GLU A 200 0.80 -10.60 -5.26
N ASP A 201 1.01 -11.91 -5.09
CA ASP A 201 2.31 -12.50 -5.46
C ASP A 201 2.29 -13.28 -6.76
N GLU A 202 1.11 -13.42 -7.38
CA GLU A 202 1.00 -14.20 -8.59
C GLU A 202 1.60 -13.43 -9.76
N VAL A 203 2.09 -14.16 -10.76
CA VAL A 203 2.67 -13.54 -11.94
C VAL A 203 1.60 -12.78 -12.73
N TYR A 205 -3.16 -12.95 -13.63
CA TYR A 205 -4.51 -13.35 -13.20
C TYR A 205 -5.13 -14.45 -14.03
N LEU A 206 -4.72 -14.53 -15.30
CA LEU A 206 -5.32 -15.45 -16.26
C LEU A 206 -6.84 -15.27 -16.25
N ASP A 207 -7.59 -16.37 -16.26
CA ASP A 207 -9.06 -16.31 -16.24
C ASP A 207 -9.67 -16.98 -14.99
N ALA A 208 -9.01 -16.79 -13.85
CA ALA A 208 -9.42 -17.40 -12.58
C ALA A 208 -10.87 -17.09 -12.16
N LEU A 209 -11.29 -15.84 -12.27
CA LEU A 209 -12.67 -15.45 -11.94
C LEU A 209 -13.69 -16.09 -12.88
N VAL A 210 -13.39 -16.07 -14.18
CA VAL A 210 -14.24 -16.67 -15.21
C VAL A 210 -14.47 -18.16 -14.92
N ILE A 211 -13.37 -18.89 -14.66
CA ILE A 211 -13.45 -20.32 -14.36
C ILE A 211 -14.31 -20.59 -13.11
N ALA A 212 -14.07 -19.83 -12.04
CA ALA A 212 -14.86 -19.97 -10.81
C ALA A 212 -16.35 -19.70 -11.03
N GLN A 213 -16.68 -18.66 -11.81
CA GLN A 213 -18.09 -18.36 -12.07
C GLN A 213 -18.76 -19.44 -12.94
N ALA A 214 -18.04 -19.96 -13.93
CA ALA A 214 -18.58 -20.99 -14.82
C ALA A 214 -18.93 -22.27 -14.07
N VAL A 215 -18.03 -22.68 -13.18
CA VAL A 215 -18.22 -23.87 -12.34
C VAL A 215 -19.32 -23.65 -11.29
N HIS A 216 -19.26 -22.51 -10.59
CA HIS A 216 -20.25 -22.17 -9.59
C HIS A 216 -21.68 -22.15 -10.15
N ASN A 217 -21.87 -21.55 -11.33
CA ASN A 217 -23.22 -21.46 -11.92
C ASN A 217 -23.67 -22.73 -12.64
N ASN A 218 -22.77 -23.72 -12.68
CA ASN A 218 -23.10 -25.03 -13.21
C ASN A 218 -23.34 -26.05 -12.08
N GLY A 219 -23.47 -25.54 -10.86
CA GLY A 219 -23.73 -26.39 -9.71
C GLY A 219 -22.52 -27.23 -9.34
N GLY A 220 -21.33 -26.73 -9.68
CA GLY A 220 -20.10 -27.47 -9.46
C GLY A 220 -19.32 -27.15 -8.20
N ILE A 221 -18.09 -27.66 -8.14
CA ILE A 221 -17.26 -27.48 -6.95
C ILE A 221 -16.00 -26.73 -7.34
N VAL A 222 -15.81 -25.53 -6.79
CA VAL A 222 -14.60 -24.75 -7.02
C VAL A 222 -13.59 -25.00 -5.88
N GLN A 225 -6.36 -23.38 -4.37
CA GLN A 225 -5.12 -23.44 -3.63
C GLN A 225 -4.60 -22.04 -3.32
N VAL A 226 -4.20 -21.81 -2.08
CA VAL A 226 -3.60 -20.53 -1.67
C VAL A 226 -2.34 -20.78 -0.83
N GLN A 227 -1.50 -19.77 -0.72
CA GLN A 227 -0.28 -19.84 0.09
C GLN A 227 -0.58 -19.63 1.58
N LYS A 228 -1.54 -18.77 1.87
CA LYS A 228 -1.95 -18.50 3.24
C LYS A 228 -3.38 -17.97 3.32
N VAL A 230 -6.03 -15.42 5.83
CA VAL A 230 -6.01 -14.27 6.74
C VAL A 230 -7.38 -14.06 7.40
N LYS A 231 -7.43 -13.13 8.35
CA LYS A 231 -8.66 -12.86 9.09
C LYS A 231 -9.72 -12.28 8.16
N LYS A 232 -10.97 -12.71 8.37
CA LYS A 232 -12.11 -12.20 7.63
C LYS A 232 -12.08 -10.68 7.45
N ALA A 233 -12.27 -10.26 6.19
CA ALA A 233 -12.49 -8.85 5.85
C ALA A 233 -11.32 -7.91 6.16
N THR A 234 -10.10 -8.45 6.11
CA THR A 234 -8.91 -7.62 6.32
C THR A 234 -8.17 -7.29 5.02
N LEU A 235 -8.59 -7.87 3.89
CA LEU A 235 -7.95 -7.59 2.61
C LEU A 235 -8.55 -6.35 1.93
N HIS A 236 -7.75 -5.62 1.16
CA HIS A 236 -8.22 -4.44 0.45
C HIS A 236 -9.28 -4.81 -0.59
N PRO A 237 -10.48 -4.25 -0.49
CA PRO A 237 -11.57 -4.67 -1.38
C PRO A 237 -11.22 -4.52 -2.85
N LYS A 238 -10.45 -3.49 -3.22
CA LYS A 238 -10.01 -3.34 -4.61
C LYS A 238 -8.86 -4.28 -5.04
N SER A 239 -8.32 -5.05 -4.10
CA SER A 239 -7.35 -6.09 -4.44
C SER A 239 -7.99 -7.49 -4.58
N VAL A 240 -9.21 -7.65 -4.08
CA VAL A 240 -9.88 -8.97 -4.11
C VAL A 240 -10.35 -9.28 -5.52
N ARG A 241 -9.91 -10.40 -6.09
CA ARG A 241 -10.28 -10.75 -7.47
C ARG A 241 -11.36 -11.82 -7.53
N ILE A 242 -11.45 -12.63 -6.49
CA ILE A 242 -12.48 -13.69 -6.42
C ILE A 242 -13.27 -13.57 -5.13
N PRO A 243 -14.56 -13.25 -5.21
CA PRO A 243 -15.41 -13.23 -4.03
C PRO A 243 -15.56 -14.62 -3.40
N GLY A 244 -15.59 -14.66 -2.08
CA GLY A 244 -15.54 -15.92 -1.32
C GLY A 244 -16.68 -16.87 -1.58
N TYR A 245 -17.83 -16.35 -1.98
CA TYR A 245 -19.00 -17.20 -2.21
C TYR A 245 -18.87 -18.09 -3.43
N LEU A 246 -17.88 -17.82 -4.29
CA LEU A 246 -17.61 -18.67 -5.44
C LEU A 246 -16.75 -19.89 -5.08
N VAL A 247 -16.18 -19.89 -3.87
CA VAL A 247 -15.20 -20.90 -3.48
C VAL A 247 -15.82 -21.94 -2.55
N ASP A 248 -15.59 -23.22 -2.86
CA ASP A 248 -16.20 -24.34 -2.15
C ASP A 248 -15.23 -25.02 -1.19
N ILE A 249 -13.99 -25.20 -1.64
CA ILE A 249 -12.92 -25.78 -0.80
C ILE A 249 -11.65 -24.97 -1.01
N VAL A 250 -10.91 -24.76 0.07
CA VAL A 250 -9.60 -24.14 -0.01
C VAL A 250 -8.53 -25.15 0.44
N VAL A 251 -7.42 -25.18 -0.28
CA VAL A 251 -6.27 -25.97 0.12
C VAL A 251 -5.10 -25.01 0.33
N VAL A 252 -4.51 -25.03 1.51
CA VAL A 252 -3.41 -24.12 1.83
C VAL A 252 -2.06 -24.81 1.63
N ASP A 253 -1.25 -24.27 0.72
CA ASP A 253 0.10 -24.76 0.46
C ASP A 253 1.13 -23.68 0.81
N PRO A 254 1.67 -23.74 2.04
CA PRO A 254 2.55 -22.67 2.55
C PRO A 254 3.79 -22.43 1.68
N ASP A 255 4.19 -23.46 0.94
CA ASP A 255 5.39 -23.39 0.10
C ASP A 255 5.10 -23.17 -1.39
N GLN A 256 3.87 -22.78 -1.70
CA GLN A 256 3.48 -22.40 -3.05
C GLN A 256 4.50 -21.41 -3.60
N SER A 257 5.01 -21.68 -4.81
CA SER A 257 5.96 -20.76 -5.44
C SER A 257 5.36 -20.13 -6.70
N GLN A 258 5.83 -18.93 -7.04
CA GLN A 258 5.34 -18.20 -8.22
C GLN A 258 5.45 -19.00 -9.52
N LEU A 259 6.54 -19.77 -9.63
CA LEU A 259 6.83 -20.56 -10.81
C LEU A 259 7.39 -21.93 -10.38
N TYR A 260 7.51 -22.85 -11.34
CA TYR A 260 8.25 -24.09 -11.13
C TYR A 260 9.66 -23.77 -10.64
N GLY A 261 10.18 -24.62 -9.77
CA GLY A 261 11.59 -24.53 -9.39
C GLY A 261 11.83 -24.11 -7.96
N GLY A 262 10.75 -23.84 -7.24
CA GLY A 262 10.81 -23.60 -5.79
C GLY A 262 11.50 -22.35 -5.28
N ALA A 263 11.83 -21.43 -6.18
CA ALA A 263 12.47 -20.16 -5.79
C ALA A 263 11.54 -19.37 -4.85
N PRO A 264 12.13 -18.63 -3.92
CA PRO A 264 11.32 -17.79 -3.01
C PRO A 264 10.62 -16.68 -3.80
N VAL A 265 9.57 -16.12 -3.22
CA VAL A 265 8.81 -15.01 -3.82
C VAL A 265 9.76 -13.91 -4.28
N ASN A 266 9.61 -13.50 -5.53
CA ASN A 266 10.34 -12.38 -6.08
C ASN A 266 9.36 -11.22 -6.18
N ARG A 267 9.60 -10.15 -5.41
CA ARG A 267 8.67 -9.03 -5.32
C ARG A 267 8.71 -8.10 -6.54
N PHE A 268 9.74 -8.23 -7.37
CA PHE A 268 9.74 -7.56 -8.68
C PHE A 268 8.71 -8.27 -9.57
N ILE A 269 8.71 -9.60 -9.55
CA ILE A 269 7.72 -10.37 -10.30
C ILE A 269 6.30 -10.05 -9.80
N SER A 270 6.13 -9.92 -8.49
CA SER A 270 4.85 -9.53 -7.89
C SER A 270 4.34 -8.16 -8.37
N GLY A 271 5.25 -7.30 -8.82
CA GLY A 271 4.91 -5.98 -9.33
C GLY A 271 5.05 -4.89 -8.29
N ASP A 272 5.69 -5.21 -7.17
CA ASP A 272 5.71 -4.33 -5.99
C ASP A 272 6.87 -3.34 -5.96
N PHE A 273 7.91 -3.61 -6.74
CA PHE A 273 9.12 -2.79 -6.78
C PHE A 273 9.60 -2.65 -8.21
N THR A 274 10.36 -1.59 -8.47
CA THR A 274 10.90 -1.33 -9.80
C THR A 274 12.37 -1.75 -9.85
N LEU A 275 12.67 -2.69 -10.75
CA LEU A 275 14.04 -3.13 -10.99
C LEU A 275 14.86 -2.01 -11.62
N ASP A 276 16.09 -1.83 -11.15
CA ASP A 276 16.95 -0.78 -11.69
C ASP A 276 17.43 -1.14 -13.10
N LEU A 283 25.01 -9.27 -26.53
CA LEU A 283 24.12 -10.12 -27.32
C LEU A 283 24.81 -10.60 -28.60
N PRO A 284 25.28 -11.85 -28.59
CA PRO A 284 25.97 -12.43 -29.76
C PRO A 284 25.15 -12.33 -31.04
N LEU A 285 25.80 -12.00 -32.14
CA LEU A 285 25.14 -11.95 -33.44
C LEU A 285 24.98 -13.36 -34.00
N ASN A 286 23.99 -14.08 -33.47
CA ASN A 286 23.64 -15.38 -34.02
C ASN A 286 22.39 -15.31 -34.91
N GLN A 287 21.92 -16.49 -35.31
CA GLN A 287 20.74 -16.63 -36.17
C GLN A 287 19.49 -15.99 -35.53
N ARG A 288 19.28 -16.26 -34.25
CA ARG A 288 18.14 -15.68 -33.52
C ARG A 288 18.20 -14.16 -33.50
N LYS A 289 19.39 -13.59 -33.26
CA LYS A 289 19.56 -12.13 -33.26
C LYS A 289 19.34 -11.51 -34.64
N LEU A 290 19.79 -12.19 -35.69
CA LEU A 290 19.60 -11.73 -37.06
C LEU A 290 18.10 -11.57 -37.39
N VAL A 291 17.34 -12.64 -37.16
CA VAL A 291 15.88 -12.64 -37.42
C VAL A 291 15.16 -11.59 -36.58
N ALA A 292 15.49 -11.51 -35.29
CA ALA A 292 14.92 -10.48 -34.39
C ALA A 292 15.20 -9.05 -34.87
N ARG A 293 16.42 -8.80 -35.34
CA ARG A 293 16.79 -7.50 -35.93
C ARG A 293 15.95 -7.10 -37.15
N ARG A 294 15.77 -8.03 -38.08
CA ARG A 294 14.95 -7.78 -39.27
C ARG A 294 13.47 -7.61 -38.88
N ALA A 295 13.04 -8.35 -37.87
CA ALA A 295 11.69 -8.23 -37.35
C ALA A 295 11.45 -6.83 -36.75
N LEU A 296 12.46 -6.28 -36.10
CA LEU A 296 12.39 -4.93 -35.53
C LEU A 296 12.13 -3.85 -36.58
N PHE A 297 12.64 -4.05 -37.80
CA PHE A 297 12.35 -3.17 -38.94
C PHE A 297 10.85 -2.98 -39.20
N GLU A 298 10.04 -3.93 -38.73
CA GLU A 298 8.59 -3.88 -38.95
C GLU A 298 7.85 -3.08 -37.86
N ARG A 300 6.79 0.10 -35.55
CA ARG A 300 6.59 1.54 -35.72
C ARG A 300 6.42 2.25 -34.38
N LYS A 301 6.76 3.54 -34.35
CA LYS A 301 6.59 4.36 -33.16
C LYS A 301 5.13 4.36 -32.72
N GLY A 302 4.91 4.03 -31.45
CA GLY A 302 3.55 3.99 -30.88
C GLY A 302 2.81 2.66 -31.09
N ALA A 303 3.44 1.69 -31.72
CA ALA A 303 2.77 0.41 -32.03
C ALA A 303 2.48 -0.40 -30.77
N VAL A 304 1.34 -1.07 -30.76
CA VAL A 304 1.00 -2.08 -29.76
C VAL A 304 1.26 -3.40 -30.44
N GLY A 305 2.13 -4.21 -29.83
CA GLY A 305 2.58 -5.46 -30.44
C GLY A 305 2.53 -6.64 -29.51
N ASN A 306 2.67 -7.83 -30.10
CA ASN A 306 2.76 -9.08 -29.36
C ASN A 306 3.87 -9.93 -29.99
N VAL A 307 4.68 -10.55 -29.14
CA VAL A 307 5.78 -11.42 -29.57
C VAL A 307 5.57 -12.82 -29.01
N GLY A 308 5.40 -13.79 -29.91
CA GLY A 308 5.26 -15.19 -29.51
C GLY A 308 6.60 -15.84 -29.21
N VAL A 309 6.55 -16.98 -28.53
CA VAL A 309 7.74 -17.78 -28.24
C VAL A 309 8.38 -18.29 -29.53
N GLY A 310 9.71 -18.22 -29.60
CA GLY A 310 10.44 -18.77 -30.74
C GLY A 310 11.65 -17.96 -31.14
N ILE A 311 12.03 -18.09 -32.41
CA ILE A 311 13.26 -17.50 -32.96
C ILE A 311 13.41 -15.99 -32.77
N ALA A 312 12.31 -15.25 -32.78
CA ALA A 312 12.36 -13.80 -32.65
C ALA A 312 11.98 -13.27 -31.27
N ASP A 313 11.82 -14.16 -30.28
CA ASP A 313 11.35 -13.72 -28.98
C ASP A 313 12.37 -12.87 -28.19
N GLY A 314 13.53 -12.64 -28.79
CA GLY A 314 14.55 -11.75 -28.22
C GLY A 314 14.44 -10.32 -28.73
N ILE A 315 13.35 -10.02 -29.42
CA ILE A 315 13.15 -8.71 -30.08
C ILE A 315 13.13 -7.54 -29.09
N GLY A 316 12.63 -7.80 -27.88
CA GLY A 316 12.64 -6.82 -26.78
C GLY A 316 14.05 -6.38 -26.41
N LEU A 317 14.97 -7.34 -26.35
CA LEU A 317 16.36 -7.06 -25.98
C LEU A 317 17.14 -6.35 -27.08
N VAL A 318 16.84 -6.68 -28.34
CA VAL A 318 17.41 -6.01 -29.50
C VAL A 318 16.96 -4.53 -29.55
N ALA A 319 15.68 -4.28 -29.28
CA ALA A 319 15.15 -2.92 -29.23
C ALA A 319 15.81 -2.10 -28.12
N ARG A 320 16.11 -2.75 -26.99
CA ARG A 320 16.82 -2.13 -25.86
C ARG A 320 18.25 -1.74 -26.29
N GLU A 321 18.92 -2.65 -26.99
CA GLU A 321 20.24 -2.39 -27.56
C GLU A 321 20.22 -1.19 -28.53
N GLU A 322 19.15 -1.08 -29.32
CA GLU A 322 19.03 0.01 -30.31
C GLU A 322 18.48 1.31 -29.73
N GLY A 323 18.07 1.28 -28.47
CA GLY A 323 17.56 2.46 -27.78
C GLY A 323 16.17 2.90 -28.19
N CYS A 324 15.31 1.96 -28.59
CA CYS A 324 13.95 2.32 -29.00
C CYS A 324 12.87 1.53 -28.26
N ALA A 325 13.24 0.89 -27.16
CA ALA A 325 12.34 0.01 -26.40
C ALA A 325 11.11 0.73 -25.84
N ASP A 326 11.27 2.00 -25.47
CA ASP A 326 10.17 2.77 -24.90
C ASP A 326 9.28 3.43 -25.96
N ASP A 327 9.59 3.21 -27.24
CA ASP A 327 8.83 3.82 -28.33
C ASP A 327 7.64 2.99 -28.80
N PHE A 328 7.50 1.79 -28.23
CA PHE A 328 6.36 0.91 -28.52
C PHE A 328 6.00 0.12 -27.26
N ILE A 329 4.90 -0.62 -27.32
CA ILE A 329 4.48 -1.42 -26.16
C ILE A 329 4.16 -2.84 -26.58
N LEU A 330 4.75 -3.81 -25.89
CA LEU A 330 4.46 -5.22 -26.13
C LEU A 330 3.51 -5.77 -25.08
N THR A 331 2.48 -6.46 -25.56
CA THR A 331 1.47 -7.06 -24.69
C THR A 331 1.57 -8.58 -24.79
N VAL A 332 1.11 -9.27 -23.75
CA VAL A 332 1.16 -10.73 -23.72
C VAL A 332 -0.27 -11.22 -23.55
N GLU A 333 -0.62 -12.25 -24.30
CA GLU A 333 -2.03 -12.67 -24.42
C GLU A 333 -2.65 -13.12 -23.08
N THR A 334 -1.80 -13.55 -22.14
CA THR A 334 -2.24 -13.98 -20.82
C THR A 334 -2.51 -12.83 -19.85
N GLY A 335 -2.23 -11.59 -20.26
CA GLY A 335 -2.57 -10.43 -19.43
C GLY A 335 -1.56 -9.30 -19.22
N PRO A 336 -0.28 -9.62 -18.98
CA PRO A 336 0.73 -8.58 -18.74
C PRO A 336 0.95 -7.61 -19.90
N ILE A 337 1.10 -6.34 -19.57
CA ILE A 337 1.34 -5.30 -20.56
C ILE A 337 2.69 -4.65 -20.26
N GLY A 338 3.61 -4.75 -21.22
CA GLY A 338 4.94 -4.16 -21.07
C GLY A 338 5.84 -4.93 -20.11
N GLY A 339 6.95 -4.32 -19.72
CA GLY A 339 7.89 -4.97 -18.83
C GLY A 339 9.18 -5.36 -19.53
N ILE A 340 10.17 -5.78 -18.73
CA ILE A 340 11.47 -6.14 -19.25
C ILE A 340 11.87 -7.50 -18.72
N THR A 341 12.75 -8.18 -19.46
CA THR A 341 13.41 -9.38 -18.97
C THR A 341 14.70 -8.93 -18.28
N SER A 342 14.80 -9.23 -16.99
CA SER A 342 15.97 -8.89 -16.21
C SER A 342 17.18 -9.75 -16.61
N GLY A 348 12.33 -15.88 -14.67
CA GLY A 348 11.34 -16.76 -15.32
C GLY A 348 10.07 -16.04 -15.76
N ALA A 349 9.99 -14.74 -15.45
CA ALA A 349 8.86 -13.87 -15.84
C ALA A 349 9.37 -12.43 -15.98
N ASN A 350 8.59 -11.57 -16.61
CA ASN A 350 8.98 -10.16 -16.77
C ASN A 350 8.77 -9.32 -15.51
N VAL A 351 9.52 -8.22 -15.42
CA VAL A 351 9.39 -7.27 -14.30
C VAL A 351 9.15 -5.87 -14.85
N ASN A 352 8.85 -4.92 -13.96
CA ASN A 352 8.51 -3.55 -14.37
C ASN A 352 7.38 -3.50 -15.42
N THR A 353 6.36 -4.34 -15.25
CA THR A 353 5.22 -4.32 -16.17
C THR A 353 4.45 -3.01 -15.97
N ARG A 354 3.64 -2.64 -16.96
CA ARG A 354 2.85 -1.40 -16.90
C ARG A 354 1.43 -1.63 -16.42
N ALA A 355 0.92 -2.83 -16.67
CA ALA A 355 -0.43 -3.23 -16.29
C ALA A 355 -0.57 -4.73 -16.44
N ILE A 356 -1.54 -5.29 -15.73
CA ILE A 356 -1.90 -6.70 -15.89
C ILE A 356 -3.41 -6.78 -16.04
N LEU A 357 -3.87 -7.16 -17.23
CA LEU A 357 -5.30 -7.39 -17.47
C LEU A 357 -5.64 -8.86 -17.26
N ASP A 358 -6.93 -9.15 -17.05
CA ASP A 358 -7.36 -10.54 -17.06
C ASP A 358 -7.25 -11.05 -18.50
N THR A 360 -9.14 -12.96 -20.48
CA THR A 360 -10.29 -12.87 -21.39
C THR A 360 -10.38 -11.46 -21.99
N SER A 361 -10.22 -10.42 -21.16
CA SER A 361 -10.21 -9.02 -21.65
C SER A 361 -9.08 -8.73 -22.64
N GLN A 362 -7.91 -9.33 -22.41
CA GLN A 362 -6.80 -9.20 -23.34
C GLN A 362 -7.20 -9.77 -24.70
N PHE A 363 -7.84 -10.95 -24.71
CA PHE A 363 -8.25 -11.54 -25.98
C PHE A 363 -9.37 -10.79 -26.70
N ASP A 364 -10.29 -10.19 -25.93
CA ASP A 364 -11.30 -9.30 -26.54
C ASP A 364 -10.59 -8.23 -27.38
N PHE A 365 -9.56 -7.62 -26.81
CA PHE A 365 -8.75 -6.58 -27.48
C PHE A 365 -8.14 -7.10 -28.79
N TYR A 366 -7.51 -8.26 -28.70
CA TYR A 366 -6.84 -8.89 -29.84
C TYR A 366 -7.83 -9.21 -30.97
N HIS A 367 -8.98 -9.77 -30.61
CA HIS A 367 -9.98 -10.19 -31.58
C HIS A 367 -10.52 -9.04 -32.44
N GLY A 368 -10.65 -7.87 -31.85
CA GLY A 368 -11.11 -6.70 -32.58
C GLY A 368 -10.04 -5.93 -33.32
N GLY A 369 -8.85 -6.53 -33.48
CA GLY A 369 -7.77 -5.90 -34.24
C GLY A 369 -6.92 -4.88 -33.50
N GLY A 370 -6.84 -5.02 -32.17
CA GLY A 370 -6.10 -4.09 -31.33
C GLY A 370 -4.60 -4.08 -31.57
N LEU A 371 -4.04 -5.21 -32.01
CA LEU A 371 -2.60 -5.28 -32.24
C LEU A 371 -2.22 -4.64 -33.56
N ASP A 372 -1.27 -3.71 -33.52
CA ASP A 372 -0.73 -3.11 -34.74
C ASP A 372 0.19 -4.08 -35.47
N VAL A 373 0.84 -4.95 -34.70
CA VAL A 373 1.85 -5.87 -35.23
C VAL A 373 2.01 -7.08 -34.31
N CYS A 374 2.20 -8.26 -34.91
CA CYS A 374 2.54 -9.44 -34.14
C CYS A 374 3.66 -10.21 -34.80
N TYR A 375 4.42 -10.92 -33.96
CA TYR A 375 5.59 -11.69 -34.39
C TYR A 375 5.42 -13.13 -33.93
N LEU A 376 5.22 -14.04 -34.88
CA LEU A 376 4.90 -15.43 -34.55
C LEU A 376 5.86 -16.35 -35.26
N SER A 377 6.22 -17.45 -34.61
CA SER A 377 7.02 -18.50 -35.25
C SER A 377 6.12 -19.37 -36.13
N PHE A 378 6.71 -20.02 -37.12
CA PHE A 378 6.00 -20.98 -37.96
C PHE A 378 6.75 -22.30 -37.94
N ALA A 379 6.01 -23.40 -38.12
CA ALA A 379 6.61 -24.72 -38.30
C ALA A 379 6.73 -25.04 -39.78
N GLU A 380 5.67 -24.77 -40.54
CA GLU A 380 5.69 -24.90 -42.01
C GLU A 380 4.91 -23.77 -42.66
N VAL A 381 5.27 -23.46 -43.90
CA VAL A 381 4.56 -22.46 -44.71
C VAL A 381 4.25 -23.10 -46.07
N ASP A 382 3.06 -22.91 -46.63
CA ASP A 382 2.79 -23.41 -47.99
C ASP A 382 2.73 -22.33 -49.07
N GLN A 383 2.45 -22.75 -50.30
CA GLN A 383 2.49 -21.86 -51.46
C GLN A 383 1.41 -20.77 -51.46
N HIS A 384 0.35 -21.00 -50.68
CA HIS A 384 -0.76 -20.05 -50.56
C HIS A 384 -0.51 -19.05 -49.45
N GLY A 385 0.59 -19.21 -48.73
CA GLY A 385 0.89 -18.39 -47.57
C GLY A 385 0.29 -18.93 -46.29
N ASN A 386 -0.36 -20.09 -46.37
CA ASN A 386 -0.88 -20.75 -45.18
C ASN A 386 0.27 -21.13 -44.27
N VAL A 387 0.03 -21.01 -42.97
CA VAL A 387 1.03 -21.37 -41.97
C VAL A 387 0.50 -22.51 -41.11
N GLY A 388 1.38 -23.47 -40.82
CA GLY A 388 1.06 -24.59 -39.96
C GLY A 388 1.90 -24.52 -38.69
N VAL A 389 1.23 -24.68 -37.56
CA VAL A 389 1.87 -24.60 -36.24
C VAL A 389 1.30 -25.64 -35.25
N HIS A 390 0.02 -26.00 -35.41
CA HIS A 390 -0.68 -26.81 -34.40
C HIS A 390 -0.36 -28.31 -34.45
N LYS A 391 0.17 -28.75 -35.59
CA LYS A 391 0.68 -30.11 -35.75
C LYS A 391 1.96 -30.06 -36.56
N PHE A 392 2.97 -30.78 -36.09
CA PHE A 392 4.23 -30.87 -36.80
C PHE A 392 4.87 -32.23 -36.53
N ASN A 393 5.28 -32.91 -37.60
CA ASN A 393 5.87 -34.26 -37.50
C ASN A 393 4.98 -35.23 -36.73
N GLY A 394 3.68 -35.11 -36.94
CA GLY A 394 2.70 -35.98 -36.28
C GLY A 394 2.40 -35.66 -34.82
N LYS A 395 3.09 -34.66 -34.27
CA LYS A 395 2.90 -34.26 -32.87
C LYS A 395 1.84 -33.17 -32.76
N ILE A 396 1.01 -33.25 -31.73
CA ILE A 396 0.01 -32.21 -31.51
C ILE A 396 0.61 -31.12 -30.63
N GLY A 398 -1.03 -27.84 -30.73
CA GLY A 398 -2.15 -26.96 -30.43
C GLY A 398 -1.82 -25.53 -30.83
N THR A 399 -2.75 -24.60 -30.62
CA THR A 399 -2.60 -23.26 -31.14
C THR A 399 -2.00 -22.27 -30.16
N GLY A 400 -2.35 -22.44 -28.88
CA GLY A 400 -2.16 -21.36 -27.90
C GLY A 400 -2.97 -20.18 -28.41
N GLY A 401 -2.40 -18.97 -28.30
CA GLY A 401 -3.05 -17.76 -28.82
C GLY A 401 -2.82 -17.49 -30.31
N PHE A 402 -2.11 -18.38 -31.00
CA PHE A 402 -1.71 -18.17 -32.41
C PHE A 402 -2.87 -17.71 -33.33
N ILE A 403 -4.01 -18.40 -33.27
CA ILE A 403 -5.14 -18.01 -34.11
C ILE A 403 -5.76 -16.67 -33.68
N ASP A 404 -5.91 -16.47 -32.38
CA ASP A 404 -6.45 -15.21 -31.84
C ASP A 404 -5.64 -14.00 -32.30
N ILE A 405 -4.35 -14.18 -32.47
CA ILE A 405 -3.44 -13.09 -32.80
C ILE A 405 -3.30 -12.90 -34.32
N SER A 406 -3.13 -13.99 -35.06
CA SER A 406 -2.91 -13.91 -36.51
C SER A 406 -4.20 -13.72 -37.32
N ALA A 407 -5.36 -13.82 -36.68
CA ALA A 407 -6.65 -13.64 -37.36
C ALA A 407 -6.93 -12.21 -37.80
N THR A 408 -6.63 -11.22 -36.95
CA THR A 408 -7.05 -9.83 -37.24
C THR A 408 -6.01 -8.72 -37.00
N SER A 409 -4.82 -9.07 -36.50
CA SER A 409 -3.76 -8.07 -36.32
C SER A 409 -3.36 -7.43 -37.66
N LYS A 410 -3.10 -6.12 -37.63
CA LYS A 410 -2.91 -5.32 -38.84
C LYS A 410 -1.68 -5.74 -39.67
N LYS A 411 -0.61 -6.10 -38.98
CA LYS A 411 0.63 -6.60 -39.60
C LYS A 411 0.99 -7.91 -38.93
N ILE A 412 1.19 -8.97 -39.73
CA ILE A 412 1.53 -10.28 -39.20
C ILE A 412 2.92 -10.65 -39.71
N ILE A 413 3.84 -10.84 -38.76
CA ILE A 413 5.23 -11.10 -39.10
C ILE A 413 5.59 -12.52 -38.68
N PHE A 414 5.64 -13.43 -39.64
CA PHE A 414 6.03 -14.80 -39.36
C PHE A 414 7.55 -14.89 -39.40
N CYS A 415 8.15 -15.57 -38.43
CA CYS A 415 9.60 -15.65 -38.29
C CYS A 415 10.07 -17.09 -38.11
N GLY A 416 11.13 -17.46 -38.82
CA GLY A 416 11.64 -18.83 -38.73
C GLY A 416 12.83 -19.03 -39.62
N THR A 417 13.16 -20.28 -39.91
CA THR A 417 14.25 -20.57 -40.85
C THR A 417 13.68 -21.21 -42.11
N LEU A 418 14.42 -21.09 -43.21
CA LEU A 418 13.99 -21.66 -44.48
C LEU A 418 14.00 -23.18 -44.43
N THR A 419 15.04 -23.73 -43.81
CA THR A 419 15.18 -25.17 -43.61
C THR A 419 15.42 -25.47 -42.13
N ALA A 420 15.24 -26.73 -41.75
CA ALA A 420 15.47 -27.18 -40.37
C ALA A 420 16.11 -28.56 -40.31
N GLY A 421 16.69 -28.88 -39.16
CA GLY A 421 17.43 -30.13 -38.98
C GLY A 421 18.90 -29.90 -39.23
N SER A 422 19.59 -29.47 -38.17
CA SER A 422 21.05 -29.21 -38.19
C SER A 422 21.45 -28.12 -39.17
N LEU A 423 20.62 -27.09 -39.26
CA LEU A 423 20.96 -25.90 -40.04
C LEU A 423 22.02 -25.09 -39.28
N LYS A 424 23.21 -24.99 -39.86
CA LYS A 424 24.31 -24.26 -39.25
C LYS A 424 24.66 -23.04 -40.09
N THR A 425 24.60 -21.88 -39.45
CA THR A 425 24.83 -20.62 -40.11
C THR A 425 25.86 -19.81 -39.33
N GLU A 426 26.60 -18.96 -40.03
CA GLU A 426 27.52 -18.03 -39.40
C GLU A 426 27.54 -16.70 -40.15
N ILE A 427 27.69 -15.61 -39.41
CA ILE A 427 27.79 -14.29 -40.01
C ILE A 427 29.25 -13.82 -40.01
N ALA A 428 29.76 -13.47 -41.18
CA ALA A 428 31.14 -13.01 -41.34
C ALA A 428 31.24 -11.89 -42.38
N ASP A 429 31.89 -10.79 -41.99
CA ASP A 429 32.13 -9.64 -42.88
C ASP A 429 30.85 -9.02 -43.48
N GLY A 430 29.78 -9.00 -42.68
CA GLY A 430 28.49 -8.48 -43.12
C GLY A 430 27.87 -9.35 -44.19
N LYS A 431 28.05 -10.66 -44.05
CA LYS A 431 27.65 -11.63 -45.06
C LYS A 431 27.12 -12.87 -44.35
N LEU A 432 26.15 -13.53 -44.98
CA LEU A 432 25.62 -14.80 -44.47
C LEU A 432 26.37 -15.96 -45.12
N ASN A 433 26.80 -16.93 -44.30
CA ASN A 433 27.40 -18.16 -44.82
C ASN A 433 26.70 -19.38 -44.25
N ILE A 434 26.11 -20.19 -45.13
CA ILE A 434 25.45 -21.43 -44.74
C ILE A 434 26.49 -22.55 -44.69
N VAL A 435 26.93 -22.88 -43.49
CA VAL A 435 28.00 -23.84 -43.27
C VAL A 435 27.49 -25.27 -43.39
N GLN A 436 26.27 -25.49 -42.90
CA GLN A 436 25.58 -26.77 -43.03
C GLN A 436 24.09 -26.52 -43.21
N GLU A 437 23.54 -27.06 -44.30
CA GLU A 437 22.13 -26.88 -44.65
C GLU A 437 21.23 -27.76 -43.79
N GLY A 438 20.00 -27.31 -43.53
CA GLY A 438 19.00 -28.11 -42.84
C GLY A 438 18.57 -29.27 -43.71
N ARG A 439 18.21 -30.39 -43.10
CA ARG A 439 17.77 -31.55 -43.89
C ARG A 439 16.28 -31.55 -44.27
N VAL A 440 15.48 -30.67 -43.66
CA VAL A 440 14.06 -30.60 -44.00
C VAL A 440 13.64 -29.22 -44.51
N LYS A 441 12.87 -29.19 -45.59
CA LYS A 441 12.32 -27.94 -46.12
C LYS A 441 11.08 -27.55 -45.33
N LYS A 442 10.97 -26.27 -44.99
CA LYS A 442 9.81 -25.75 -44.24
C LYS A 442 8.81 -25.04 -45.15
N PHE A 443 9.26 -24.68 -46.35
CA PHE A 443 8.39 -24.09 -47.36
C PHE A 443 7.93 -25.18 -48.33
N ILE A 444 6.69 -25.63 -48.15
CA ILE A 444 6.17 -26.85 -48.81
C ILE A 444 5.00 -26.53 -49.75
N ARG A 445 4.61 -27.49 -50.59
CA ARG A 445 3.50 -27.27 -51.53
C ARG A 445 2.16 -26.98 -50.86
N GLU A 446 1.80 -27.81 -49.89
CA GLU A 446 0.46 -27.84 -49.36
C GLU A 446 0.51 -28.30 -47.91
N LEU A 447 -0.07 -27.50 -47.02
CA LEU A 447 -0.20 -27.92 -45.62
C LEU A 447 -1.25 -29.00 -45.50
N PRO A 448 -1.00 -30.03 -44.70
CA PRO A 448 -2.03 -31.00 -44.37
C PRO A 448 -3.14 -30.37 -43.53
N GLU A 449 -2.77 -29.55 -42.54
CA GLU A 449 -3.74 -28.79 -41.75
C GLU A 449 -3.31 -27.34 -41.56
N ILE A 450 -4.28 -26.44 -41.63
CA ILE A 450 -3.99 -24.99 -41.67
C ILE A 450 -4.20 -24.35 -40.30
N THR A 451 -3.21 -23.60 -39.82
CA THR A 451 -3.38 -22.82 -38.58
C THR A 451 -3.67 -21.35 -38.88
N PHE A 452 -3.24 -20.89 -40.05
CA PHE A 452 -3.42 -19.52 -40.51
C PHE A 452 -3.70 -19.57 -42.01
N SER A 453 -4.76 -18.91 -42.44
CA SER A 453 -5.12 -18.88 -43.86
C SER A 453 -4.62 -17.64 -44.59
N GLY A 454 -3.79 -17.84 -45.61
CA GLY A 454 -3.30 -16.73 -46.42
C GLY A 454 -4.46 -16.00 -47.11
N LYS A 455 -5.42 -16.78 -47.59
CA LYS A 455 -6.57 -16.24 -48.31
C LYS A 455 -7.39 -15.30 -47.41
N ILE A 456 -7.68 -15.75 -46.19
CA ILE A 456 -8.47 -14.96 -45.24
C ILE A 456 -7.74 -13.66 -44.84
N ALA A 457 -6.44 -13.75 -44.60
CA ALA A 457 -5.65 -12.57 -44.25
C ALA A 457 -5.71 -11.49 -45.33
N LEU A 458 -5.59 -11.90 -46.60
CA LEU A 458 -5.73 -10.99 -47.73
C LEU A 458 -7.14 -10.40 -47.82
N GLU A 459 -8.14 -11.24 -47.58
CA GLU A 459 -9.53 -10.77 -47.55
C GLU A 459 -9.78 -9.76 -46.43
N ARG A 460 -9.02 -9.88 -45.34
CA ARG A 460 -9.13 -8.94 -44.22
C ARG A 460 -8.23 -7.70 -44.36
N GLY A 461 -7.45 -7.66 -45.44
CA GLY A 461 -6.60 -6.50 -45.74
C GLY A 461 -5.36 -6.43 -44.88
N LEU A 462 -4.86 -7.59 -44.45
CA LEU A 462 -3.73 -7.63 -43.53
C LEU A 462 -2.40 -7.75 -44.28
N ASP A 463 -1.37 -7.10 -43.73
CA ASP A 463 -0.01 -7.12 -44.29
C ASP A 463 0.76 -8.29 -43.69
N VAL A 464 1.15 -9.25 -44.53
CA VAL A 464 1.79 -10.48 -44.04
C VAL A 464 3.23 -10.62 -44.56
N ARG A 465 4.16 -10.82 -43.62
CA ARG A 465 5.59 -10.98 -43.91
C ARG A 465 6.08 -12.32 -43.42
N TYR A 466 7.07 -12.88 -44.10
CA TYR A 466 7.72 -14.10 -43.65
C TYR A 466 9.21 -13.83 -43.64
N ILE A 467 9.79 -13.84 -42.44
CA ILE A 467 11.22 -13.53 -42.26
C ILE A 467 11.99 -14.78 -41.93
N THR A 468 13.00 -15.07 -42.75
CA THR A 468 13.99 -16.11 -42.45
C THR A 468 15.39 -15.47 -42.40
N GLU A 469 16.38 -16.24 -41.98
CA GLU A 469 17.78 -15.79 -41.94
C GLU A 469 18.37 -15.41 -43.31
N ARG A 470 17.83 -15.99 -44.39
CA ARG A 470 18.41 -15.79 -45.71
C ARG A 470 17.50 -15.11 -46.73
N ALA A 471 16.21 -14.99 -46.42
CA ALA A 471 15.22 -14.42 -47.34
C ALA A 471 14.01 -13.83 -46.59
N VAL A 472 13.41 -12.79 -47.18
CA VAL A 472 12.17 -12.19 -46.68
C VAL A 472 11.10 -12.22 -47.77
N PHE A 473 9.88 -12.64 -47.39
CA PHE A 473 8.75 -12.71 -48.31
C PHE A 473 7.58 -11.85 -47.83
N THR A 474 6.73 -11.42 -48.77
CA THR A 474 5.44 -10.78 -48.48
C THR A 474 4.29 -11.53 -49.19
N LEU A 475 3.14 -11.65 -48.54
CA LEU A 475 2.00 -12.32 -49.14
C LEU A 475 1.15 -11.38 -49.99
N LYS A 476 0.90 -11.79 -51.22
CA LYS A 476 0.07 -11.05 -52.16
C LYS A 476 -0.93 -12.02 -52.81
N GLU A 477 -1.85 -11.50 -53.61
CA GLU A 477 -2.92 -12.34 -54.19
C GLU A 477 -2.40 -13.52 -55.02
N ASP A 478 -1.22 -13.37 -55.64
CA ASP A 478 -0.64 -14.44 -56.46
C ASP A 478 0.39 -15.32 -55.74
N GLY A 479 0.44 -15.23 -54.41
CA GLY A 479 1.34 -16.06 -53.60
C GLY A 479 2.41 -15.27 -52.87
N LEU A 480 3.44 -15.97 -52.39
CA LEU A 480 4.57 -15.35 -51.72
C LEU A 480 5.47 -14.67 -52.72
N HIS A 481 5.77 -13.40 -52.47
CA HIS A 481 6.77 -12.65 -53.21
C HIS A 481 8.07 -12.61 -52.43
N LEU A 482 9.16 -13.04 -53.05
CA LEU A 482 10.48 -12.84 -52.49
C LEU A 482 10.84 -11.36 -52.66
N ILE A 483 11.07 -10.66 -51.54
CA ILE A 483 11.41 -9.23 -51.59
C ILE A 483 12.85 -8.88 -51.16
N GLU A 484 13.49 -9.74 -50.39
CA GLU A 484 14.85 -9.49 -49.90
C GLU A 484 15.67 -10.77 -49.84
N ILE A 485 16.96 -10.68 -50.18
CA ILE A 485 17.90 -11.82 -50.13
C ILE A 485 19.05 -11.43 -49.23
N ALA A 486 19.55 -12.37 -48.42
CA ALA A 486 20.74 -12.09 -47.61
C ALA A 486 21.97 -12.06 -48.51
N PRO A 487 22.87 -11.09 -48.28
CA PRO A 487 24.20 -11.12 -48.92
C PRO A 487 24.93 -12.41 -48.55
N GLY A 488 25.60 -13.00 -49.53
CA GLY A 488 26.33 -14.26 -49.30
C GLY A 488 25.55 -15.50 -49.68
N VAL A 489 24.35 -15.29 -50.21
CA VAL A 489 23.44 -16.38 -50.56
C VAL A 489 23.08 -16.32 -52.04
N ASP A 490 23.10 -17.48 -52.70
CA ASP A 490 22.74 -17.55 -54.11
C ASP A 490 21.24 -17.81 -54.25
N LEU A 491 20.56 -16.95 -55.02
CA LEU A 491 19.12 -17.07 -55.21
C LEU A 491 18.72 -18.50 -55.58
N GLN A 492 19.30 -19.01 -56.67
CA GLN A 492 18.89 -20.29 -57.23
C GLN A 492 19.14 -21.50 -56.31
N LYS A 493 20.37 -21.67 -55.82
CA LYS A 493 20.65 -22.88 -55.04
C LYS A 493 20.43 -22.78 -53.53
N ASP A 494 20.36 -21.57 -52.97
CA ASP A 494 20.13 -21.44 -51.52
C ASP A 494 18.69 -21.08 -51.13
N ILE A 495 17.91 -20.61 -52.10
CA ILE A 495 16.51 -20.29 -51.85
C ILE A 495 15.57 -21.14 -52.72
N LEU A 496 15.54 -20.89 -54.02
CA LEU A 496 14.62 -21.58 -54.91
C LEU A 496 14.72 -23.10 -54.82
N ASP A 497 15.95 -23.63 -54.86
CA ASP A 497 16.17 -25.08 -54.77
C ASP A 497 15.85 -25.65 -53.37
N LYS A 498 15.72 -24.78 -52.38
CA LYS A 498 15.46 -25.19 -51.00
C LYS A 498 14.00 -25.00 -50.59
N ASP A 500 9.85 -26.09 -51.75
CA ASP A 500 9.06 -27.03 -52.56
C ASP A 500 7.99 -26.35 -53.42
N PHE A 501 8.05 -25.03 -53.53
CA PHE A 501 7.19 -24.28 -54.42
C PHE A 501 7.90 -23.07 -55.02
N THR A 502 7.32 -22.52 -56.08
CA THR A 502 7.93 -21.40 -56.79
C THR A 502 7.35 -20.07 -56.31
N PRO A 503 8.16 -19.24 -55.65
CA PRO A 503 7.71 -17.92 -55.25
C PRO A 503 7.77 -16.96 -56.43
N VAL A 504 7.04 -15.86 -56.34
CA VAL A 504 7.19 -14.77 -57.28
C VAL A 504 8.44 -14.01 -56.85
N ILE A 505 9.32 -13.70 -57.80
CA ILE A 505 10.48 -12.87 -57.47
C ILE A 505 10.13 -11.41 -57.76
N SER A 506 10.18 -10.58 -56.72
CA SER A 506 9.80 -9.19 -56.83
C SER A 506 10.76 -8.45 -57.77
N PRO A 507 10.21 -7.64 -58.68
CA PRO A 507 11.06 -6.77 -59.51
C PRO A 507 11.87 -5.82 -58.64
N GLU A 508 11.32 -5.45 -57.48
CA GLU A 508 12.01 -4.61 -56.50
C GLU A 508 12.85 -5.41 -55.50
N LEU A 509 13.22 -6.64 -55.87
CA LEU A 509 14.08 -7.48 -55.04
C LEU A 509 15.39 -6.76 -54.75
N LYS A 510 15.78 -6.73 -53.47
CA LYS A 510 17.01 -6.10 -53.02
C LYS A 510 17.71 -7.00 -52.01
N LEU A 511 18.91 -6.61 -51.60
CA LEU A 511 19.64 -7.34 -50.57
C LEU A 511 19.13 -6.90 -49.20
N ASP A 513 19.35 -5.53 -45.56
CA ASP A 513 20.19 -4.44 -45.03
C ASP A 513 21.50 -4.99 -44.43
N GLU A 514 22.64 -4.42 -44.85
CA GLU A 514 23.96 -4.90 -44.44
C GLU A 514 24.18 -4.74 -42.94
N ARG A 515 23.55 -3.73 -42.35
CA ARG A 515 23.64 -3.46 -40.92
C ARG A 515 23.20 -4.64 -40.07
N LEU A 516 22.32 -5.49 -40.61
CA LEU A 516 21.82 -6.66 -39.91
C LEU A 516 22.91 -7.69 -39.66
N PHE A 517 23.91 -7.69 -40.53
CA PHE A 517 24.97 -8.69 -40.51
C PHE A 517 26.27 -8.19 -39.88
N ILE A 518 26.25 -6.96 -39.37
CA ILE A 518 27.42 -6.38 -38.68
C ILE A 518 27.25 -6.49 -37.17
N ASP A 519 28.31 -6.92 -36.48
CA ASP A 519 28.27 -7.12 -35.05
C ASP A 519 28.50 -5.84 -34.24
N ALA A 520 27.63 -4.86 -34.47
CA ALA A 520 27.63 -3.58 -33.76
C ALA A 520 26.24 -2.97 -33.84
N ALA A 521 25.99 -1.93 -33.03
CA ALA A 521 24.72 -1.20 -33.06
C ALA A 521 24.38 -0.72 -34.46
N GLY A 523 22.08 1.64 -35.44
CA GLY A 523 21.68 3.02 -35.63
C GLY A 523 20.26 3.11 -36.19
N PHE A 524 19.46 2.11 -35.86
CA PHE A 524 18.08 2.02 -36.35
C PHE A 524 17.15 2.95 -35.59
N VAL A 525 16.34 3.72 -36.32
CA VAL A 525 15.30 4.57 -35.74
C VAL A 525 13.92 4.07 -36.18
N LEU A 526 13.00 3.95 -35.22
CA LEU A 526 11.62 3.55 -35.51
C LEU A 526 10.89 4.61 -36.32
N PRO A 527 10.38 4.23 -37.50
CA PRO A 527 9.51 5.11 -38.26
C PRO A 527 8.19 5.31 -37.54
N GLU A 528 7.57 6.46 -37.78
CA GLU A 528 6.22 6.73 -37.31
C GLU A 528 5.34 6.86 -38.53
N ALA A 529 4.26 6.08 -38.59
CA ALA A 529 3.31 6.13 -39.71
C ALA A 529 2.61 7.49 -39.76
N VAL B 4 -7.00 14.79 36.32
CA VAL B 4 -8.38 14.42 35.91
C VAL B 4 -8.47 14.30 34.38
N LYS B 5 -8.49 13.07 33.90
CA LYS B 5 -8.70 12.77 32.47
C LYS B 5 -9.94 11.91 32.35
N PRO B 6 -10.72 12.07 31.28
CA PRO B 6 -11.92 11.26 31.10
C PRO B 6 -11.57 9.77 30.97
N PRO B 7 -12.33 8.90 31.64
CA PRO B 7 -12.03 7.47 31.63
C PRO B 7 -12.31 6.82 30.28
N ARG B 8 -11.53 5.79 29.97
CA ARG B 8 -11.76 5.01 28.76
C ARG B 8 -12.88 4.00 29.04
N ILE B 9 -13.82 3.91 28.10
CA ILE B 9 -14.87 2.90 28.20
C ILE B 9 -14.51 1.75 27.27
N ASN B 10 -14.33 0.57 27.85
CA ASN B 10 -13.94 -0.64 27.11
C ASN B 10 -12.69 -0.43 26.23
N GLY B 11 -11.71 0.31 26.76
CA GLY B 11 -10.44 0.56 26.09
C GLY B 11 -10.48 1.57 24.96
N ARG B 12 -11.65 2.12 24.65
CA ARG B 12 -11.76 3.12 23.58
C ARG B 12 -11.31 4.48 24.09
N VAL B 13 -10.54 5.20 23.27
CA VAL B 13 -10.10 6.55 23.64
C VAL B 13 -11.31 7.51 23.67
N PRO B 14 -11.43 8.32 24.72
CA PRO B 14 -12.49 9.32 24.78
C PRO B 14 -12.44 10.28 23.58
N VAL B 15 -13.58 10.42 22.90
CA VAL B 15 -13.70 11.35 21.79
C VAL B 15 -14.60 12.49 22.25
N LEU B 16 -14.07 13.71 22.18
CA LEU B 16 -14.77 14.88 22.69
C LEU B 16 -14.73 15.99 21.66
N SER B 17 -15.61 16.99 21.81
CA SER B 17 -15.48 18.20 21.03
C SER B 17 -14.27 18.99 21.54
N ALA B 18 -13.73 19.88 20.72
CA ALA B 18 -12.60 20.70 21.15
C ALA B 18 -12.98 21.51 22.40
N GLN B 19 -14.21 22.02 22.42
CA GLN B 19 -14.71 22.78 23.58
C GLN B 19 -14.70 21.98 24.89
N GLU B 20 -15.21 20.74 24.84
CA GLU B 20 -15.18 19.85 26.00
C GLU B 20 -13.73 19.47 26.38
N ALA B 21 -12.90 19.23 25.38
CA ALA B 21 -11.50 18.84 25.61
C ALA B 21 -10.74 19.87 26.45
N VAL B 22 -10.80 21.15 26.05
CA VAL B 22 -9.99 22.18 26.71
C VAL B 22 -10.44 22.53 28.14
N ASN B 23 -11.66 22.12 28.49
CA ASN B 23 -12.12 22.19 29.88
C ASN B 23 -11.25 21.41 30.87
N TYR B 24 -10.46 20.46 30.36
CA TYR B 24 -9.59 19.65 31.21
C TYR B 24 -8.25 20.32 31.51
N ILE B 25 -8.04 21.52 30.97
CA ILE B 25 -6.80 22.25 31.23
C ILE B 25 -6.96 23.08 32.51
N PRO B 26 -6.11 22.81 33.51
CA PRO B 26 -6.14 23.58 34.76
C PRO B 26 -5.32 24.86 34.69
N ASP B 27 -5.56 25.76 35.64
CA ASP B 27 -4.74 26.95 35.82
C ASP B 27 -3.29 26.53 36.00
N GLU B 28 -2.38 27.35 35.48
CA GLU B 28 -0.93 27.14 35.61
C GLU B 28 -0.34 25.93 34.88
N ALA B 29 -1.16 25.21 34.11
CA ALA B 29 -0.67 24.09 33.29
C ALA B 29 0.44 24.52 32.34
N THR B 30 1.38 23.61 32.06
CA THR B 30 2.35 23.82 31.00
C THR B 30 1.88 23.13 29.71
N LEU B 31 1.66 23.94 28.68
CA LEU B 31 1.05 23.49 27.43
C LEU B 31 2.10 23.44 26.32
N CYS B 32 2.21 22.29 25.66
CA CYS B 32 3.10 22.12 24.52
C CYS B 32 2.26 21.97 23.25
N VAL B 33 2.53 22.82 22.25
CA VAL B 33 1.71 22.88 21.05
C VAL B 33 2.51 22.43 19.80
N LEU B 34 2.04 21.37 19.15
CA LEU B 34 2.66 20.83 17.94
C LEU B 34 2.36 21.71 16.73
N GLY B 35 3.31 21.81 15.80
CA GLY B 35 3.05 22.51 14.54
C GLY B 35 4.22 23.28 13.99
N ALA B 36 4.16 23.57 12.69
CA ALA B 36 5.15 24.43 12.05
C ALA B 36 4.38 25.48 11.25
N GLY B 37 5.10 26.30 10.48
CA GLY B 37 4.48 27.43 9.79
C GLY B 37 3.39 27.04 8.80
N GLY B 38 2.44 27.95 8.61
CA GLY B 38 1.43 27.81 7.56
C GLY B 38 0.41 26.71 7.77
N GLY B 39 0.20 26.30 9.02
CA GLY B 39 -0.80 25.29 9.37
C GLY B 39 -0.35 23.84 9.45
N ILE B 40 0.94 23.60 9.21
CA ILE B 40 1.48 22.25 9.16
C ILE B 40 1.37 21.58 10.53
N LEU B 41 0.68 20.44 10.57
CA LEU B 41 0.48 19.63 11.78
C LEU B 41 -0.07 20.38 13.00
N GLU B 42 -0.84 21.44 12.75
CA GLU B 42 -1.40 22.27 13.83
C GLU B 42 -2.79 21.82 14.25
N ALA B 43 -2.98 21.55 15.55
CA ALA B 43 -4.29 21.21 16.08
C ALA B 43 -5.14 22.47 16.25
N THR B 44 -5.52 23.07 15.13
CA THR B 44 -6.16 24.37 15.13
C THR B 44 -7.44 24.39 15.98
N THR B 45 -8.23 23.32 15.96
CA THR B 45 -9.49 23.36 16.70
C THR B 45 -9.26 23.48 18.21
N LEU B 46 -8.15 22.94 18.68
CA LEU B 46 -7.81 22.97 20.11
C LEU B 46 -7.30 24.35 20.54
N ILE B 47 -6.46 24.96 19.71
CA ILE B 47 -5.94 26.30 19.98
C ILE B 47 -7.13 27.27 20.00
N THR B 48 -8.03 27.11 19.03
CA THR B 48 -9.23 27.94 18.90
C THR B 48 -10.15 27.81 20.11
N ALA B 49 -10.43 26.57 20.51
CA ALA B 49 -11.31 26.30 21.65
C ALA B 49 -10.77 26.90 22.95
N LEU B 50 -9.45 26.79 23.15
CA LEU B 50 -8.81 27.35 24.32
C LEU B 50 -8.90 28.89 24.32
N ALA B 51 -8.54 29.51 23.20
CA ALA B 51 -8.68 30.95 23.04
C ALA B 51 -10.12 31.42 23.33
N ASP B 52 -11.10 30.69 22.79
CA ASP B 52 -12.54 30.96 23.01
C ASP B 52 -12.93 30.86 24.47
N LYS B 53 -12.47 29.80 25.14
CA LYS B 53 -12.79 29.60 26.56
C LYS B 53 -12.32 30.79 27.40
N TYR B 54 -11.10 31.25 27.15
CA TYR B 54 -10.54 32.38 27.90
C TYR B 54 -11.27 33.70 27.61
N LYS B 55 -11.61 33.94 26.35
CA LYS B 55 -12.38 35.12 25.95
C LYS B 55 -13.70 35.15 26.72
N GLN B 56 -14.30 33.99 26.93
CA GLN B 56 -15.61 33.87 27.58
C GLN B 56 -15.57 33.84 29.10
N THR B 57 -14.56 33.21 29.69
CA THR B 57 -14.57 32.89 31.12
C THR B 57 -13.38 33.45 31.92
N GLN B 58 -12.36 33.93 31.22
CA GLN B 58 -11.07 34.31 31.83
C GLN B 58 -10.36 33.13 32.54
N THR B 59 -10.62 31.91 32.06
CA THR B 59 -9.94 30.69 32.52
C THR B 59 -9.61 29.84 31.28
N PRO B 60 -8.57 29.00 31.33
CA PRO B 60 -7.67 28.84 32.46
C PRO B 60 -6.66 29.98 32.55
N ARG B 61 -6.00 30.11 33.68
CA ARG B 61 -5.14 31.25 33.95
C ARG B 61 -3.67 30.85 34.04
N ASN B 62 -2.81 31.79 33.67
CA ASN B 62 -1.37 31.72 33.93
C ASN B 62 -0.70 30.47 33.37
N LEU B 63 -1.02 30.15 32.13
CA LEU B 63 -0.41 29.01 31.45
C LEU B 63 1.04 29.28 31.10
N SER B 64 1.82 28.20 31.00
CA SER B 64 3.15 28.24 30.44
C SER B 64 3.09 27.57 29.07
N ILE B 65 3.66 28.20 28.06
CA ILE B 65 3.65 27.64 26.71
C ILE B 65 5.01 27.10 26.31
N ILE B 66 5.03 25.91 25.72
CA ILE B 66 6.23 25.45 25.02
C ILE B 66 5.87 25.20 23.55
N SER B 67 6.60 25.86 22.66
CA SER B 67 6.37 25.76 21.23
C SER B 67 7.69 25.42 20.53
N PRO B 68 7.95 24.14 20.26
CA PRO B 68 9.23 23.73 19.66
C PRO B 68 9.52 24.46 18.33
N THR B 69 8.53 24.49 17.44
CA THR B 69 8.66 25.13 16.14
C THR B 69 7.73 26.35 16.12
N GLY B 70 7.97 27.29 15.21
CA GLY B 70 7.09 28.45 15.07
C GLY B 70 5.79 28.11 14.36
N LEU B 71 4.67 28.28 15.04
CA LEU B 71 3.35 28.13 14.40
C LEU B 71 2.84 29.47 13.90
N GLY B 72 2.08 29.41 12.81
CA GLY B 72 1.34 30.58 12.36
C GLY B 72 1.63 31.08 10.96
N ASP B 73 1.22 32.31 10.72
CA ASP B 73 1.32 32.96 9.42
C ASP B 73 1.96 34.34 9.53
N ARG B 74 2.77 34.54 10.57
CA ARG B 74 3.39 35.85 10.88
C ARG B 74 2.34 36.94 11.15
N ALA B 75 1.17 36.51 11.58
CA ALA B 75 0.06 37.41 11.83
C ALA B 75 -0.80 36.87 12.98
N ASP B 76 -2.11 36.75 12.78
CA ASP B 76 -3.00 36.40 13.89
C ASP B 76 -3.37 34.91 14.02
N ARG B 77 -2.74 34.06 13.22
CA ARG B 77 -2.97 32.62 13.34
C ARG B 77 -1.91 31.97 14.25
N GLY B 78 -1.73 30.66 14.14
CA GLY B 78 -0.76 29.96 15.00
C GLY B 78 -1.19 30.01 16.46
N ILE B 79 -0.28 30.40 17.35
CA ILE B 79 -0.66 30.59 18.75
C ILE B 79 -0.93 32.06 19.13
N SER B 80 -1.00 32.94 18.14
CA SER B 80 -1.40 34.33 18.40
C SER B 80 -2.76 34.46 19.15
N PRO B 81 -3.76 33.63 18.84
CA PRO B 81 -5.02 33.69 19.59
C PRO B 81 -4.86 33.50 21.11
N LEU B 82 -3.72 32.95 21.55
CA LEU B 82 -3.50 32.70 22.96
C LEU B 82 -2.83 33.87 23.69
N ALA B 83 -2.56 34.95 22.97
CA ALA B 83 -1.86 36.12 23.52
C ALA B 83 -2.81 37.09 24.19
N GLN B 84 -3.87 36.56 24.80
CA GLN B 84 -4.80 37.33 25.60
C GLN B 84 -4.20 37.50 26.98
N GLU B 85 -4.17 38.73 27.48
CA GLU B 85 -3.47 38.98 28.74
C GLU B 85 -4.09 38.19 29.90
N GLY B 86 -3.23 37.54 30.69
CA GLY B 86 -3.66 36.68 31.79
C GLY B 86 -3.74 35.20 31.46
N LEU B 87 -3.80 34.88 30.16
CA LEU B 87 -3.88 33.49 29.70
C LEU B 87 -2.50 32.82 29.75
N VAL B 88 -1.49 33.53 29.26
CA VAL B 88 -0.11 33.03 29.24
C VAL B 88 0.77 33.93 30.12
N LYS B 89 1.59 33.31 30.96
CA LYS B 89 2.52 34.06 31.81
C LYS B 89 4.00 33.79 31.51
N TRP B 90 4.26 32.73 30.73
CA TRP B 90 5.62 32.19 30.55
C TRP B 90 5.62 31.44 29.22
N ALA B 91 6.68 31.63 28.43
CA ALA B 91 6.77 30.90 27.16
C ALA B 91 8.22 30.58 26.79
N LEU B 92 8.40 29.38 26.25
CA LEU B 92 9.69 28.92 25.76
C LEU B 92 9.45 28.43 24.34
N CYS B 93 10.00 29.16 23.36
CA CYS B 93 9.78 28.83 21.95
C CYS B 93 11.09 28.75 21.18
N GLY B 94 11.10 27.91 20.15
CA GLY B 94 12.27 27.77 19.28
C GLY B 94 12.30 28.85 18.21
N HIS B 95 11.13 29.31 17.80
CA HIS B 95 11.04 30.38 16.79
C HIS B 95 9.91 31.32 17.14
N TRP B 96 10.25 32.58 17.41
CA TRP B 96 9.29 33.55 17.95
C TRP B 96 8.54 34.40 16.93
N GLY B 97 9.06 34.50 15.72
CA GLY B 97 8.48 35.39 14.71
C GLY B 97 7.14 34.96 14.10
N GLN B 98 6.87 33.66 14.12
CA GLN B 98 5.75 33.08 13.38
C GLN B 98 4.38 33.40 13.99
N SER B 99 4.33 33.56 15.32
CA SER B 99 3.14 34.05 16.04
C SER B 99 3.43 35.37 16.79
N PRO B 100 3.39 36.50 16.08
CA PRO B 100 3.88 37.78 16.60
C PRO B 100 3.12 38.41 17.76
N ARG B 101 1.90 37.97 18.03
CA ARG B 101 1.16 38.49 19.19
C ARG B 101 1.79 38.06 20.51
N ILE B 102 2.35 36.85 20.55
CA ILE B 102 3.08 36.38 21.73
C ILE B 102 4.45 37.05 21.83
N SER B 103 5.09 37.29 20.68
CA SER B 103 6.33 38.06 20.61
C SER B 103 6.14 39.46 21.17
N ASP B 104 4.99 40.07 20.86
CA ASP B 104 4.65 41.40 21.40
C ASP B 104 4.59 41.38 22.93
N LEU B 105 3.95 40.35 23.49
CA LEU B 105 3.88 40.19 24.96
C LEU B 105 5.28 40.16 25.59
N ALA B 106 6.18 39.38 24.99
CA ALA B 106 7.59 39.30 25.41
C ALA B 106 8.33 40.63 25.33
N GLU B 107 8.20 41.32 24.20
CA GLU B 107 8.83 42.65 24.00
C GLU B 107 8.33 43.66 25.04
N GLN B 108 7.06 43.55 25.41
CA GLN B 108 6.43 44.46 26.37
C GLN B 108 6.61 44.03 27.82
N ASN B 109 7.42 42.99 28.03
CA ASN B 109 7.72 42.48 29.38
C ASN B 109 6.50 41.99 30.16
N LYS B 110 5.52 41.45 29.43
CA LYS B 110 4.26 41.02 30.03
C LYS B 110 4.24 39.51 30.28
N ILE B 111 5.24 38.82 29.76
CA ILE B 111 5.45 37.41 30.03
C ILE B 111 6.94 37.13 30.19
N ILE B 112 7.26 36.07 30.93
CA ILE B 112 8.62 35.54 31.02
C ILE B 112 8.87 34.84 29.68
N ALA B 113 10.06 35.00 29.12
CA ALA B 113 10.28 34.55 27.72
C ALA B 113 11.68 34.06 27.47
N TYR B 114 11.77 32.82 26.95
CA TYR B 114 13.06 32.18 26.62
C TYR B 114 13.06 31.68 25.19
N ASN B 115 14.26 31.57 24.62
CA ASN B 115 14.48 30.95 23.31
C ASN B 115 15.63 29.98 23.47
N TYR B 116 15.32 28.68 23.48
CA TYR B 116 16.33 27.63 23.30
C TYR B 116 16.45 27.47 21.79
N PRO B 117 17.62 27.06 21.29
CA PRO B 117 17.71 26.65 19.90
C PRO B 117 16.66 25.57 19.66
N GLN B 118 15.97 25.67 18.53
CA GLN B 118 14.87 24.79 18.18
C GLN B 118 15.23 23.32 18.32
N GLY B 119 16.41 22.94 17.85
CA GLY B 119 16.86 21.55 17.91
C GLY B 119 17.14 21.10 19.34
N VAL B 120 17.83 21.95 20.09
CA VAL B 120 18.04 21.70 21.52
C VAL B 120 16.69 21.55 22.24
N LEU B 121 15.72 22.39 21.89
CA LEU B 121 14.40 22.38 22.55
C LEU B 121 13.72 21.03 22.39
N THR B 122 13.67 20.54 21.16
CA THR B 122 13.02 19.25 20.93
C THR B 122 13.80 18.11 21.63
N GLN B 123 15.13 18.22 21.70
CA GLN B 123 15.94 17.26 22.46
C GLN B 123 15.65 17.28 23.95
N THR B 124 15.35 18.46 24.52
CA THR B 124 15.04 18.52 25.96
C THR B 124 13.68 17.92 26.28
N LEU B 125 12.74 18.05 25.34
CA LEU B 125 11.43 17.42 25.51
C LEU B 125 11.57 15.90 25.52
N ARG B 126 12.47 15.40 24.69
CA ARG B 126 12.77 13.97 24.63
C ARG B 126 13.45 13.52 25.93
N ALA B 127 14.37 14.35 26.45
CA ALA B 127 14.96 14.12 27.77
C ALA B 127 13.90 14.07 28.86
N ALA B 128 12.95 15.02 28.81
CA ALA B 128 11.83 15.07 29.76
C ALA B 128 10.96 13.80 29.75
N ALA B 129 10.74 13.23 28.56
CA ALA B 129 10.04 11.95 28.44
C ALA B 129 10.73 10.83 29.24
N ALA B 130 12.06 10.89 29.29
CA ALA B 130 12.86 9.85 29.94
C ALA B 130 13.21 10.22 31.38
N HIS B 131 12.65 11.33 31.87
CA HIS B 131 12.96 11.92 33.19
C HIS B 131 14.46 12.22 33.34
N GLN B 132 15.10 12.63 32.24
CA GLN B 132 16.45 13.17 32.31
C GLN B 132 16.30 14.65 32.64
N PRO B 133 17.14 15.18 33.53
CA PRO B 133 16.96 16.55 34.04
C PRO B 133 17.30 17.63 33.00
N GLY B 134 18.09 17.27 32.01
CA GLY B 134 18.47 18.20 30.95
C GLY B 134 19.44 17.55 29.99
N ILE B 135 19.90 18.33 29.01
CA ILE B 135 20.88 17.85 28.05
C ILE B 135 22.14 18.69 28.07
N ILE B 136 23.25 18.06 27.69
CA ILE B 136 24.57 18.71 27.59
C ILE B 136 24.94 18.85 26.12
N SER B 137 25.17 20.09 25.70
CA SER B 137 25.41 20.38 24.30
C SER B 137 26.27 21.63 24.17
N ASP B 138 27.19 21.66 23.21
CA ASP B 138 27.92 22.90 22.94
C ASP B 138 27.25 23.77 21.88
N ILE B 139 26.08 23.32 21.39
CA ILE B 139 25.25 24.15 20.51
C ILE B 139 24.81 25.40 21.26
N GLY B 140 25.25 26.56 20.81
CA GLY B 140 24.88 27.83 21.45
C GLY B 140 25.98 28.53 22.25
N ILE B 141 27.11 27.86 22.44
CA ILE B 141 28.28 28.49 23.07
C ILE B 141 28.66 29.72 22.26
N GLY B 142 28.89 30.83 22.96
CA GLY B 142 29.29 32.09 22.32
C GLY B 142 28.18 32.93 21.72
N THR B 143 26.93 32.48 21.85
CA THR B 143 25.76 33.22 21.36
C THR B 143 24.93 33.75 22.55
N PHE B 144 23.82 34.42 22.25
CA PHE B 144 22.95 34.97 23.31
C PHE B 144 22.39 33.91 24.26
N VAL B 145 22.39 32.66 23.81
CA VAL B 145 21.89 31.54 24.63
C VAL B 145 22.87 31.15 25.75
N ASP B 146 24.16 31.40 25.52
CA ASP B 146 25.23 31.22 26.52
C ASP B 146 24.94 32.13 27.74
N PRO B 147 24.96 31.57 28.94
CA PRO B 147 24.69 32.38 30.15
C PRO B 147 25.73 33.48 30.40
N ARG B 148 26.88 33.42 29.75
CA ARG B 148 27.86 34.52 29.84
C ARG B 148 27.40 35.70 28.99
N GLN B 149 26.36 35.47 28.20
CA GLN B 149 25.68 36.55 27.48
C GLN B 149 24.27 36.76 28.06
N GLN B 150 23.22 36.29 27.38
CA GLN B 150 21.87 36.52 27.90
C GLN B 150 21.21 35.28 28.45
N GLY B 151 21.86 34.12 28.31
CA GLY B 151 21.28 32.85 28.75
C GLY B 151 19.92 32.56 28.13
N GLY B 152 19.72 33.02 26.89
CA GLY B 152 18.47 32.78 26.15
C GLY B 152 17.25 33.53 26.66
N LYS B 153 17.45 34.43 27.62
CA LYS B 153 16.36 35.26 28.17
C LYS B 153 16.07 36.38 27.19
N LEU B 154 14.80 36.60 26.85
CA LEU B 154 14.48 37.55 25.77
C LEU B 154 14.11 38.97 26.20
N ASN B 155 13.84 39.16 27.49
CA ASN B 155 13.49 40.49 28.00
C ASN B 155 14.03 40.78 29.41
N GLU B 156 13.60 41.91 29.98
CA GLU B 156 14.09 42.36 31.28
C GLU B 156 13.47 41.66 32.48
N VAL B 157 12.21 41.21 32.33
CA VAL B 157 11.47 40.56 33.43
C VAL B 157 11.84 39.07 33.63
N THR B 158 12.53 38.50 32.64
CA THR B 158 12.97 37.10 32.69
C THR B 158 14.29 37.00 33.45
N LYS B 159 14.28 36.31 34.60
CA LYS B 159 15.42 36.28 35.51
C LYS B 159 15.98 34.89 35.81
N GLU B 160 15.11 33.89 35.94
CA GLU B 160 15.55 32.53 36.30
C GLU B 160 16.45 31.91 35.23
N ASP B 161 17.59 31.37 35.65
CA ASP B 161 18.52 30.68 34.74
C ASP B 161 17.97 29.29 34.42
N LEU B 162 17.93 28.96 33.12
CA LEU B 162 17.59 27.61 32.67
C LEU B 162 18.79 26.93 32.03
N ILE B 163 19.81 27.73 31.72
CA ILE B 163 21.01 27.24 31.04
C ILE B 163 22.24 27.55 31.89
N LYS B 164 23.15 26.59 32.00
CA LYS B 164 24.41 26.84 32.70
C LYS B 164 25.62 26.27 31.97
N LEU B 165 26.78 26.89 32.21
CA LEU B 165 28.03 26.44 31.60
C LEU B 165 28.56 25.27 32.42
N VAL B 166 28.96 24.21 31.73
CA VAL B 166 29.54 23.04 32.38
C VAL B 166 30.80 22.63 31.61
N GLU B 167 31.57 21.71 32.19
CA GLU B 167 32.80 21.22 31.57
C GLU B 167 32.84 19.69 31.56
N PHE B 168 33.11 19.13 30.38
CA PHE B 168 33.36 17.70 30.23
C PHE B 168 34.53 17.49 29.27
N ASP B 169 35.44 16.60 29.63
CA ASP B 169 36.63 16.28 28.82
C ASP B 169 37.42 17.51 28.35
N ASN B 170 37.65 18.47 29.25
CA ASN B 170 38.49 19.64 28.96
C ASN B 170 37.84 20.65 28.00
N LYS B 171 36.51 20.61 27.88
CA LYS B 171 35.78 21.46 26.91
C LYS B 171 34.50 22.05 27.48
N GLU B 172 34.11 23.22 26.94
CA GLU B 172 32.90 23.94 27.38
C GLU B 172 31.65 23.36 26.74
N TYR B 173 30.61 23.19 27.55
CA TYR B 173 29.29 22.82 27.04
C TYR B 173 28.24 23.61 27.79
N LEU B 174 27.04 23.66 27.22
CA LEU B 174 25.87 24.21 27.88
C LEU B 174 24.99 23.08 28.41
N TYR B 175 24.55 23.20 29.65
CA TYR B 175 23.52 22.32 30.19
C TYR B 175 22.19 23.04 30.11
N TYR B 176 21.26 22.45 29.36
CA TYR B 176 19.92 23.02 29.20
C TYR B 176 18.95 22.21 30.05
N LYS B 177 18.26 22.88 30.96
CA LYS B 177 17.21 22.26 31.77
C LYS B 177 16.07 21.71 30.90
N ALA B 178 15.68 20.47 31.18
CA ALA B 178 14.53 19.85 30.51
C ALA B 178 13.24 20.21 31.25
N ILE B 179 12.29 20.79 30.52
CA ILE B 179 11.00 21.15 31.09
C ILE B 179 9.91 20.29 30.47
N ALA B 180 9.17 19.58 31.33
CA ALA B 180 8.11 18.70 30.88
C ALA B 180 6.77 19.43 30.88
N PRO B 181 5.99 19.31 29.80
CA PRO B 181 4.66 19.91 29.77
C PRO B 181 3.62 19.05 30.49
N ASP B 182 2.49 19.66 30.85
CA ASP B 182 1.34 19.02 31.50
C ASP B 182 0.24 18.70 30.47
N ILE B 183 0.20 19.45 29.37
CA ILE B 183 -0.83 19.30 28.35
C ILE B 183 -0.16 19.34 26.99
N ALA B 184 -0.63 18.50 26.07
CA ALA B 184 -0.17 18.51 24.69
C ALA B 184 -1.35 18.69 23.75
N PHE B 185 -1.15 19.54 22.74
CA PHE B 185 -2.05 19.64 21.59
C PHE B 185 -1.26 19.06 20.41
N ILE B 186 -1.55 17.79 20.08
CA ILE B 186 -0.91 17.17 18.91
C ILE B 186 -1.96 16.87 17.85
N ARG B 187 -1.53 16.25 16.76
CA ARG B 187 -2.40 16.04 15.61
C ARG B 187 -1.87 14.89 14.78
N ALA B 188 -2.77 14.15 14.15
CA ALA B 188 -2.44 13.14 13.15
C ALA B 188 -3.48 13.14 12.04
N THR B 189 -3.30 12.29 11.02
CA THR B 189 -4.33 12.15 9.99
C THR B 189 -5.51 11.33 10.49
N THR B 190 -5.20 10.15 11.02
CA THR B 190 -6.17 9.10 11.30
C THR B 190 -5.72 8.42 12.58
N CYS B 191 -6.68 7.97 13.38
CA CYS B 191 -6.39 7.05 14.46
C CYS B 191 -7.48 5.98 14.57
N ASP B 192 -7.14 4.85 15.17
CA ASP B 192 -8.15 3.84 15.45
C ASP B 192 -8.91 4.13 16.75
N SER B 193 -9.85 3.26 17.11
CA SER B 193 -10.75 3.50 18.25
C SER B 193 -10.02 3.52 19.59
N GLU B 194 -8.78 3.05 19.58
CA GLU B 194 -7.96 3.03 20.79
C GLU B 194 -6.87 4.11 20.81
N GLY B 195 -6.83 4.95 19.78
CA GLY B 195 -5.90 6.07 19.74
C GLY B 195 -4.65 5.88 18.89
N TYR B 196 -4.47 4.70 18.32
CA TYR B 196 -3.25 4.41 17.52
C TYR B 196 -3.31 5.23 16.24
N ALA B 197 -2.29 6.05 15.99
CA ALA B 197 -2.39 7.11 14.96
C ALA B 197 -1.38 7.03 13.81
N THR B 198 -1.86 7.37 12.61
CA THR B 198 -1.02 7.45 11.39
C THR B 198 -1.02 8.85 10.82
N PHE B 199 0.00 9.14 10.00
CA PHE B 199 0.27 10.48 9.49
C PHE B 199 0.28 10.47 7.96
N GLU B 200 -0.56 9.63 7.36
CA GLU B 200 -0.49 9.39 5.90
C GLU B 200 -0.69 10.64 5.04
N ASP B 201 -1.48 11.61 5.51
CA ASP B 201 -1.74 12.83 4.75
C ASP B 201 -1.05 14.08 5.26
N GLU B 202 -0.37 13.97 6.40
CA GLU B 202 0.35 15.12 6.95
C GLU B 202 1.58 15.46 6.09
N VAL B 203 2.01 16.72 6.13
CA VAL B 203 3.18 17.17 5.39
C VAL B 203 4.47 16.55 5.97
N TYR B 205 6.20 14.90 10.19
CA TYR B 205 5.93 14.30 11.50
C TYR B 205 6.27 15.22 12.65
N LEU B 206 7.20 16.14 12.41
CA LEU B 206 7.78 16.98 13.45
C LEU B 206 8.18 16.13 14.66
N ASP B 207 7.81 16.56 15.86
CA ASP B 207 8.15 15.83 17.07
C ASP B 207 6.91 15.39 17.88
N ALA B 208 5.87 14.95 17.16
CA ALA B 208 4.60 14.55 17.78
C ALA B 208 4.75 13.47 18.83
N LEU B 209 5.50 12.42 18.51
CA LEU B 209 5.71 11.30 19.44
C LEU B 209 6.41 11.75 20.72
N VAL B 210 7.48 12.52 20.55
CA VAL B 210 8.28 13.02 21.65
C VAL B 210 7.39 13.83 22.60
N ILE B 211 6.59 14.75 22.05
CA ILE B 211 5.65 15.54 22.86
C ILE B 211 4.68 14.68 23.66
N ALA B 212 4.06 13.71 22.99
CA ALA B 212 3.11 12.81 23.64
C ALA B 212 3.75 12.02 24.77
N GLN B 213 4.96 11.51 24.53
CA GLN B 213 5.71 10.81 25.58
C GLN B 213 6.06 11.71 26.76
N ALA B 214 6.49 12.93 26.48
CA ALA B 214 6.90 13.86 27.54
C ALA B 214 5.74 14.21 28.48
N VAL B 215 4.59 14.50 27.89
CA VAL B 215 3.37 14.82 28.64
C VAL B 215 2.84 13.60 29.39
N HIS B 216 2.78 12.46 28.70
CA HIS B 216 2.29 11.22 29.31
C HIS B 216 3.09 10.82 30.56
N ASN B 217 4.41 10.86 30.46
CA ASN B 217 5.26 10.50 31.60
C ASN B 217 5.39 11.58 32.66
N ASN B 218 4.73 12.72 32.44
CA ASN B 218 4.65 13.79 33.44
C ASN B 218 3.26 13.82 34.10
N GLY B 219 2.47 12.77 33.87
CA GLY B 219 1.15 12.63 34.44
C GLY B 219 0.16 13.60 33.83
N GLY B 220 0.43 14.01 32.58
CA GLY B 220 -0.38 15.00 31.91
C GLY B 220 -1.46 14.42 31.02
N ILE B 221 -2.04 15.29 30.19
CA ILE B 221 -3.13 14.95 29.30
C ILE B 221 -2.73 15.25 27.86
N VAL B 222 -2.68 14.21 27.04
CA VAL B 222 -2.39 14.37 25.62
C VAL B 222 -3.71 14.43 24.86
N GLN B 225 -5.85 15.99 17.79
CA GLN B 225 -6.82 16.26 16.74
C GLN B 225 -6.52 15.33 15.58
N VAL B 226 -7.57 14.73 15.01
CA VAL B 226 -7.45 13.89 13.78
C VAL B 226 -8.56 14.19 12.77
N GLN B 227 -8.36 13.79 11.52
CA GLN B 227 -9.37 14.02 10.48
C GLN B 227 -10.50 12.97 10.55
N LYS B 228 -10.14 11.75 10.95
CA LYS B 228 -11.12 10.64 11.00
C LYS B 228 -10.64 9.53 11.92
N VAL B 230 -10.96 5.16 12.73
CA VAL B 230 -11.19 3.89 12.03
C VAL B 230 -11.30 2.77 13.06
N LYS B 231 -11.72 1.59 12.59
CA LYS B 231 -11.86 0.40 13.44
C LYS B 231 -10.54 -0.02 14.07
N LYS B 232 -10.61 -0.39 15.36
CA LYS B 232 -9.49 -0.95 16.11
C LYS B 232 -8.65 -1.91 15.28
N ALA B 233 -7.34 -1.74 15.37
CA ALA B 233 -6.37 -2.65 14.77
C ALA B 233 -6.50 -2.88 13.26
N THR B 234 -6.97 -1.87 12.53
CA THR B 234 -7.05 -1.98 11.07
C THR B 234 -5.95 -1.19 10.35
N LEU B 235 -5.16 -0.41 11.08
CA LEU B 235 -4.04 0.33 10.46
C LEU B 235 -2.77 -0.54 10.38
N HIS B 236 -1.93 -0.29 9.37
CA HIS B 236 -0.67 -1.03 9.23
C HIS B 236 0.28 -0.69 10.37
N PRO B 237 0.70 -1.68 11.18
CA PRO B 237 1.54 -1.37 12.35
C PRO B 237 2.80 -0.56 12.05
N LYS B 238 3.38 -0.73 10.87
CA LYS B 238 4.56 0.05 10.48
C LYS B 238 4.25 1.50 10.09
N SER B 239 2.97 1.80 9.85
CA SER B 239 2.53 3.19 9.60
C SER B 239 2.13 3.93 10.87
N VAL B 240 1.89 3.20 11.95
CA VAL B 240 1.50 3.84 13.23
C VAL B 240 2.71 4.56 13.83
N ARG B 241 2.56 5.85 14.11
CA ARG B 241 3.65 6.64 14.72
C ARG B 241 3.41 6.93 16.19
N ILE B 242 2.14 6.96 16.59
CA ILE B 242 1.79 7.18 17.99
C ILE B 242 0.90 6.06 18.50
N PRO B 243 1.39 5.30 19.49
CA PRO B 243 0.59 4.26 20.12
C PRO B 243 -0.53 4.85 20.98
N GLY B 244 -1.68 4.18 20.94
CA GLY B 244 -2.90 4.71 21.52
C GLY B 244 -2.88 4.99 23.00
N TYR B 245 -2.05 4.27 23.74
CA TYR B 245 -2.02 4.45 25.19
C TYR B 245 -1.37 5.78 25.60
N LEU B 246 -0.72 6.46 24.66
CA LEU B 246 -0.21 7.81 24.93
C LEU B 246 -1.28 8.89 24.79
N VAL B 247 -2.44 8.53 24.25
CA VAL B 247 -3.45 9.53 23.92
C VAL B 247 -4.60 9.47 24.94
N ASP B 248 -4.96 10.64 25.46
CA ASP B 248 -5.99 10.72 26.47
C ASP B 248 -7.35 11.21 25.93
N ILE B 249 -7.32 12.16 24.99
CA ILE B 249 -8.54 12.70 24.37
C ILE B 249 -8.31 12.84 22.86
N VAL B 250 -9.28 12.39 22.07
CA VAL B 250 -9.24 12.63 20.61
C VAL B 250 -10.36 13.62 20.22
N VAL B 251 -10.01 14.58 19.37
CA VAL B 251 -11.00 15.47 18.76
C VAL B 251 -10.97 15.20 17.27
N VAL B 252 -12.13 14.92 16.69
CA VAL B 252 -12.19 14.67 15.25
C VAL B 252 -12.62 15.95 14.54
N ASP B 253 -11.73 16.48 13.69
CA ASP B 253 -12.06 17.59 12.80
C ASP B 253 -12.09 17.11 11.33
N PRO B 254 -13.29 16.82 10.82
CA PRO B 254 -13.44 16.25 9.46
C PRO B 254 -12.93 17.17 8.36
N ASP B 255 -12.86 18.47 8.66
CA ASP B 255 -12.42 19.49 7.70
C ASP B 255 -10.94 19.84 7.81
N GLN B 256 -10.23 19.13 8.69
CA GLN B 256 -8.78 19.27 8.85
C GLN B 256 -8.06 19.28 7.49
N SER B 257 -7.28 20.33 7.25
CA SER B 257 -6.53 20.44 5.99
C SER B 257 -5.03 20.41 6.23
N GLN B 258 -4.29 20.00 5.21
CA GLN B 258 -2.83 19.82 5.32
C GLN B 258 -2.14 21.12 5.72
N LEU B 259 -2.64 22.23 5.15
CA LEU B 259 -2.14 23.58 5.41
C LEU B 259 -3.32 24.51 5.63
N TYR B 260 -3.05 25.72 6.10
CA TYR B 260 -4.10 26.74 6.24
C TYR B 260 -4.83 26.91 4.90
N GLY B 261 -6.14 27.18 4.96
CA GLY B 261 -6.90 27.51 3.76
C GLY B 261 -7.95 26.50 3.31
N GLY B 262 -7.99 25.34 3.96
CA GLY B 262 -9.06 24.38 3.73
C GLY B 262 -9.11 23.72 2.37
N ALA B 263 -8.01 23.78 1.63
CA ALA B 263 -7.90 23.11 0.33
C ALA B 263 -7.96 21.60 0.56
N PRO B 264 -8.54 20.86 -0.39
CA PRO B 264 -8.61 19.41 -0.23
C PRO B 264 -7.20 18.79 -0.14
N VAL B 265 -7.14 17.57 0.38
CA VAL B 265 -5.87 16.84 0.49
C VAL B 265 -5.22 16.69 -0.88
N ASN B 266 -3.93 17.02 -0.94
CA ASN B 266 -3.16 16.87 -2.15
C ASN B 266 -2.27 15.65 -1.92
N ARG B 267 -2.46 14.60 -2.72
CA ARG B 267 -1.78 13.34 -2.49
C ARG B 267 -0.31 13.34 -2.93
N PHE B 268 0.11 14.34 -3.70
CA PHE B 268 1.55 14.55 -3.95
C PHE B 268 2.26 15.02 -2.68
N ILE B 269 1.62 15.92 -1.95
CA ILE B 269 2.11 16.42 -0.66
C ILE B 269 2.16 15.27 0.36
N SER B 270 1.14 14.41 0.32
CA SER B 270 1.09 13.25 1.22
C SER B 270 2.25 12.29 0.99
N GLY B 271 2.85 12.35 -0.20
CA GLY B 271 3.95 11.46 -0.60
C GLY B 271 3.52 10.22 -1.36
N ASP B 272 2.25 10.14 -1.77
CA ASP B 272 1.70 8.92 -2.36
C ASP B 272 1.88 8.77 -3.86
N PHE B 273 2.16 9.90 -4.53
CA PHE B 273 2.33 9.94 -5.99
C PHE B 273 3.50 10.82 -6.37
N THR B 274 4.08 10.53 -7.54
CA THR B 274 5.19 11.29 -8.11
C THR B 274 4.70 12.30 -9.14
N LEU B 275 4.96 13.57 -8.86
CA LEU B 275 4.60 14.67 -9.76
C LEU B 275 5.44 14.60 -11.03
N ASP B 276 4.80 14.86 -12.16
CA ASP B 276 5.48 14.82 -13.45
C ASP B 276 5.98 16.21 -13.81
N LEU B 283 13.32 32.41 -14.91
CA LEU B 283 13.77 33.08 -13.69
C LEU B 283 14.52 34.38 -14.04
N PRO B 284 13.89 35.53 -13.79
CA PRO B 284 14.48 36.84 -14.12
C PRO B 284 15.73 37.15 -13.29
N LEU B 285 16.73 37.75 -13.95
CA LEU B 285 18.00 38.06 -13.31
C LEU B 285 17.89 39.29 -12.42
N ASN B 286 17.52 39.08 -11.17
CA ASN B 286 17.44 40.15 -10.18
C ASN B 286 18.41 39.90 -9.02
N GLN B 287 18.35 40.79 -8.03
CA GLN B 287 19.20 40.73 -6.83
C GLN B 287 19.20 39.33 -6.20
N ARG B 288 18.02 38.74 -6.07
CA ARG B 288 17.85 37.42 -5.47
C ARG B 288 18.55 36.33 -6.27
N LYS B 289 18.36 36.33 -7.59
CA LYS B 289 18.97 35.32 -8.45
C LYS B 289 20.50 35.42 -8.49
N LEU B 290 21.01 36.65 -8.52
CA LEU B 290 22.45 36.88 -8.46
C LEU B 290 23.06 36.22 -7.22
N VAL B 291 22.45 36.46 -6.06
CA VAL B 291 22.94 35.92 -4.79
C VAL B 291 22.84 34.39 -4.77
N ALA B 292 21.69 33.86 -5.18
CA ALA B 292 21.46 32.42 -5.32
C ALA B 292 22.49 31.74 -6.25
N ARG B 293 22.77 32.40 -7.38
CA ARG B 293 23.78 31.91 -8.31
C ARG B 293 25.16 31.79 -7.67
N ARG B 294 25.56 32.83 -6.94
CA ARG B 294 26.87 32.85 -6.27
C ARG B 294 26.90 31.86 -5.11
N ALA B 295 25.75 31.71 -4.43
CA ALA B 295 25.57 30.72 -3.38
C ALA B 295 25.78 29.30 -3.91
N LEU B 296 25.26 29.04 -5.13
CA LEU B 296 25.40 27.74 -5.78
C LEU B 296 26.86 27.34 -6.05
N PHE B 297 27.73 28.35 -6.20
CA PHE B 297 29.17 28.14 -6.39
C PHE B 297 29.79 27.41 -5.21
N GLU B 298 29.11 27.43 -4.06
CA GLU B 298 29.63 26.82 -2.84
C GLU B 298 29.24 25.35 -2.69
N ARG B 300 28.94 21.32 -3.83
CA ARG B 300 29.77 20.30 -4.45
C ARG B 300 28.92 19.07 -4.75
N LYS B 301 29.34 18.25 -5.71
CA LYS B 301 28.66 16.98 -5.96
C LYS B 301 28.64 16.13 -4.70
N GLY B 302 27.47 15.57 -4.41
CA GLY B 302 27.29 14.69 -3.25
C GLY B 302 27.12 15.39 -1.91
N ALA B 303 27.04 16.72 -1.93
CA ALA B 303 26.87 17.49 -0.69
C ALA B 303 25.46 17.37 -0.11
N VAL B 304 25.40 17.36 1.21
CA VAL B 304 24.16 17.42 1.96
C VAL B 304 24.05 18.84 2.48
N GLY B 305 22.99 19.53 2.11
CA GLY B 305 22.84 20.94 2.45
C GLY B 305 21.48 21.30 3.02
N ASN B 306 21.37 22.55 3.46
CA ASN B 306 20.16 23.12 4.01
C ASN B 306 20.08 24.58 3.56
N VAL B 307 18.92 24.99 3.04
CA VAL B 307 18.72 26.37 2.62
C VAL B 307 17.69 27.05 3.51
N GLY B 308 18.10 28.13 4.16
CA GLY B 308 17.19 28.89 5.01
C GLY B 308 16.27 29.83 4.25
N VAL B 309 15.21 30.28 4.93
CA VAL B 309 14.32 31.31 4.40
C VAL B 309 15.12 32.60 4.21
N GLY B 310 14.88 33.27 3.08
CA GLY B 310 15.58 34.52 2.77
C GLY B 310 16.00 34.67 1.32
N ILE B 311 16.98 35.54 1.10
CA ILE B 311 17.42 35.95 -0.24
C ILE B 311 17.91 34.81 -1.14
N ALA B 312 18.47 33.76 -0.53
CA ALA B 312 19.05 32.67 -1.30
C ALA B 312 18.16 31.43 -1.43
N ASP B 313 16.90 31.49 -0.97
CA ASP B 313 16.08 30.29 -0.95
C ASP B 313 15.54 29.84 -2.31
N GLY B 314 16.03 30.48 -3.37
CA GLY B 314 15.74 30.08 -4.75
C GLY B 314 16.84 29.25 -5.37
N ILE B 315 17.88 28.95 -4.57
CA ILE B 315 19.02 28.16 -5.04
C ILE B 315 18.60 26.83 -5.69
N GLY B 316 17.55 26.20 -5.16
CA GLY B 316 16.99 24.98 -5.74
C GLY B 316 16.54 25.16 -7.19
N LEU B 317 15.84 26.25 -7.45
CA LEU B 317 15.40 26.60 -8.81
C LEU B 317 16.57 26.93 -9.76
N VAL B 318 17.58 27.62 -9.24
CA VAL B 318 18.80 27.95 -10.00
C VAL B 318 19.58 26.67 -10.36
N ALA B 319 19.70 25.74 -9.42
CA ALA B 319 20.38 24.47 -9.67
C ALA B 319 19.69 23.70 -10.79
N ARG B 320 18.36 23.72 -10.77
CA ARG B 320 17.54 23.08 -11.80
C ARG B 320 17.81 23.72 -13.15
N GLU B 321 17.85 25.05 -13.20
CA GLU B 321 18.20 25.80 -14.41
C GLU B 321 19.59 25.46 -14.95
N GLU B 322 20.53 25.22 -14.05
CA GLU B 322 21.89 24.85 -14.43
C GLU B 322 22.07 23.33 -14.63
N GLY B 323 21.01 22.58 -14.35
CA GLY B 323 20.99 21.13 -14.58
C GLY B 323 21.73 20.26 -13.58
N CYS B 324 21.95 20.78 -12.36
CA CYS B 324 22.71 20.02 -11.36
C CYS B 324 21.93 19.73 -10.06
N ALA B 325 20.60 19.83 -10.14
CA ALA B 325 19.73 19.65 -8.97
C ALA B 325 19.80 18.23 -8.38
N ASP B 326 20.04 17.24 -9.23
CA ASP B 326 20.12 15.85 -8.79
C ASP B 326 21.52 15.44 -8.29
N ASP B 327 22.46 16.37 -8.31
CA ASP B 327 23.84 16.09 -7.90
C ASP B 327 24.09 16.28 -6.40
N PHE B 328 23.16 16.95 -5.72
CA PHE B 328 23.24 17.15 -4.27
C PHE B 328 21.88 16.93 -3.62
N ILE B 329 21.83 16.94 -2.29
CA ILE B 329 20.58 16.73 -1.56
C ILE B 329 20.40 17.85 -0.52
N LEU B 330 19.22 18.46 -0.54
CA LEU B 330 18.87 19.48 0.44
C LEU B 330 17.91 18.85 1.44
N THR B 331 18.14 19.14 2.72
CA THR B 331 17.32 18.63 3.80
C THR B 331 16.69 19.82 4.55
N VAL B 332 15.58 19.55 5.22
CA VAL B 332 14.85 20.57 5.97
C VAL B 332 14.88 20.17 7.43
N GLU B 333 15.08 21.15 8.31
CA GLU B 333 15.27 20.89 9.73
C GLU B 333 14.06 20.20 10.39
N THR B 334 12.88 20.33 9.77
CA THR B 334 11.64 19.77 10.31
C THR B 334 11.42 18.30 9.94
N GLY B 335 12.27 17.77 9.05
CA GLY B 335 12.18 16.37 8.67
C GLY B 335 12.29 15.97 7.21
N PRO B 336 11.62 16.66 6.28
CA PRO B 336 11.64 16.26 4.88
C PRO B 336 13.05 16.32 4.24
N ILE B 337 13.33 15.33 3.41
CA ILE B 337 14.62 15.22 2.73
C ILE B 337 14.39 15.23 1.22
N GLY B 338 15.01 16.20 0.55
CA GLY B 338 14.87 16.34 -0.89
C GLY B 338 13.49 16.81 -1.31
N GLY B 339 13.18 16.64 -2.58
CA GLY B 339 11.89 17.08 -3.10
C GLY B 339 12.02 18.38 -3.87
N ILE B 340 10.93 18.77 -4.51
CA ILE B 340 10.91 19.97 -5.35
C ILE B 340 9.72 20.87 -5.03
N THR B 341 9.81 22.14 -5.44
CA THR B 341 8.67 23.04 -5.43
C THR B 341 8.03 23.03 -6.82
N SER B 342 6.75 22.68 -6.88
CA SER B 342 6.01 22.72 -8.12
C SER B 342 5.47 24.13 -8.39
N GLY B 348 3.88 26.04 0.86
CA GLY B 348 4.73 25.68 1.98
C GLY B 348 5.09 24.21 2.12
N ALA B 349 4.88 23.42 1.06
CA ALA B 349 5.20 21.99 1.09
C ALA B 349 5.89 21.56 -0.21
N ASN B 350 6.85 20.67 -0.09
CA ASN B 350 7.48 20.09 -1.28
C ASN B 350 6.83 18.78 -1.70
N VAL B 351 7.04 18.39 -2.95
CA VAL B 351 6.59 17.10 -3.45
C VAL B 351 7.79 16.29 -3.94
N ASN B 352 7.56 15.01 -4.23
CA ASN B 352 8.65 14.10 -4.65
C ASN B 352 9.83 14.07 -3.65
N THR B 353 9.54 14.13 -2.35
CA THR B 353 10.58 14.04 -1.33
C THR B 353 11.17 12.64 -1.35
N ARG B 354 12.38 12.49 -0.80
CA ARG B 354 13.05 11.20 -0.80
C ARG B 354 12.88 10.43 0.52
N ALA B 355 12.61 11.17 1.59
CA ALA B 355 12.45 10.62 2.93
C ALA B 355 11.92 11.71 3.83
N ILE B 356 11.31 11.29 4.93
CA ILE B 356 10.87 12.21 5.98
C ILE B 356 11.26 11.59 7.31
N LEU B 357 12.19 12.24 8.02
CA LEU B 357 12.57 11.82 9.37
C LEU B 357 11.77 12.61 10.39
N ASP B 358 11.69 12.12 11.62
CA ASP B 358 11.17 12.95 12.71
C ASP B 358 12.16 14.09 12.95
N THR B 360 13.38 15.61 15.67
CA THR B 360 14.47 15.50 16.67
C THR B 360 15.68 14.76 16.10
N SER B 361 15.43 13.67 15.39
CA SER B 361 16.46 12.91 14.67
C SER B 361 17.23 13.74 13.66
N GLN B 362 16.52 14.62 12.94
CA GLN B 362 17.15 15.53 11.98
C GLN B 362 18.13 16.49 12.67
N PHE B 363 17.73 17.05 13.80
CA PHE B 363 18.61 17.93 14.57
C PHE B 363 19.81 17.20 15.17
N ASP B 364 19.62 15.94 15.59
CA ASP B 364 20.75 15.09 16.02
C ASP B 364 21.83 15.10 14.93
N PHE B 365 21.39 14.86 13.70
CA PHE B 365 22.27 14.83 12.52
C PHE B 365 22.95 16.19 12.26
N TYR B 366 22.19 17.28 12.36
CA TYR B 366 22.73 18.63 12.21
C TYR B 366 23.77 18.98 13.28
N HIS B 367 23.45 18.68 14.54
CA HIS B 367 24.32 18.99 15.68
C HIS B 367 25.67 18.30 15.57
N GLY B 368 25.70 17.10 15.00
CA GLY B 368 26.95 16.37 14.82
C GLY B 368 27.72 16.76 13.57
N GLY B 369 27.28 17.82 12.90
CA GLY B 369 28.02 18.35 11.76
C GLY B 369 27.70 17.63 10.46
N GLY B 370 26.49 17.09 10.37
CA GLY B 370 26.05 16.32 9.20
C GLY B 370 25.91 17.14 7.93
N LEU B 371 25.63 18.44 8.05
CA LEU B 371 25.51 19.26 6.85
C LEU B 371 26.89 19.64 6.32
N ASP B 372 27.11 19.42 5.02
CA ASP B 372 28.30 19.88 4.33
C ASP B 372 28.27 21.40 4.09
N VAL B 373 27.07 21.93 3.84
CA VAL B 373 26.91 23.34 3.53
C VAL B 373 25.54 23.77 4.02
N CYS B 374 25.46 25.00 4.53
CA CYS B 374 24.17 25.61 4.83
C CYS B 374 24.14 27.05 4.34
N TYR B 375 22.94 27.51 3.99
CA TYR B 375 22.74 28.85 3.47
C TYR B 375 21.76 29.57 4.38
N LEU B 376 22.22 30.67 4.98
CA LEU B 376 21.44 31.39 5.98
C LEU B 376 21.41 32.88 5.72
N SER B 377 20.28 33.51 6.04
CA SER B 377 20.13 34.95 5.93
C SER B 377 20.71 35.63 7.17
N PHE B 378 21.14 36.87 7.00
CA PHE B 378 21.61 37.70 8.12
C PHE B 378 20.89 39.04 8.16
N ALA B 379 20.71 39.58 9.36
CA ALA B 379 20.20 40.93 9.53
C ALA B 379 21.38 41.88 9.69
N GLU B 380 22.31 41.51 10.56
CA GLU B 380 23.50 42.31 10.82
C GLU B 380 24.73 41.44 10.98
N VAL B 381 25.89 41.99 10.59
CA VAL B 381 27.18 41.32 10.74
C VAL B 381 28.15 42.32 11.39
N ASP B 382 28.96 41.84 12.32
CA ASP B 382 29.96 42.73 12.92
C ASP B 382 31.42 42.38 12.55
N GLN B 383 32.37 43.14 13.10
CA GLN B 383 33.78 43.05 12.73
C GLN B 383 34.42 41.71 13.07
N HIS B 384 33.87 41.02 14.07
CA HIS B 384 34.37 39.72 14.51
C HIS B 384 33.75 38.59 13.71
N GLY B 385 32.91 38.96 12.74
CA GLY B 385 32.19 37.97 11.93
C GLY B 385 30.92 37.43 12.58
N ASN B 386 30.56 37.97 13.76
CA ASN B 386 29.32 37.60 14.42
C ASN B 386 28.11 38.01 13.58
N VAL B 387 27.05 37.20 13.64
CA VAL B 387 25.82 37.47 12.92
C VAL B 387 24.66 37.58 13.90
N GLY B 388 23.79 38.55 13.65
CA GLY B 388 22.60 38.77 14.47
C GLY B 388 21.35 38.54 13.65
N VAL B 389 20.38 37.84 14.23
CA VAL B 389 19.16 37.43 13.54
C VAL B 389 17.92 37.36 14.46
N HIS B 390 18.14 37.09 15.75
CA HIS B 390 17.03 36.81 16.68
C HIS B 390 16.30 38.05 17.22
N LYS B 391 16.99 39.19 17.22
CA LYS B 391 16.41 40.46 17.65
C LYS B 391 16.81 41.58 16.70
N PHE B 392 15.86 42.44 16.35
CA PHE B 392 16.15 43.58 15.47
C PHE B 392 15.11 44.67 15.62
N ASN B 393 15.57 45.90 15.81
CA ASN B 393 14.69 47.08 15.91
C ASN B 393 13.67 46.94 17.05
N GLY B 394 14.10 46.36 18.16
CA GLY B 394 13.23 46.14 19.31
C GLY B 394 12.18 45.05 19.09
N LYS B 395 12.37 44.25 18.04
CA LYS B 395 11.42 43.21 17.69
C LYS B 395 12.06 41.83 17.86
N ILE B 396 11.30 40.88 18.42
CA ILE B 396 11.81 39.53 18.66
C ILE B 396 11.47 38.56 17.52
N GLY B 398 13.49 35.45 17.22
CA GLY B 398 13.87 34.11 17.66
C GLY B 398 14.82 33.46 16.66
N THR B 399 15.24 32.23 16.96
CA THR B 399 16.28 31.54 16.20
C THR B 399 15.74 30.66 15.08
N GLY B 400 14.64 29.95 15.34
CA GLY B 400 14.29 28.80 14.53
C GLY B 400 15.45 27.81 14.69
N GLY B 401 15.87 27.19 13.60
CA GLY B 401 17.02 26.27 13.63
C GLY B 401 18.35 26.94 13.35
N PHE B 402 18.37 28.28 13.28
CA PHE B 402 19.57 29.05 12.91
C PHE B 402 20.83 28.65 13.69
N ILE B 403 20.72 28.51 15.01
CA ILE B 403 21.87 28.15 15.85
C ILE B 403 22.24 26.67 15.71
N ASP B 404 21.25 25.81 15.55
CA ASP B 404 21.47 24.38 15.37
C ASP B 404 22.22 24.11 14.07
N ILE B 405 21.96 24.95 13.06
CA ILE B 405 22.53 24.78 11.73
C ILE B 405 23.89 25.48 11.61
N SER B 406 24.00 26.70 12.12
CA SER B 406 25.25 27.46 12.00
C SER B 406 26.30 27.13 13.06
N ALA B 407 25.96 26.28 14.03
CA ALA B 407 26.94 25.95 15.08
C ALA B 407 28.05 25.02 14.61
N THR B 408 27.73 24.05 13.75
CA THR B 408 28.70 22.99 13.39
C THR B 408 28.70 22.53 11.94
N SER B 409 27.90 23.13 11.07
CA SER B 409 27.92 22.77 9.64
C SER B 409 29.28 23.13 9.03
N LYS B 410 29.77 22.28 8.12
CA LYS B 410 31.16 22.38 7.63
C LYS B 410 31.45 23.69 6.89
N LYS B 411 30.53 24.09 6.01
CA LYS B 411 30.56 25.39 5.34
C LYS B 411 29.31 26.17 5.71
N ILE B 412 29.51 27.41 6.19
CA ILE B 412 28.39 28.28 6.53
C ILE B 412 28.37 29.45 5.58
N ILE B 413 27.29 29.53 4.80
CA ILE B 413 27.17 30.56 3.77
C ILE B 413 26.10 31.58 4.15
N PHE B 414 26.54 32.73 4.65
CA PHE B 414 25.62 33.81 4.97
C PHE B 414 25.33 34.62 3.72
N CYS B 415 24.04 34.86 3.47
CA CYS B 415 23.60 35.57 2.27
C CYS B 415 22.71 36.75 2.63
N GLY B 416 22.92 37.87 1.95
CA GLY B 416 22.15 39.09 2.20
C GLY B 416 22.62 40.24 1.32
N THR B 417 22.36 41.46 1.78
CA THR B 417 22.86 42.67 1.10
C THR B 417 23.80 43.41 2.03
N LEU B 418 24.57 44.35 1.49
CA LEU B 418 25.50 45.13 2.29
C LEU B 418 24.78 46.24 3.05
N THR B 419 23.78 46.84 2.39
CA THR B 419 22.99 47.91 3.00
C THR B 419 21.50 47.59 2.93
N ALA B 420 20.73 48.30 3.72
CA ALA B 420 19.27 48.14 3.74
C ALA B 420 18.57 49.50 3.75
N GLY B 421 17.25 49.48 3.57
CA GLY B 421 16.46 50.71 3.60
C GLY B 421 16.45 51.40 2.26
N SER B 422 15.61 50.89 1.36
CA SER B 422 15.39 51.44 0.02
C SER B 422 16.50 51.16 -1.00
N LEU B 423 17.25 50.09 -0.76
CA LEU B 423 18.25 49.63 -1.73
C LEU B 423 17.58 49.17 -3.02
N LYS B 424 17.97 49.81 -4.13
CA LYS B 424 17.49 49.44 -5.46
C LYS B 424 18.71 49.16 -6.33
N THR B 425 18.76 47.96 -6.88
CA THR B 425 19.88 47.57 -7.71
C THR B 425 19.35 46.83 -8.95
N GLU B 426 20.10 46.92 -10.04
CA GLU B 426 19.79 46.14 -11.23
C GLU B 426 21.05 45.69 -11.94
N ILE B 427 20.95 44.54 -12.61
CA ILE B 427 22.06 43.98 -13.35
C ILE B 427 21.86 44.34 -14.82
N ALA B 428 22.79 45.13 -15.36
CA ALA B 428 22.73 45.60 -16.73
C ALA B 428 24.11 45.59 -17.36
N ASP B 429 24.19 45.16 -18.62
CA ASP B 429 25.44 45.13 -19.41
C ASP B 429 26.56 44.33 -18.73
N GLY B 430 26.16 43.26 -18.02
CA GLY B 430 27.11 42.41 -17.29
C GLY B 430 27.71 43.08 -16.08
N LYS B 431 27.06 44.14 -15.59
CA LYS B 431 27.54 44.93 -14.46
C LYS B 431 26.46 45.12 -13.41
N LEU B 432 26.87 45.36 -12.16
CA LEU B 432 25.95 45.72 -11.11
C LEU B 432 25.73 47.24 -11.13
N ASN B 433 24.48 47.64 -11.25
CA ASN B 433 24.11 49.06 -11.19
C ASN B 433 23.32 49.36 -9.92
N ILE B 434 23.92 50.13 -9.02
CA ILE B 434 23.24 50.56 -7.81
C ILE B 434 22.39 51.79 -8.12
N VAL B 435 21.10 51.56 -8.33
CA VAL B 435 20.15 52.62 -8.68
C VAL B 435 19.85 53.53 -7.48
N GLN B 436 19.70 52.91 -6.31
CA GLN B 436 19.50 53.64 -5.07
C GLN B 436 20.18 52.89 -3.92
N GLU B 437 20.99 53.62 -3.17
CA GLU B 437 21.75 53.02 -2.08
C GLU B 437 20.91 52.92 -0.81
N GLY B 438 21.01 51.78 -0.13
CA GLY B 438 20.38 51.61 1.17
C GLY B 438 21.03 52.54 2.16
N ARG B 439 20.22 53.22 2.98
CA ARG B 439 20.72 54.21 3.93
C ARG B 439 21.22 53.61 5.23
N VAL B 440 20.88 52.34 5.47
CA VAL B 440 21.25 51.64 6.70
C VAL B 440 22.38 50.65 6.45
N LYS B 441 23.41 50.69 7.29
CA LYS B 441 24.53 49.75 7.19
C LYS B 441 24.21 48.44 7.92
N LYS B 442 24.54 47.32 7.29
CA LYS B 442 24.31 46.01 7.89
C LYS B 442 25.59 45.44 8.49
N PHE B 443 26.72 45.96 8.02
CA PHE B 443 28.03 45.58 8.54
C PHE B 443 28.49 46.63 9.55
N ILE B 444 28.31 46.31 10.82
CA ILE B 444 28.50 47.26 11.92
C ILE B 444 29.66 46.83 12.82
N ARG B 445 30.05 47.71 13.73
CA ARG B 445 31.19 47.46 14.63
C ARG B 445 30.91 46.33 15.62
N GLU B 446 29.78 46.40 16.31
CA GLU B 446 29.44 45.45 17.36
C GLU B 446 27.95 45.13 17.33
N LEU B 447 27.62 43.85 17.46
CA LEU B 447 26.23 43.42 17.58
C LEU B 447 25.78 43.60 19.02
N PRO B 448 24.57 44.13 19.23
CA PRO B 448 23.97 44.22 20.56
C PRO B 448 23.64 42.84 21.16
N GLU B 449 23.30 41.87 20.31
CA GLU B 449 23.12 40.48 20.72
C GLU B 449 23.60 39.55 19.61
N ILE B 450 24.27 38.45 19.97
CA ILE B 450 24.89 37.55 19.01
C ILE B 450 24.05 36.28 18.78
N THR B 451 23.78 35.97 17.51
CA THR B 451 23.12 34.70 17.15
C THR B 451 24.12 33.65 16.65
N PHE B 452 25.23 34.13 16.10
CA PHE B 452 26.31 33.28 15.59
C PHE B 452 27.63 33.94 15.98
N SER B 453 28.55 33.14 16.51
CA SER B 453 29.85 33.65 16.94
C SER B 453 30.92 33.30 15.93
N GLY B 454 31.54 34.33 15.36
CA GLY B 454 32.66 34.14 14.42
C GLY B 454 33.85 33.42 15.03
N LYS B 455 34.19 33.77 16.27
CA LYS B 455 35.33 33.17 16.97
C LYS B 455 35.12 31.67 17.21
N ILE B 456 33.90 31.29 17.60
CA ILE B 456 33.61 29.87 17.87
C ILE B 456 33.63 29.08 16.56
N ALA B 457 33.12 29.69 15.49
CA ALA B 457 33.20 29.07 14.16
C ALA B 457 34.64 28.76 13.78
N LEU B 458 35.53 29.74 13.99
CA LEU B 458 36.96 29.54 13.68
C LEU B 458 37.58 28.46 14.57
N GLU B 459 37.24 28.46 15.86
CA GLU B 459 37.71 27.43 16.80
C GLU B 459 37.29 26.04 16.36
N ARG B 460 36.10 25.96 15.74
CA ARG B 460 35.56 24.69 15.28
C ARG B 460 36.03 24.31 13.89
N GLY B 461 36.85 25.17 13.28
CA GLY B 461 37.47 24.89 11.98
C GLY B 461 36.50 24.97 10.81
N LEU B 462 35.49 25.83 10.92
CA LEU B 462 34.45 25.93 9.91
C LEU B 462 34.79 27.00 8.87
N ASP B 463 34.31 26.79 7.65
CA ASP B 463 34.54 27.70 6.53
C ASP B 463 33.34 28.64 6.38
N VAL B 464 33.52 29.90 6.71
CA VAL B 464 32.43 30.88 6.75
C VAL B 464 32.52 31.90 5.62
N ARG B 465 31.42 32.07 4.88
CA ARG B 465 31.34 32.99 3.76
C ARG B 465 30.22 34.01 4.01
N TYR B 466 30.40 35.22 3.50
CA TYR B 466 29.34 36.22 3.51
C TYR B 466 29.16 36.73 2.08
N ILE B 467 27.99 36.46 1.50
CA ILE B 467 27.69 36.82 0.11
C ILE B 467 26.65 37.95 0.06
N THR B 468 27.03 39.08 -0.54
CA THR B 468 26.10 40.16 -0.85
C THR B 468 26.04 40.35 -2.36
N GLU B 469 25.13 41.20 -2.84
CA GLU B 469 25.05 41.49 -4.27
C GLU B 469 26.34 42.10 -4.85
N ARG B 470 27.08 42.84 -4.04
CA ARG B 470 28.23 43.62 -4.53
C ARG B 470 29.60 43.14 -4.06
N ALA B 471 29.61 42.20 -3.12
CA ALA B 471 30.85 41.79 -2.46
C ALA B 471 30.72 40.46 -1.77
N VAL B 472 31.82 39.72 -1.71
CA VAL B 472 31.91 38.44 -1.01
C VAL B 472 33.05 38.48 0.00
N PHE B 473 32.77 38.01 1.22
CA PHE B 473 33.75 37.98 2.31
C PHE B 473 33.98 36.54 2.80
N THR B 474 35.15 36.27 3.35
CA THR B 474 35.42 35.03 4.08
C THR B 474 35.96 35.38 5.47
N LEU B 475 35.51 34.65 6.49
CA LEU B 475 36.01 34.89 7.84
C LEU B 475 37.34 34.19 8.06
N LYS B 476 38.32 34.96 8.52
CA LYS B 476 39.64 34.43 8.89
C LYS B 476 40.04 34.95 10.27
N GLU B 477 41.17 34.46 10.78
CA GLU B 477 41.62 34.80 12.13
C GLU B 477 41.75 36.31 12.41
N ASP B 478 42.12 37.07 11.38
CA ASP B 478 42.29 38.52 11.52
C ASP B 478 41.08 39.35 11.07
N GLY B 479 39.95 38.67 10.88
CA GLY B 479 38.68 39.33 10.55
C GLY B 479 38.11 38.92 9.21
N LEU B 480 37.13 39.70 8.74
CA LEU B 480 36.53 39.49 7.43
C LEU B 480 37.50 39.94 6.34
N HIS B 481 37.74 39.03 5.40
CA HIS B 481 38.52 39.34 4.22
C HIS B 481 37.60 39.56 3.05
N LEU B 482 37.72 40.73 2.40
CA LEU B 482 37.03 40.95 1.13
C LEU B 482 37.75 40.18 0.00
N ILE B 483 37.08 39.19 -0.55
CA ILE B 483 37.69 38.30 -1.56
C ILE B 483 37.14 38.49 -2.99
N GLU B 484 35.95 39.08 -3.12
CA GLU B 484 35.32 39.33 -4.42
C GLU B 484 34.53 40.63 -4.45
N ILE B 485 34.59 41.33 -5.59
CA ILE B 485 33.84 42.56 -5.85
C ILE B 485 33.04 42.40 -7.13
N ALA B 486 31.79 42.87 -7.14
CA ALA B 486 30.99 42.84 -8.36
C ALA B 486 31.56 43.82 -9.38
N PRO B 487 31.59 43.45 -10.67
CA PRO B 487 31.89 44.40 -11.74
C PRO B 487 30.89 45.55 -11.74
N GLY B 488 31.39 46.75 -11.92
CA GLY B 488 30.54 47.95 -11.95
C GLY B 488 30.38 48.64 -10.60
N VAL B 489 31.12 48.18 -9.60
CA VAL B 489 31.00 48.71 -8.24
C VAL B 489 32.33 49.31 -7.76
N ASP B 490 32.26 50.43 -7.06
CA ASP B 490 33.47 51.09 -6.56
C ASP B 490 33.86 50.61 -5.16
N LEU B 491 35.10 50.13 -5.03
CA LEU B 491 35.62 49.61 -3.76
C LEU B 491 35.42 50.60 -2.63
N GLN B 492 35.93 51.82 -2.80
CA GLN B 492 35.91 52.81 -1.74
C GLN B 492 34.52 53.29 -1.35
N LYS B 493 33.75 53.80 -2.31
CA LYS B 493 32.48 54.43 -1.94
C LYS B 493 31.23 53.54 -1.98
N ASP B 494 31.30 52.40 -2.67
CA ASP B 494 30.18 51.47 -2.69
C ASP B 494 30.32 50.32 -1.70
N ILE B 495 31.54 50.09 -1.21
CA ILE B 495 31.77 49.04 -0.22
C ILE B 495 32.33 49.57 1.09
N LEU B 496 33.58 50.05 1.06
CA LEU B 496 34.27 50.50 2.29
C LEU B 496 33.53 51.61 3.03
N ASP B 497 33.05 52.60 2.28
CA ASP B 497 32.28 53.71 2.85
C ASP B 497 30.96 53.24 3.47
N LYS B 498 30.47 52.07 3.04
CA LYS B 498 29.16 51.56 3.46
C LYS B 498 29.23 50.52 4.58
N ASP B 500 30.83 49.84 8.78
CA ASP B 500 31.30 50.51 9.98
C ASP B 500 32.64 50.01 10.50
N PHE B 501 33.21 49.03 9.81
CA PHE B 501 34.55 48.57 10.09
C PHE B 501 35.35 48.37 8.81
N THR B 502 36.67 48.16 8.96
CA THR B 502 37.54 47.93 7.82
C THR B 502 37.84 46.44 7.66
N PRO B 503 37.39 45.85 6.55
CA PRO B 503 37.73 44.47 6.25
C PRO B 503 39.16 44.39 5.73
N VAL B 504 39.76 43.21 5.84
CA VAL B 504 41.06 42.95 5.21
C VAL B 504 40.79 42.76 3.73
N ILE B 505 41.60 43.39 2.89
CA ILE B 505 41.45 43.24 1.45
C ILE B 505 42.39 42.11 1.02
N SER B 506 41.81 41.02 0.52
CA SER B 506 42.57 39.85 0.09
C SER B 506 43.58 40.24 -0.98
N PRO B 507 44.83 39.78 -0.84
CA PRO B 507 45.83 39.97 -1.88
C PRO B 507 45.36 39.41 -3.24
N GLU B 508 44.44 38.45 -3.21
CA GLU B 508 43.91 37.86 -4.43
C GLU B 508 42.47 38.31 -4.73
N LEU B 509 42.15 39.53 -4.33
CA LEU B 509 40.84 40.14 -4.60
C LEU B 509 40.54 40.12 -6.10
N LYS B 510 39.39 39.56 -6.45
CA LYS B 510 39.00 39.46 -7.85
C LYS B 510 37.56 39.92 -8.09
N LEU B 511 37.25 40.23 -9.33
CA LEU B 511 35.87 40.51 -9.73
C LEU B 511 35.04 39.25 -9.57
N ASP B 513 32.42 36.45 -10.65
CA ASP B 513 32.38 35.77 -11.94
C ASP B 513 31.44 36.44 -12.94
N GLU B 514 31.95 36.71 -14.12
CA GLU B 514 31.23 37.41 -15.19
C GLU B 514 29.89 36.76 -15.55
N ARG B 515 29.86 35.43 -15.57
CA ARG B 515 28.65 34.68 -15.93
C ARG B 515 27.47 34.92 -14.97
N LEU B 516 27.78 35.31 -13.73
CA LEU B 516 26.74 35.61 -12.73
C LEU B 516 25.83 36.75 -13.16
N PHE B 517 26.39 37.68 -13.93
CA PHE B 517 25.69 38.91 -14.30
C PHE B 517 25.10 38.87 -15.70
N ILE B 518 25.26 37.72 -16.38
CA ILE B 518 24.69 37.53 -17.71
C ILE B 518 23.39 36.73 -17.65
N ASP B 519 22.35 37.28 -18.29
CA ASP B 519 21.02 36.69 -18.29
C ASP B 519 20.89 35.52 -19.29
N ALA B 520 21.56 34.41 -18.95
CA ALA B 520 21.55 33.18 -19.73
C ALA B 520 22.22 32.09 -18.90
N ALA B 521 21.90 30.83 -19.19
CA ALA B 521 22.48 29.68 -18.46
C ALA B 521 23.99 29.81 -18.32
N GLY B 523 26.32 27.63 -17.71
CA GLY B 523 27.15 26.48 -18.03
C GLY B 523 27.93 26.05 -16.80
N PHE B 524 27.31 26.20 -15.62
CA PHE B 524 27.97 25.93 -14.36
C PHE B 524 28.07 24.44 -14.07
N VAL B 525 29.28 23.98 -13.77
CA VAL B 525 29.52 22.58 -13.42
C VAL B 525 29.91 22.48 -11.95
N LEU B 526 29.20 21.63 -11.22
CA LEU B 526 29.50 21.38 -9.81
C LEU B 526 30.85 20.68 -9.65
N PRO B 527 31.72 21.24 -8.80
CA PRO B 527 32.99 20.56 -8.46
C PRO B 527 32.74 19.16 -7.92
N GLU B 528 33.67 18.25 -8.18
CA GLU B 528 33.51 16.85 -7.82
C GLU B 528 33.52 16.64 -6.31
N ALA B 529 33.02 15.48 -5.87
CA ALA B 529 32.98 15.11 -4.46
C ALA B 529 34.37 15.10 -3.84
N VAL C 4 39.10 5.80 4.79
CA VAL C 4 39.13 5.63 3.31
C VAL C 4 37.92 4.81 2.88
N LYS C 5 37.05 5.44 2.09
CA LYS C 5 35.78 4.82 1.64
C LYS C 5 35.71 4.85 0.12
N PRO C 6 35.14 3.81 -0.50
CA PRO C 6 34.96 3.79 -1.95
C PRO C 6 34.12 4.99 -2.41
N PRO C 7 34.50 5.64 -3.50
CA PRO C 7 33.77 6.80 -4.00
C PRO C 7 32.43 6.42 -4.63
N ARG C 8 31.45 7.32 -4.54
CA ARG C 8 30.19 7.13 -5.21
C ARG C 8 30.33 7.58 -6.67
N ILE C 9 29.80 6.79 -7.59
CA ILE C 9 29.84 7.11 -9.01
C ILE C 9 28.46 7.58 -9.47
N ASN C 10 28.41 8.83 -9.95
CA ASN C 10 27.15 9.48 -10.35
C ASN C 10 26.06 9.42 -9.26
N GLY C 11 26.47 9.53 -8.01
CA GLY C 11 25.54 9.51 -6.88
C GLY C 11 25.14 8.12 -6.38
N ARG C 12 25.50 7.09 -7.13
CA ARG C 12 25.14 5.71 -6.75
C ARG C 12 25.98 5.18 -5.59
N VAL C 13 25.33 4.56 -4.62
CA VAL C 13 26.05 3.99 -3.47
C VAL C 13 26.89 2.79 -3.91
N PRO C 14 28.16 2.74 -3.47
CA PRO C 14 29.03 1.62 -3.80
C PRO C 14 28.44 0.27 -3.34
N VAL C 15 28.37 -0.68 -4.27
CA VAL C 15 27.87 -2.02 -3.95
C VAL C 15 29.04 -2.98 -4.07
N LEU C 16 29.30 -3.71 -3.00
CA LEU C 16 30.46 -4.61 -2.90
C LEU C 16 30.04 -5.92 -2.28
N SER C 17 30.84 -6.97 -2.46
CA SER C 17 30.67 -8.21 -1.71
C SER C 17 31.03 -7.93 -0.25
N ALA C 18 30.52 -8.76 0.65
CA ALA C 18 30.85 -8.64 2.07
C ALA C 18 32.35 -8.75 2.31
N GLN C 19 33.01 -9.65 1.57
CA GLN C 19 34.46 -9.82 1.63
C GLN C 19 35.22 -8.53 1.28
N GLU C 20 34.81 -7.89 0.19
CA GLU C 20 35.40 -6.60 -0.22
C GLU C 20 35.10 -5.49 0.79
N ALA C 21 33.88 -5.46 1.30
CA ALA C 21 33.46 -4.42 2.24
C ALA C 21 34.30 -4.39 3.51
N VAL C 22 34.55 -5.56 4.10
CA VAL C 22 35.26 -5.64 5.41
C VAL C 22 36.76 -5.32 5.30
N ASN C 23 37.29 -5.33 4.07
CA ASN C 23 38.66 -4.86 3.80
C ASN C 23 38.88 -3.40 4.15
N TYR C 24 37.79 -2.66 4.31
CA TYR C 24 37.83 -1.24 4.67
C TYR C 24 37.89 -0.97 6.17
N ILE C 25 37.87 -2.02 6.99
CA ILE C 25 37.99 -1.88 8.44
C ILE C 25 39.46 -1.90 8.86
N PRO C 26 39.96 -0.79 9.41
CA PRO C 26 41.34 -0.72 9.90
C PRO C 26 41.52 -1.33 11.27
N ASP C 27 42.78 -1.51 11.67
CA ASP C 27 43.13 -1.89 13.03
C ASP C 27 42.57 -0.86 14.00
N GLU C 28 42.17 -1.32 15.18
CA GLU C 28 41.69 -0.48 16.29
C GLU C 28 40.36 0.23 16.04
N ALA C 29 39.68 -0.12 14.95
CA ALA C 29 38.35 0.44 14.69
C ALA C 29 37.34 0.11 15.78
N THR C 30 36.45 1.05 16.06
CA THR C 30 35.30 0.79 16.94
C THR C 30 34.11 0.38 16.07
N LEU C 31 33.73 -0.89 16.17
CA LEU C 31 32.65 -1.44 15.35
C LEU C 31 31.33 -1.55 16.12
N CYS C 32 30.26 -1.00 15.53
CA CYS C 32 28.92 -1.13 16.11
C CYS C 32 28.08 -2.07 15.27
N VAL C 33 27.53 -3.10 15.91
CA VAL C 33 26.79 -4.15 15.21
C VAL C 33 25.30 -4.10 15.56
N LEU C 34 24.47 -3.86 14.56
CA LEU C 34 23.01 -3.85 14.71
C LEU C 34 22.45 -5.27 14.88
N GLY C 35 21.38 -5.40 15.65
CA GLY C 35 20.66 -6.66 15.69
C GLY C 35 20.21 -7.10 17.07
N ALA C 36 19.24 -8.00 17.11
CA ALA C 36 18.74 -8.57 18.35
C ALA C 36 18.85 -10.08 18.26
N GLY C 37 18.21 -10.79 19.20
CA GLY C 37 18.37 -12.24 19.30
C GLY C 37 17.77 -13.01 18.14
N GLY C 38 18.39 -14.15 17.82
CA GLY C 38 17.87 -15.08 16.83
C GLY C 38 17.84 -14.58 15.39
N GLY C 39 18.77 -13.70 15.04
CA GLY C 39 18.89 -13.22 13.65
C GLY C 39 18.14 -11.96 13.28
N ILE C 40 17.42 -11.38 14.23
CA ILE C 40 16.64 -10.17 13.98
C ILE C 40 17.54 -9.00 13.54
N LEU C 41 17.32 -8.51 12.32
CA LEU C 41 18.06 -7.35 11.78
C LEU C 41 19.59 -7.47 11.80
N GLU C 42 20.10 -8.69 11.68
CA GLU C 42 21.55 -8.93 11.76
C GLU C 42 22.19 -8.97 10.39
N ALA C 43 23.21 -8.15 10.16
CA ALA C 43 23.96 -8.18 8.90
C ALA C 43 24.95 -9.37 8.91
N THR C 44 24.37 -10.57 8.83
CA THR C 44 25.09 -11.82 8.99
C THR C 44 26.26 -11.99 8.03
N THR C 45 26.11 -11.56 6.78
CA THR C 45 27.19 -11.74 5.80
C THR C 45 28.41 -10.88 6.13
N LEU C 46 28.20 -9.75 6.79
CA LEU C 46 29.31 -8.87 7.18
C LEU C 46 30.08 -9.43 8.38
N ILE C 47 29.35 -9.93 9.37
CA ILE C 47 29.95 -10.62 10.51
C ILE C 47 30.75 -11.86 10.04
N THR C 48 30.17 -12.64 9.13
CA THR C 48 30.82 -13.83 8.57
C THR C 48 32.10 -13.46 7.82
N ALA C 49 32.03 -12.40 7.01
CA ALA C 49 33.18 -11.92 6.23
C ALA C 49 34.31 -11.42 7.12
N LEU C 50 33.97 -10.69 8.18
CA LEU C 50 34.99 -10.18 9.08
C LEU C 50 35.70 -11.33 9.80
N ALA C 51 34.91 -12.28 10.31
CA ALA C 51 35.45 -13.43 11.02
C ALA C 51 36.35 -14.30 10.15
N ASP C 52 35.99 -14.40 8.88
CA ASP C 52 36.77 -15.16 7.90
C ASP C 52 38.07 -14.46 7.56
N LYS C 53 38.03 -13.14 7.38
CA LYS C 53 39.24 -12.36 7.10
C LYS C 53 40.26 -12.49 8.23
N TYR C 54 39.79 -12.39 9.47
CA TYR C 54 40.69 -12.55 10.61
C TYR C 54 41.22 -13.99 10.70
N LYS C 55 40.36 -14.96 10.44
CA LYS C 55 40.77 -16.37 10.48
C LYS C 55 41.90 -16.63 9.48
N GLN C 56 41.81 -16.01 8.31
CA GLN C 56 42.75 -16.22 7.22
C GLN C 56 44.03 -15.39 7.30
N THR C 57 43.92 -14.14 7.80
CA THR C 57 45.02 -13.17 7.74
C THR C 57 45.45 -12.59 9.09
N GLN C 58 44.72 -12.90 10.15
CA GLN C 58 44.95 -12.29 11.48
C GLN C 58 44.88 -10.75 11.47
N THR C 59 44.10 -10.20 10.55
CA THR C 59 43.79 -8.77 10.51
C THR C 59 42.27 -8.63 10.25
N PRO C 60 41.65 -7.51 10.63
CA PRO C 60 42.28 -6.41 11.38
C PRO C 60 42.46 -6.80 12.85
N ARG C 61 43.17 -5.98 13.61
CA ARG C 61 43.46 -6.32 15.01
C ARG C 61 42.92 -5.30 15.99
N ASN C 62 42.66 -5.77 17.21
CA ASN C 62 42.37 -4.91 18.35
C ASN C 62 41.17 -3.98 18.15
N LEU C 63 40.11 -4.56 17.60
CA LEU C 63 38.84 -3.85 17.43
C LEU C 63 38.15 -3.61 18.77
N SER C 64 37.36 -2.55 18.81
CA SER C 64 36.44 -2.31 19.92
C SER C 64 35.03 -2.59 19.40
N ILE C 65 34.22 -3.28 20.18
CA ILE C 65 32.86 -3.64 19.74
C ILE C 65 31.85 -2.91 20.61
N ILE C 66 30.82 -2.36 19.97
CA ILE C 66 29.63 -1.89 20.70
C ILE C 66 28.44 -2.64 20.16
N SER C 67 27.71 -3.30 21.05
CA SER C 67 26.52 -4.05 20.68
C SER C 67 25.37 -3.60 21.57
N PRO C 68 24.51 -2.69 21.09
CA PRO C 68 23.40 -2.17 21.89
C PRO C 68 22.52 -3.29 22.45
N THR C 69 22.13 -4.22 21.57
CA THR C 69 21.33 -5.39 21.94
C THR C 69 22.21 -6.61 21.75
N GLY C 70 21.84 -7.72 22.37
CA GLY C 70 22.58 -8.97 22.21
C GLY C 70 22.17 -9.68 20.94
N LEU C 71 23.16 -9.99 20.11
CA LEU C 71 22.92 -10.78 18.91
C LEU C 71 23.19 -12.24 19.22
N GLY C 72 22.54 -13.13 18.49
CA GLY C 72 22.90 -14.54 18.51
C GLY C 72 21.87 -15.51 19.01
N ASP C 73 22.34 -16.75 19.21
CA ASP C 73 21.49 -17.90 19.57
C ASP C 73 21.98 -18.53 20.88
N ARG C 74 22.61 -17.71 21.73
CA ARG C 74 23.24 -18.19 22.98
C ARG C 74 24.28 -19.31 22.76
N ALA C 75 24.91 -19.29 21.58
CA ALA C 75 25.93 -20.29 21.21
C ALA C 75 26.97 -19.68 20.26
N ASP C 76 27.11 -20.26 19.06
CA ASP C 76 28.20 -19.87 18.16
C ASP C 76 27.82 -18.83 17.10
N ARG C 77 26.56 -18.38 17.11
CA ARG C 77 26.11 -17.36 16.16
C ARG C 77 26.20 -15.94 16.78
N GLY C 78 25.50 -14.97 16.20
CA GLY C 78 25.61 -13.57 16.65
C GLY C 78 27.02 -13.05 16.38
N ILE C 79 27.64 -12.45 17.40
CA ILE C 79 29.02 -11.98 17.26
C ILE C 79 30.03 -12.96 17.89
N SER C 80 29.55 -14.11 18.33
CA SER C 80 30.46 -15.17 18.75
C SER C 80 31.63 -15.45 17.77
N PRO C 81 31.41 -15.42 16.45
CA PRO C 81 32.52 -15.58 15.49
C PRO C 81 33.65 -14.53 15.60
N LEU C 82 33.37 -13.39 16.22
CA LEU C 82 34.39 -12.34 16.39
C LEU C 82 35.26 -12.57 17.64
N ALA C 83 34.98 -13.63 18.39
CA ALA C 83 35.71 -13.94 19.62
C ALA C 83 36.98 -14.74 19.35
N GLN C 84 37.65 -14.43 18.24
CA GLN C 84 38.95 -15.02 17.94
C GLN C 84 40.01 -14.12 18.59
N GLU C 85 40.92 -14.72 19.37
CA GLU C 85 41.86 -13.91 20.17
C GLU C 85 42.71 -12.98 19.31
N GLY C 86 42.76 -11.72 19.70
CA GLY C 86 43.48 -10.68 18.96
C GLY C 86 42.59 -9.82 18.09
N LEU C 87 41.41 -10.34 17.73
CA LEU C 87 40.46 -9.59 16.89
C LEU C 87 39.77 -8.46 17.66
N VAL C 88 39.30 -8.79 18.86
CA VAL C 88 38.60 -7.84 19.74
C VAL C 88 39.41 -7.61 21.02
N LYS C 89 39.54 -6.35 21.43
CA LYS C 89 40.25 -6.01 22.67
C LYS C 89 39.36 -5.34 23.72
N TRP C 90 38.19 -4.87 23.29
CA TRP C 90 37.35 -3.99 24.11
C TRP C 90 35.91 -4.14 23.64
N ALA C 91 34.98 -4.27 24.59
CA ALA C 91 33.58 -4.41 24.24
C ALA C 91 32.64 -3.72 25.22
N LEU C 92 31.60 -3.11 24.68
CA LEU C 92 30.52 -2.50 25.46
C LEU C 92 29.23 -3.03 24.86
N CYS C 93 28.50 -3.82 25.64
CA CYS C 93 27.27 -4.46 25.16
C CYS C 93 26.13 -4.31 26.14
N GLY C 94 24.91 -4.27 25.63
CA GLY C 94 23.73 -4.11 26.47
C GLY C 94 23.28 -5.44 27.05
N HIS C 95 23.54 -6.52 26.31
CA HIS C 95 23.24 -7.88 26.74
C HIS C 95 24.40 -8.78 26.32
N TRP C 96 24.93 -9.54 27.26
CA TRP C 96 26.12 -10.34 27.02
C TRP C 96 25.84 -11.82 26.77
N GLY C 97 24.77 -12.34 27.39
CA GLY C 97 24.43 -13.77 27.31
C GLY C 97 24.11 -14.33 25.93
N GLN C 98 23.72 -13.47 25.00
CA GLN C 98 23.29 -13.91 23.66
C GLN C 98 24.44 -14.40 22.76
N SER C 99 25.63 -13.82 22.93
CA SER C 99 26.85 -14.28 22.25
C SER C 99 27.92 -14.69 23.27
N PRO C 100 27.82 -15.90 23.80
CA PRO C 100 28.59 -16.33 24.98
C PRO C 100 30.10 -16.55 24.77
N ARG C 101 30.56 -16.65 23.52
CA ARG C 101 32.00 -16.71 23.24
C ARG C 101 32.70 -15.37 23.50
N ILE C 102 31.98 -14.27 23.27
CA ILE C 102 32.48 -12.95 23.64
C ILE C 102 32.47 -12.82 25.17
N SER C 103 31.37 -13.26 25.79
CA SER C 103 31.27 -13.32 27.26
C SER C 103 32.44 -14.09 27.87
N ASP C 104 32.79 -15.21 27.24
CA ASP C 104 33.90 -16.07 27.67
C ASP C 104 35.22 -15.32 27.73
N LEU C 105 35.48 -14.48 26.73
CA LEU C 105 36.69 -13.63 26.71
C LEU C 105 36.71 -12.65 27.86
N ALA C 106 35.55 -12.06 28.16
CA ALA C 106 35.41 -11.16 29.29
C ALA C 106 35.62 -11.87 30.62
N GLU C 107 34.97 -13.02 30.81
CA GLU C 107 35.10 -13.83 32.02
C GLU C 107 36.56 -14.16 32.33
N GLN C 108 37.35 -14.35 31.28
CA GLN C 108 38.75 -14.75 31.39
C GLN C 108 39.72 -13.58 31.35
N ASN C 109 39.20 -12.37 31.49
CA ASN C 109 40.02 -11.15 31.55
C ASN C 109 40.90 -10.94 30.31
N LYS C 110 40.38 -11.35 29.15
CA LYS C 110 41.13 -11.24 27.90
C LYS C 110 40.75 -10.00 27.09
N ILE C 111 39.57 -9.44 27.37
CA ILE C 111 39.15 -8.16 26.81
C ILE C 111 38.68 -7.19 27.91
N ILE C 112 38.69 -5.90 27.61
CA ILE C 112 38.05 -4.88 28.45
C ILE C 112 36.55 -5.02 28.18
N ALA C 113 35.72 -4.93 29.22
CA ALA C 113 34.30 -5.29 29.09
C ALA C 113 33.39 -4.41 29.97
N TYR C 114 32.40 -3.77 29.34
CA TYR C 114 31.44 -2.91 30.03
C TYR C 114 30.00 -3.29 29.71
N ASN C 115 29.11 -3.07 30.67
CA ASN C 115 27.67 -3.22 30.46
C ASN C 115 26.95 -1.94 30.90
N TYR C 116 26.65 -1.06 29.95
CA TYR C 116 25.63 0.00 30.16
C TYR C 116 24.27 -0.68 30.08
N PRO C 117 23.26 -0.19 30.80
CA PRO C 117 21.91 -0.67 30.57
C PRO C 117 21.59 -0.48 29.07
N GLN C 118 20.91 -1.45 28.48
CA GLN C 118 20.67 -1.47 27.04
C GLN C 118 20.03 -0.17 26.52
N GLY C 119 19.05 0.34 27.26
CA GLY C 119 18.37 1.57 26.86
C GLY C 119 19.26 2.79 26.96
N VAL C 120 20.04 2.87 28.02
CA VAL C 120 21.02 3.95 28.17
C VAL C 120 22.04 3.89 27.02
N LEU C 121 22.50 2.67 26.71
CA LEU C 121 23.48 2.45 25.66
C LEU C 121 23.01 3.05 24.34
N THR C 122 21.80 2.70 23.92
CA THR C 122 21.26 3.25 22.69
C THR C 122 21.09 4.79 22.74
N GLN C 123 20.72 5.34 23.89
CA GLN C 123 20.65 6.80 24.06
C GLN C 123 22.03 7.46 23.96
N THR C 124 23.08 6.79 24.46
CA THR C 124 24.45 7.35 24.30
C THR C 124 24.94 7.37 22.85
N LEU C 125 24.48 6.40 22.06
CA LEU C 125 24.82 6.39 20.63
C LEU C 125 24.12 7.54 19.91
N ARG C 126 22.87 7.80 20.29
CA ARG C 126 22.13 8.97 19.80
C ARG C 126 22.79 10.30 20.23
N ALA C 127 23.27 10.37 21.47
CA ALA C 127 24.07 11.50 21.93
C ALA C 127 25.34 11.67 21.08
N ALA C 128 26.03 10.56 20.82
CA ALA C 128 27.24 10.57 19.98
C ALA C 128 26.98 11.12 18.57
N ALA C 129 25.80 10.80 18.02
CA ALA C 129 25.42 11.31 16.70
C ALA C 129 25.36 12.83 16.69
N ALA C 130 24.92 13.40 17.81
CA ALA C 130 24.78 14.86 17.96
C ALA C 130 26.03 15.52 18.56
N HIS C 131 27.09 14.73 18.76
CA HIS C 131 28.34 15.19 19.39
C HIS C 131 28.14 15.70 20.83
N GLN C 132 27.13 15.19 21.51
CA GLN C 132 26.97 15.44 22.94
C GLN C 132 27.91 14.48 23.67
N PRO C 133 28.59 14.95 24.72
CA PRO C 133 29.62 14.13 25.39
C PRO C 133 29.10 12.94 26.21
N GLY C 134 27.85 12.99 26.61
CA GLY C 134 27.27 11.92 27.42
C GLY C 134 25.82 12.18 27.78
N ILE C 135 25.22 11.27 28.54
CA ILE C 135 23.84 11.47 28.98
C ILE C 135 23.69 11.43 30.49
N ILE C 136 22.72 12.18 30.99
CA ILE C 136 22.41 12.20 32.42
C ILE C 136 21.15 11.41 32.68
N SER C 137 21.27 10.35 33.49
CA SER C 137 20.14 9.45 33.74
C SER C 137 20.24 8.88 35.14
N ASP C 138 19.11 8.69 35.81
CA ASP C 138 19.19 7.99 37.10
C ASP C 138 18.95 6.48 37.00
N ILE C 139 18.80 6.01 35.76
CA ILE C 139 18.76 4.58 35.46
C ILE C 139 20.13 3.99 35.83
N GLY C 140 20.14 3.04 36.76
CA GLY C 140 21.38 2.41 37.20
C GLY C 140 21.88 2.75 38.60
N ILE C 141 21.38 3.83 39.17
CA ILE C 141 21.73 4.20 40.55
C ILE C 141 21.48 3.03 41.50
N GLY C 142 22.44 2.74 42.37
CA GLY C 142 22.27 1.70 43.38
C GLY C 142 22.52 0.28 42.89
N THR C 143 22.90 0.15 41.62
CA THR C 143 23.22 -1.17 41.03
C THR C 143 24.70 -1.23 40.67
N PHE C 144 25.12 -2.34 40.05
CA PHE C 144 26.52 -2.53 39.68
C PHE C 144 27.03 -1.49 38.68
N VAL C 145 26.09 -0.84 37.98
CA VAL C 145 26.44 0.18 37.01
C VAL C 145 26.85 1.49 37.71
N ASP C 146 26.34 1.70 38.92
CA ASP C 146 26.70 2.84 39.77
C ASP C 146 28.22 2.82 40.07
N PRO C 147 28.93 3.93 39.84
CA PRO C 147 30.39 3.96 40.06
C PRO C 147 30.80 3.69 41.52
N ARG C 148 29.86 3.87 42.45
CA ARG C 148 30.08 3.50 43.86
C ARG C 148 30.05 2.00 44.08
N GLN C 149 29.56 1.27 43.07
CA GLN C 149 29.67 -0.20 43.08
C GLN C 149 30.74 -0.65 42.06
N GLN C 150 30.35 -1.15 40.89
CA GLN C 150 31.33 -1.61 39.89
C GLN C 150 31.51 -0.68 38.68
N GLY C 151 30.68 0.36 38.58
CA GLY C 151 30.74 1.28 37.44
C GLY C 151 30.50 0.60 36.09
N GLY C 152 29.73 -0.49 36.11
CA GLY C 152 29.43 -1.26 34.90
C GLY C 152 30.59 -2.08 34.34
N LYS C 153 31.69 -2.14 35.08
CA LYS C 153 32.86 -2.91 34.66
C LYS C 153 32.63 -4.38 35.00
N LEU C 154 32.89 -5.27 34.04
CA LEU C 154 32.49 -6.68 34.18
C LEU C 154 33.59 -7.63 34.68
N ASN C 155 34.83 -7.18 34.57
CA ASN C 155 35.95 -8.00 35.04
C ASN C 155 37.02 -7.15 35.72
N GLU C 156 38.10 -7.78 36.15
CA GLU C 156 39.15 -7.08 36.88
C GLU C 156 40.11 -6.25 36.01
N VAL C 157 40.30 -6.67 34.76
CA VAL C 157 41.18 -5.96 33.82
C VAL C 157 40.61 -4.61 33.33
N THR C 158 39.30 -4.46 33.41
CA THR C 158 38.61 -3.23 33.03
C THR C 158 38.77 -2.19 34.14
N LYS C 159 39.38 -1.05 33.81
CA LYS C 159 39.76 -0.05 34.83
C LYS C 159 39.20 1.35 34.62
N GLU C 160 39.20 1.82 33.38
CA GLU C 160 38.81 3.19 33.07
C GLU C 160 37.33 3.46 33.40
N ASP C 161 37.07 4.58 34.08
CA ASP C 161 35.72 4.97 34.47
C ASP C 161 34.98 5.59 33.29
N LEU C 162 33.85 5.01 32.90
CA LEU C 162 32.98 5.61 31.88
C LEU C 162 31.76 6.32 32.49
N ILE C 163 31.49 6.03 33.76
CA ILE C 163 30.30 6.52 34.45
C ILE C 163 30.71 7.30 35.69
N LYS C 164 30.06 8.44 35.92
CA LYS C 164 30.29 9.22 37.13
C LYS C 164 28.99 9.74 37.72
N LEU C 165 29.03 10.01 39.03
CA LEU C 165 27.90 10.53 39.77
C LEU C 165 27.80 12.03 39.57
N VAL C 166 26.62 12.51 39.22
CA VAL C 166 26.36 13.95 39.11
C VAL C 166 25.09 14.30 39.89
N GLU C 167 24.84 15.59 40.10
CA GLU C 167 23.66 16.04 40.83
C GLU C 167 22.94 17.20 40.17
N PHE C 168 21.62 17.10 40.05
CA PHE C 168 20.77 18.18 39.50
C PHE C 168 19.45 18.21 40.25
N ASP C 169 18.97 19.42 40.56
CA ASP C 169 17.67 19.61 41.22
C ASP C 169 17.53 18.83 42.52
N ASN C 170 18.63 18.75 43.28
CA ASN C 170 18.69 18.00 44.54
C ASN C 170 18.42 16.48 44.41
N LYS C 171 18.81 15.92 43.26
CA LYS C 171 18.67 14.48 42.99
C LYS C 171 19.97 13.92 42.38
N GLU C 172 20.27 12.67 42.69
CA GLU C 172 21.43 11.97 42.13
C GLU C 172 21.16 11.44 40.74
N TYR C 173 22.14 11.58 39.86
CA TYR C 173 22.07 11.00 38.54
C TYR C 173 23.42 10.39 38.19
N LEU C 174 23.42 9.50 37.21
CA LEU C 174 24.65 9.00 36.62
C LEU C 174 24.89 9.69 35.30
N TYR C 175 26.14 10.04 35.03
CA TYR C 175 26.51 10.57 33.73
C TYR C 175 27.23 9.45 33.01
N TYR C 176 26.69 9.07 31.86
CA TYR C 176 27.29 8.00 31.04
C TYR C 176 28.00 8.63 29.87
N LYS C 177 29.29 8.31 29.70
CA LYS C 177 30.06 8.83 28.59
C LYS C 177 29.56 8.26 27.26
N ALA C 178 29.48 9.11 26.25
CA ALA C 178 29.02 8.70 24.92
C ALA C 178 30.22 8.31 24.06
N ILE C 179 30.17 7.12 23.49
CA ILE C 179 31.25 6.62 22.64
C ILE C 179 30.72 6.48 21.22
N ALA C 180 31.42 7.09 20.26
CA ALA C 180 31.01 7.03 18.87
C ALA C 180 31.78 5.92 18.13
N PRO C 181 31.07 5.10 17.36
CA PRO C 181 31.74 4.07 16.57
C PRO C 181 32.37 4.62 15.29
N ASP C 182 33.33 3.87 14.75
CA ASP C 182 34.01 4.16 13.48
C ASP C 182 33.40 3.39 12.30
N ILE C 183 32.81 2.22 12.60
CA ILE C 183 32.26 1.34 11.57
C ILE C 183 30.88 0.86 12.04
N ALA C 184 29.96 0.76 11.09
CA ALA C 184 28.64 0.20 11.39
C ALA C 184 28.34 -0.95 10.44
N PHE C 185 27.84 -2.04 11.03
CA PHE C 185 27.19 -3.13 10.27
C PHE C 185 25.69 -3.00 10.51
N ILE C 186 24.97 -2.41 9.56
CA ILE C 186 23.50 -2.30 9.68
C ILE C 186 22.81 -3.13 8.58
N ARG C 187 21.48 -3.15 8.61
CA ARG C 187 20.74 -3.97 7.66
C ARG C 187 19.39 -3.31 7.41
N ALA C 188 18.84 -3.53 6.22
CA ALA C 188 17.46 -3.15 5.89
C ALA C 188 16.89 -4.18 4.92
N THR C 189 15.62 -4.05 4.57
CA THR C 189 15.05 -4.97 3.57
C THR C 189 15.52 -4.62 2.17
N THR C 190 15.37 -3.35 1.82
CA THR C 190 15.52 -2.87 0.44
C THR C 190 16.15 -1.47 0.48
N CYS C 191 16.97 -1.13 -0.52
CA CYS C 191 17.35 0.26 -0.73
C CYS C 191 17.34 0.64 -2.20
N ASP C 192 17.21 1.93 -2.50
CA ASP C 192 17.34 2.37 -3.88
C ASP C 192 18.82 2.53 -4.26
N SER C 193 19.08 2.91 -5.52
CA SER C 193 20.46 2.98 -6.03
C SER C 193 21.34 3.99 -5.27
N GLU C 194 20.71 4.91 -4.53
CA GLU C 194 21.45 5.92 -3.77
C GLU C 194 21.56 5.62 -2.27
N GLY C 195 21.00 4.50 -1.83
CA GLY C 195 21.12 4.07 -0.45
C GLY C 195 19.90 4.27 0.45
N TYR C 196 18.85 4.92 -0.07
CA TYR C 196 17.63 5.17 0.71
C TYR C 196 16.94 3.86 1.03
N ALA C 197 16.80 3.55 2.32
CA ALA C 197 16.40 2.20 2.70
C ALA C 197 15.05 2.07 3.43
N THR C 198 14.33 0.98 3.11
CA THR C 198 13.06 0.63 3.77
C THR C 198 13.20 -0.67 4.56
N PHE C 199 12.29 -0.88 5.50
CA PHE C 199 12.31 -2.02 6.42
C PHE C 199 11.05 -2.87 6.35
N GLU C 200 10.49 -3.01 5.14
CA GLU C 200 9.16 -3.63 5.00
C GLU C 200 9.05 -5.10 5.45
N ASP C 201 10.12 -5.88 5.29
CA ASP C 201 10.10 -7.30 5.69
C ASP C 201 10.77 -7.60 7.02
N GLU C 202 11.40 -6.58 7.61
CA GLU C 202 12.15 -6.77 8.84
C GLU C 202 11.19 -6.93 10.02
N VAL C 203 11.64 -7.65 11.05
CA VAL C 203 10.84 -7.90 12.24
C VAL C 203 10.56 -6.61 13.02
N TYR C 205 12.71 -2.32 13.90
CA TYR C 205 13.63 -1.27 13.45
C TYR C 205 14.90 -1.17 14.29
N LEU C 206 14.79 -1.56 15.56
CA LEU C 206 15.85 -1.35 16.56
C LEU C 206 16.34 0.10 16.50
N ASP C 207 17.67 0.27 16.48
CA ASP C 207 18.27 1.61 16.43
C ASP C 207 19.18 1.82 15.20
N ALA C 208 18.77 1.27 14.07
CA ALA C 208 19.55 1.35 12.82
C ALA C 208 19.91 2.77 12.40
N LEU C 209 18.93 3.67 12.40
CA LEU C 209 19.15 5.09 12.04
C LEU C 209 20.16 5.78 12.97
N VAL C 210 19.94 5.63 14.27
CA VAL C 210 20.84 6.17 15.29
C VAL C 210 22.28 5.66 15.07
N ILE C 211 22.43 4.36 14.85
CA ILE C 211 23.77 3.79 14.58
C ILE C 211 24.41 4.42 13.34
N ALA C 212 23.64 4.53 12.25
CA ALA C 212 24.14 5.15 11.03
C ALA C 212 24.53 6.61 11.23
N GLN C 213 23.73 7.38 11.96
CA GLN C 213 24.07 8.77 12.24
C GLN C 213 25.34 8.90 13.09
N ALA C 214 25.46 8.07 14.13
CA ALA C 214 26.60 8.13 15.04
C ALA C 214 27.93 7.88 14.30
N VAL C 215 27.92 6.88 13.44
CA VAL C 215 29.10 6.52 12.65
C VAL C 215 29.40 7.59 11.58
N HIS C 216 28.37 8.02 10.87
CA HIS C 216 28.52 9.04 9.83
C HIS C 216 29.14 10.32 10.38
N ASN C 217 28.59 10.81 11.50
CA ASN C 217 29.06 12.07 12.09
C ASN C 217 30.40 11.95 12.83
N ASN C 218 30.91 10.73 12.93
CA ASN C 218 32.24 10.46 13.47
C ASN C 218 33.27 10.17 12.37
N GLY C 219 32.95 10.56 11.14
CA GLY C 219 33.84 10.38 9.99
C GLY C 219 34.05 8.91 9.65
N GLY C 220 33.09 8.06 10.00
CA GLY C 220 33.22 6.61 9.82
C GLY C 220 32.64 6.04 8.53
N ILE C 221 32.55 4.71 8.48
CA ILE C 221 32.01 3.99 7.32
C ILE C 221 30.78 3.16 7.71
N VAL C 222 29.64 3.49 7.11
CA VAL C 222 28.40 2.75 7.36
C VAL C 222 28.22 1.69 6.28
N GLN C 225 23.71 -4.17 4.88
CA GLN C 225 23.25 -5.35 4.15
C GLN C 225 21.78 -5.19 3.79
N VAL C 226 21.43 -5.46 2.54
CA VAL C 226 20.02 -5.50 2.12
C VAL C 226 19.69 -6.79 1.34
N GLN C 227 18.40 -7.07 1.19
CA GLN C 227 17.94 -8.22 0.39
C GLN C 227 17.93 -7.88 -1.11
N LYS C 228 17.63 -6.63 -1.46
CA LYS C 228 17.54 -6.23 -2.86
C LYS C 228 17.65 -4.72 -3.03
N VAL C 230 16.57 -1.31 -5.66
CA VAL C 230 15.55 -0.86 -6.59
C VAL C 230 15.96 0.44 -7.25
N LYS C 231 15.21 0.84 -8.27
CA LYS C 231 15.46 2.09 -8.99
C LYS C 231 15.40 3.30 -8.07
N LYS C 232 16.29 4.26 -8.33
CA LYS C 232 16.32 5.52 -7.58
C LYS C 232 14.94 6.17 -7.46
N ALA C 233 14.59 6.59 -6.24
CA ALA C 233 13.39 7.36 -5.95
C ALA C 233 12.07 6.65 -6.28
N THR C 234 12.05 5.32 -6.17
CA THR C 234 10.80 4.57 -6.36
C THR C 234 10.19 4.04 -5.05
N LEU C 235 10.86 4.27 -3.92
CA LEU C 235 10.33 3.86 -2.63
C LEU C 235 9.47 4.97 -2.01
N HIS C 236 8.44 4.59 -1.27
CA HIS C 236 7.54 5.57 -0.65
C HIS C 236 8.31 6.35 0.41
N PRO C 237 8.38 7.67 0.29
CA PRO C 237 9.24 8.47 1.17
C PRO C 237 8.90 8.31 2.65
N LYS C 238 7.63 8.03 2.97
CA LYS C 238 7.24 7.84 4.36
C LYS C 238 7.62 6.46 4.90
N SER C 239 8.07 5.57 4.01
CA SER C 239 8.56 4.24 4.41
C SER C 239 10.09 4.18 4.54
N VAL C 240 10.77 5.18 3.99
CA VAL C 240 12.24 5.25 4.06
C VAL C 240 12.67 5.60 5.50
N ARG C 241 13.45 4.71 6.11
CA ARG C 241 13.91 4.90 7.49
C ARG C 241 15.35 5.40 7.58
N ILE C 242 16.15 5.08 6.56
CA ILE C 242 17.53 5.55 6.49
C ILE C 242 17.76 6.30 5.17
N PRO C 243 18.09 7.58 5.26
CA PRO C 243 18.43 8.36 4.06
C PRO C 243 19.76 7.89 3.47
N GLY C 244 19.85 7.90 2.16
CA GLY C 244 20.97 7.31 1.45
C GLY C 244 22.33 7.91 1.73
N TYR C 245 22.38 9.19 2.10
CA TYR C 245 23.65 9.88 2.30
C TYR C 245 24.36 9.42 3.57
N LEU C 246 23.67 8.62 4.39
CA LEU C 246 24.27 8.03 5.59
C LEU C 246 25.00 6.74 5.31
N VAL C 247 24.79 6.18 4.11
CA VAL C 247 25.30 4.85 3.78
C VAL C 247 26.50 4.95 2.86
N ASP C 248 27.56 4.22 3.21
CA ASP C 248 28.81 4.27 2.45
C ASP C 248 29.03 3.06 1.55
N ILE C 249 28.60 1.89 2.03
CA ILE C 249 28.74 0.63 1.29
C ILE C 249 27.50 -0.21 1.49
N VAL C 250 26.99 -0.77 0.40
CA VAL C 250 25.86 -1.70 0.43
C VAL C 250 26.30 -3.10 -0.02
N VAL C 251 25.90 -4.10 0.73
CA VAL C 251 26.11 -5.50 0.39
C VAL C 251 24.74 -6.13 0.17
N VAL C 252 24.56 -6.75 -1.00
CA VAL C 252 23.27 -7.34 -1.35
C VAL C 252 23.32 -8.84 -1.05
N ASP C 253 22.43 -9.29 -0.18
CA ASP C 253 22.25 -10.71 0.12
C ASP C 253 20.82 -11.14 -0.26
N PRO C 254 20.65 -11.66 -1.46
CA PRO C 254 19.30 -12.00 -1.96
C PRO C 254 18.57 -13.04 -1.10
N ASP C 255 19.34 -13.87 -0.39
CA ASP C 255 18.78 -14.91 0.47
C ASP C 255 18.62 -14.51 1.94
N GLN C 256 18.81 -13.23 2.24
CA GLN C 256 18.59 -12.67 3.58
C GLN C 256 17.26 -13.12 4.18
N SER C 257 17.28 -13.66 5.40
CA SER C 257 16.04 -14.08 6.04
C SER C 257 15.70 -13.25 7.28
N GLN C 258 14.40 -13.19 7.60
CA GLN C 258 13.92 -12.40 8.74
C GLN C 258 14.59 -12.83 10.04
N LEU C 259 14.73 -14.15 10.22
CA LEU C 259 15.33 -14.76 11.41
C LEU C 259 16.34 -15.84 11.01
N TYR C 260 17.10 -16.34 11.98
CA TYR C 260 17.93 -17.54 11.75
C TYR C 260 17.02 -18.69 11.32
N GLY C 261 17.56 -19.60 10.52
CA GLY C 261 16.86 -20.84 10.16
C GLY C 261 16.51 -20.98 8.69
N GLY C 262 16.69 -19.91 7.91
CA GLY C 262 16.43 -19.94 6.47
C GLY C 262 14.98 -20.14 6.03
N ALA C 263 14.03 -19.74 6.86
CA ALA C 263 12.61 -19.81 6.49
C ALA C 263 12.33 -18.69 5.48
N PRO C 264 11.44 -18.91 4.51
CA PRO C 264 11.07 -17.83 3.59
C PRO C 264 10.39 -16.67 4.34
N VAL C 265 10.32 -15.51 3.69
CA VAL C 265 9.67 -14.34 4.25
C VAL C 265 8.22 -14.67 4.65
N ASN C 266 7.89 -14.33 5.89
CA ASN C 266 6.56 -14.50 6.43
C ASN C 266 5.95 -13.10 6.49
N ARG C 267 4.90 -12.86 5.70
CA ARG C 267 4.30 -11.53 5.60
C ARG C 267 3.44 -11.14 6.82
N PHE C 268 3.04 -12.12 7.63
CA PHE C 268 2.44 -11.81 8.93
C PHE C 268 3.47 -11.12 9.83
N ILE C 269 4.67 -11.71 9.89
CA ILE C 269 5.81 -11.14 10.62
C ILE C 269 6.18 -9.74 10.10
N SER C 270 6.09 -9.54 8.79
CA SER C 270 6.34 -8.23 8.17
C SER C 270 5.35 -7.17 8.64
N GLY C 271 4.16 -7.62 9.03
CA GLY C 271 3.08 -6.72 9.47
C GLY C 271 2.06 -6.43 8.38
N ASP C 272 2.13 -7.15 7.26
CA ASP C 272 1.29 -6.84 6.08
C ASP C 272 -0.09 -7.49 6.08
N PHE C 273 -0.26 -8.54 6.88
CA PHE C 273 -1.52 -9.27 6.91
C PHE C 273 -1.88 -9.61 8.34
N THR C 274 -3.17 -9.86 8.58
CA THR C 274 -3.69 -10.20 9.90
C THR C 274 -3.95 -11.69 9.98
N LEU C 275 -3.28 -12.33 10.93
CA LEU C 275 -3.47 -13.74 11.22
C LEU C 275 -4.85 -14.00 11.82
N ASP C 276 -5.50 -15.06 11.33
CA ASP C 276 -6.85 -15.43 11.75
C ASP C 276 -6.85 -15.93 13.19
N LEU C 283 -3.57 -25.49 27.11
CA LEU C 283 -2.36 -25.19 27.88
C LEU C 283 -2.34 -26.00 29.17
N PRO C 284 -1.41 -26.96 29.28
CA PRO C 284 -1.32 -27.80 30.48
C PRO C 284 -1.04 -27.00 31.75
N LEU C 285 -1.63 -27.42 32.86
CA LEU C 285 -1.43 -26.74 34.14
C LEU C 285 -0.15 -27.25 34.78
N ASN C 286 0.96 -26.65 34.38
CA ASN C 286 2.26 -26.96 34.96
C ASN C 286 2.78 -25.80 35.79
N GLN C 287 4.01 -25.91 36.27
CA GLN C 287 4.65 -24.89 37.10
C GLN C 287 4.66 -23.52 36.41
N ARG C 288 4.95 -23.52 35.10
CA ARG C 288 5.00 -22.29 34.30
C ARG C 288 3.64 -21.60 34.21
N LYS C 289 2.58 -22.38 33.96
CA LYS C 289 1.23 -21.82 33.88
C LYS C 289 0.76 -21.29 35.25
N LEU C 290 1.16 -21.95 36.33
CA LEU C 290 0.84 -21.51 37.68
C LEU C 290 1.37 -20.10 37.96
N VAL C 291 2.67 -19.90 37.70
CA VAL C 291 3.31 -18.60 37.95
C VAL C 291 2.72 -17.54 37.03
N ALA C 292 2.51 -17.89 35.76
CA ALA C 292 1.89 -16.97 34.79
C ALA C 292 0.49 -16.54 35.23
N ARG C 293 -0.31 -17.48 35.73
CA ARG C 293 -1.64 -17.18 36.27
C ARG C 293 -1.60 -16.19 37.45
N ARG C 294 -0.69 -16.40 38.40
CA ARG C 294 -0.58 -15.50 39.55
C ARG C 294 -0.03 -14.14 39.13
N ALA C 295 0.86 -14.12 38.14
CA ALA C 295 1.36 -12.88 37.53
C ALA C 295 0.21 -12.07 36.91
N LEU C 296 -0.72 -12.77 36.26
CA LEU C 296 -1.88 -12.11 35.64
C LEU C 296 -2.74 -11.35 36.66
N PHE C 297 -2.80 -11.84 37.89
CA PHE C 297 -3.50 -11.15 38.98
C PHE C 297 -3.01 -9.72 39.20
N GLU C 298 -1.79 -9.41 38.75
CA GLU C 298 -1.19 -8.08 38.92
C GLU C 298 -1.55 -7.08 37.80
N ARG C 300 -4.10 -4.79 35.47
CA ARG C 300 -5.34 -4.03 35.58
C ARG C 300 -5.78 -3.66 34.18
N LYS C 301 -7.09 -3.40 33.98
CA LYS C 301 -7.56 -2.93 32.67
C LYS C 301 -6.89 -1.61 32.33
N GLY C 302 -6.47 -1.48 31.08
CA GLY C 302 -5.83 -0.26 30.59
C GLY C 302 -4.33 -0.21 30.83
N ALA C 303 -3.78 -1.20 31.54
CA ALA C 303 -2.34 -1.20 31.86
C ALA C 303 -1.46 -1.43 30.64
N VAL C 304 -0.30 -0.76 30.64
CA VAL C 304 0.73 -0.96 29.65
C VAL C 304 1.83 -1.76 30.36
N GLY C 305 2.13 -2.95 29.84
CA GLY C 305 3.04 -3.87 30.50
C GLY C 305 4.22 -4.31 29.64
N ASN C 306 5.18 -4.98 30.27
CA ASN C 306 6.28 -5.60 29.57
C ASN C 306 6.56 -6.94 30.24
N VAL C 307 6.72 -8.00 29.45
CA VAL C 307 7.06 -9.33 29.98
C VAL C 307 8.44 -9.75 29.48
N GLY C 308 9.37 -10.01 30.40
CA GLY C 308 10.69 -10.51 30.04
C GLY C 308 10.72 -12.02 29.82
N VAL C 309 11.82 -12.51 29.25
CA VAL C 309 11.99 -13.96 29.01
C VAL C 309 12.12 -14.65 30.36
N GLY C 310 11.42 -15.77 30.53
CA GLY C 310 11.49 -16.54 31.76
C GLY C 310 10.21 -17.28 32.03
N ILE C 311 10.05 -17.71 33.28
CA ILE C 311 8.91 -18.54 33.69
C ILE C 311 7.54 -17.91 33.40
N ALA C 312 7.48 -16.59 33.39
CA ALA C 312 6.21 -15.88 33.23
C ALA C 312 5.89 -15.46 31.78
N ASP C 313 6.77 -15.76 30.83
CA ASP C 313 6.62 -15.21 29.49
C ASP C 313 5.45 -15.79 28.65
N GLY C 314 4.72 -16.73 29.25
CA GLY C 314 3.46 -17.23 28.67
C GLY C 314 2.21 -16.55 29.23
N ILE C 315 2.39 -15.42 29.91
CA ILE C 315 1.26 -14.68 30.46
C ILE C 315 0.25 -14.23 29.37
N GLY C 316 0.75 -13.89 28.18
CA GLY C 316 -0.12 -13.53 27.05
C GLY C 316 -1.09 -14.64 26.66
N LEU C 317 -0.61 -15.87 26.61
CA LEU C 317 -1.45 -17.04 26.30
C LEU C 317 -2.45 -17.37 27.40
N VAL C 318 -2.05 -17.19 28.66
CA VAL C 318 -2.97 -17.35 29.79
C VAL C 318 -4.06 -16.28 29.77
N ALA C 319 -3.66 -15.04 29.47
CA ALA C 319 -4.62 -13.94 29.34
C ALA C 319 -5.65 -14.23 28.23
N ARG C 320 -5.17 -14.80 27.14
CA ARG C 320 -6.04 -15.18 26.02
C ARG C 320 -7.06 -16.24 26.44
N GLU C 321 -6.61 -17.22 27.22
CA GLU C 321 -7.47 -18.30 27.73
C GLU C 321 -8.55 -17.77 28.68
N GLU C 322 -8.18 -16.78 29.50
CA GLU C 322 -9.10 -16.15 30.43
C GLU C 322 -10.01 -15.11 29.78
N GLY C 323 -9.71 -14.76 28.53
CA GLY C 323 -10.54 -13.86 27.74
C GLY C 323 -10.36 -12.39 28.08
N CYS C 324 -9.14 -12.02 28.47
CA CYS C 324 -8.87 -10.62 28.83
C CYS C 324 -7.63 -10.02 28.13
N ALA C 325 -7.11 -10.73 27.14
CA ALA C 325 -5.91 -10.30 26.40
C ALA C 325 -6.07 -8.93 25.76
N ASP C 326 -7.29 -8.59 25.36
CA ASP C 326 -7.56 -7.29 24.74
C ASP C 326 -7.76 -6.15 25.76
N ASP C 327 -7.70 -6.46 27.05
CA ASP C 327 -7.96 -5.47 28.10
C ASP C 327 -6.71 -4.66 28.50
N PHE C 328 -5.54 -5.13 28.08
CA PHE C 328 -4.27 -4.46 28.39
C PHE C 328 -3.37 -4.54 27.17
N ILE C 329 -2.19 -3.93 27.23
CA ILE C 329 -1.27 -3.94 26.10
C ILE C 329 0.16 -4.24 26.58
N LEU C 330 0.82 -5.20 25.94
CA LEU C 330 2.21 -5.52 26.27
C LEU C 330 3.14 -4.97 25.20
N THR C 331 4.22 -4.33 25.63
CA THR C 331 5.22 -3.79 24.72
C THR C 331 6.53 -4.53 24.94
N VAL C 332 7.41 -4.46 23.94
CA VAL C 332 8.71 -5.10 23.97
C VAL C 332 9.76 -4.00 23.78
N GLU C 333 10.86 -4.10 24.53
CA GLU C 333 11.81 -2.99 24.65
C GLU C 333 12.49 -2.65 23.34
N THR C 334 12.57 -3.64 22.45
CA THR C 334 13.16 -3.47 21.13
C THR C 334 12.25 -2.72 20.14
N GLY C 335 10.98 -2.48 20.51
CA GLY C 335 10.09 -1.66 19.70
C GLY C 335 8.66 -2.11 19.39
N PRO C 336 8.42 -3.41 19.19
CA PRO C 336 7.05 -3.87 18.92
C PRO C 336 6.06 -3.61 20.05
N ILE C 337 4.85 -3.20 19.66
CA ILE C 337 3.78 -2.96 20.61
C ILE C 337 2.62 -3.91 20.27
N GLY C 338 2.28 -4.78 21.21
CA GLY C 338 1.14 -5.67 21.04
C GLY C 338 1.49 -6.87 20.18
N GLY C 339 0.48 -7.64 19.80
CA GLY C 339 0.72 -8.81 18.96
C GLY C 339 0.50 -10.10 19.73
N ILE C 340 0.53 -11.22 19.00
CA ILE C 340 0.27 -12.53 19.57
C ILE C 340 1.31 -13.53 19.07
N THR C 341 1.47 -14.61 19.82
CA THR C 341 2.28 -15.74 19.41
C THR C 341 1.35 -16.76 18.77
N SER C 342 1.54 -16.99 17.47
CA SER C 342 0.70 -17.91 16.70
C SER C 342 0.81 -19.34 17.20
N GLY C 348 9.88 -17.21 15.74
CA GLY C 348 10.42 -16.46 16.88
C GLY C 348 10.12 -14.98 16.80
N ALA C 349 8.90 -14.65 16.39
CA ALA C 349 8.45 -13.26 16.31
C ALA C 349 6.93 -13.23 16.41
N ASN C 350 6.39 -12.16 16.99
CA ASN C 350 4.94 -12.02 17.08
C ASN C 350 4.28 -11.49 15.81
N VAL C 351 2.98 -11.72 15.67
CA VAL C 351 2.20 -11.20 14.55
C VAL C 351 1.04 -10.37 15.10
N ASN C 352 0.32 -9.70 14.19
CA ASN C 352 -0.79 -8.82 14.56
C ASN C 352 -0.36 -7.74 15.56
N THR C 353 0.86 -7.23 15.42
CA THR C 353 1.33 -6.12 16.26
C THR C 353 0.50 -4.87 15.97
N ARG C 354 0.46 -3.96 16.94
CA ARG C 354 -0.33 -2.74 16.80
C ARG C 354 0.52 -1.57 16.33
N ALA C 355 1.82 -1.64 16.58
CA ALA C 355 2.76 -0.60 16.18
C ALA C 355 4.16 -1.11 16.39
N ILE C 356 5.11 -0.52 15.67
CA ILE C 356 6.54 -0.77 15.91
C ILE C 356 7.26 0.56 16.04
N LEU C 357 7.78 0.84 17.23
CA LEU C 357 8.58 2.04 17.46
C LEU C 357 10.07 1.73 17.33
N ASP C 358 10.89 2.74 17.08
CA ASP C 358 12.34 2.52 17.15
C ASP C 358 12.72 2.29 18.60
N THR C 360 15.21 3.22 20.63
CA THR C 360 15.61 4.32 21.50
C THR C 360 14.39 5.06 22.07
N SER C 361 13.38 5.29 21.23
CA SER C 361 12.10 5.91 21.66
C SER C 361 11.33 5.07 22.66
N GLN C 362 11.36 3.74 22.50
CA GLN C 362 10.72 2.83 23.45
C GLN C 362 11.39 2.94 24.82
N PHE C 363 12.71 3.01 24.86
CA PHE C 363 13.41 3.15 26.13
C PHE C 363 13.17 4.51 26.78
N ASP C 364 13.06 5.57 25.99
CA ASP C 364 12.70 6.89 26.52
C ASP C 364 11.42 6.75 27.34
N PHE C 365 10.42 6.08 26.75
CA PHE C 365 9.14 5.81 27.40
C PHE C 365 9.29 5.01 28.71
N TYR C 366 10.05 3.92 28.67
CA TYR C 366 10.31 3.11 29.86
C TYR C 366 11.01 3.89 30.98
N HIS C 367 12.04 4.66 30.62
CA HIS C 367 12.82 5.44 31.59
C HIS C 367 12.02 6.47 32.37
N GLY C 368 10.99 7.04 31.73
CA GLY C 368 10.12 8.00 32.40
C GLY C 368 8.95 7.37 33.13
N GLY C 369 9.01 6.06 33.34
CA GLY C 369 8.00 5.33 34.13
C GLY C 369 6.72 5.04 33.35
N GLY C 370 6.84 4.89 32.04
CA GLY C 370 5.70 4.57 31.18
C GLY C 370 5.00 3.26 31.49
N LEU C 371 5.76 2.27 31.98
CA LEU C 371 5.18 0.96 32.26
C LEU C 371 4.42 0.95 33.58
N ASP C 372 3.16 0.53 33.52
CA ASP C 372 2.36 0.30 34.74
C ASP C 372 2.81 -0.95 35.47
N VAL C 373 3.29 -1.93 34.73
CA VAL C 373 3.66 -3.21 35.31
C VAL C 373 4.72 -3.87 34.43
N CYS C 374 5.70 -4.51 35.08
CA CYS C 374 6.65 -5.33 34.35
C CYS C 374 6.80 -6.65 35.06
N TYR C 375 7.16 -7.67 34.28
CA TYR C 375 7.34 -9.02 34.77
C TYR C 375 8.75 -9.47 34.39
N LEU C 376 9.58 -9.74 35.40
CA LEU C 376 10.97 -10.05 35.15
C LEU C 376 11.40 -11.30 35.90
N SER C 377 12.25 -12.10 35.27
CA SER C 377 12.85 -13.26 35.93
C SER C 377 13.91 -12.78 36.90
N PHE C 378 14.21 -13.61 37.91
CA PHE C 378 15.33 -13.36 38.80
C PHE C 378 16.18 -14.63 38.93
N ALA C 379 17.49 -14.46 39.11
CA ALA C 379 18.38 -15.56 39.43
C ALA C 379 18.56 -15.68 40.95
N GLU C 380 18.77 -14.55 41.61
CA GLU C 380 18.92 -14.51 43.08
C GLU C 380 18.23 -13.28 43.68
N VAL C 381 17.73 -13.43 44.91
CA VAL C 381 17.12 -12.33 45.66
C VAL C 381 17.76 -12.34 47.05
N ASP C 382 18.15 -11.17 47.55
CA ASP C 382 18.71 -11.13 48.90
C ASP C 382 17.76 -10.54 49.94
N GLN C 383 18.23 -10.41 51.19
CA GLN C 383 17.38 -9.98 52.31
C GLN C 383 16.91 -8.52 52.21
N HIS C 384 17.61 -7.72 51.41
CA HIS C 384 17.27 -6.30 51.17
C HIS C 384 16.29 -6.16 50.01
N GLY C 385 15.93 -7.27 49.40
CA GLY C 385 15.06 -7.26 48.22
C GLY C 385 15.81 -7.04 46.92
N ASN C 386 17.14 -6.90 46.99
CA ASN C 386 17.97 -6.77 45.79
C ASN C 386 17.84 -8.01 44.92
N VAL C 387 17.99 -7.81 43.61
CA VAL C 387 17.91 -8.89 42.65
C VAL C 387 19.17 -8.90 41.81
N GLY C 388 19.68 -10.10 41.57
CA GLY C 388 20.84 -10.32 40.72
C GLY C 388 20.44 -11.12 39.49
N VAL C 389 20.87 -10.64 38.33
CA VAL C 389 20.52 -11.25 37.05
C VAL C 389 21.69 -11.23 36.04
N HIS C 390 22.63 -10.30 36.24
CA HIS C 390 23.64 -10.01 35.21
C HIS C 390 24.84 -10.95 35.21
N LYS C 391 25.01 -11.70 36.30
CA LYS C 391 26.03 -12.74 36.41
C LYS C 391 25.41 -13.98 37.04
N PHE C 392 25.65 -15.15 36.44
CA PHE C 392 25.10 -16.40 36.96
C PHE C 392 26.13 -17.51 36.88
N ASN C 393 26.41 -18.11 38.04
CA ASN C 393 27.38 -19.21 38.14
C ASN C 393 28.66 -18.93 37.36
N GLY C 394 29.33 -17.83 37.71
CA GLY C 394 30.56 -17.42 37.04
C GLY C 394 30.37 -16.71 35.69
N LYS C 395 29.29 -17.03 35.00
CA LYS C 395 29.07 -16.56 33.63
C LYS C 395 28.46 -15.16 33.56
N ILE C 396 28.91 -14.38 32.58
CA ILE C 396 28.39 -13.05 32.35
C ILE C 396 27.16 -13.09 31.43
N GLY C 398 24.81 -10.30 31.50
CA GLY C 398 24.50 -8.92 31.16
C GLY C 398 23.08 -8.54 31.55
N THR C 399 22.70 -7.30 31.27
CA THR C 399 21.38 -6.79 31.71
C THR C 399 20.26 -6.97 30.69
N GLY C 400 20.57 -6.74 29.41
CA GLY C 400 19.51 -6.44 28.44
C GLY C 400 18.81 -5.18 28.91
N GLY C 401 17.47 -5.16 28.84
CA GLY C 401 16.70 -4.01 29.32
C GLY C 401 16.29 -4.13 30.78
N PHE C 402 16.85 -5.10 31.50
CA PHE C 402 16.47 -5.36 32.89
C PHE C 402 16.53 -4.11 33.79
N ILE C 403 17.64 -3.38 33.74
CA ILE C 403 17.75 -2.18 34.57
C ILE C 403 16.82 -1.06 34.05
N ASP C 404 16.73 -0.93 32.73
CA ASP C 404 15.87 0.12 32.15
C ASP C 404 14.41 -0.04 32.54
N ILE C 405 14.00 -1.28 32.77
CA ILE C 405 12.61 -1.61 33.06
C ILE C 405 12.33 -1.61 34.57
N SER C 406 13.25 -2.21 35.35
CA SER C 406 13.07 -2.34 36.80
C SER C 406 13.41 -1.08 37.58
N ALA C 407 14.00 -0.10 36.91
CA ALA C 407 14.38 1.15 37.58
C ALA C 407 13.21 2.07 37.98
N THR C 408 12.20 2.19 37.10
CA THR C 408 11.12 3.18 37.32
C THR C 408 9.69 2.70 37.02
N SER C 409 9.51 1.46 36.54
CA SER C 409 8.15 0.96 36.31
C SER C 409 7.36 0.93 37.61
N LYS C 410 6.06 1.27 37.53
CA LYS C 410 5.24 1.47 38.72
C LYS C 410 5.04 0.23 39.62
N LYS C 411 4.89 -0.93 38.97
CA LYS C 411 4.79 -2.23 39.66
C LYS C 411 5.82 -3.16 39.05
N ILE C 412 6.68 -3.73 39.89
CA ILE C 412 7.75 -4.62 39.44
C ILE C 412 7.47 -6.01 39.98
N ILE C 413 7.18 -6.93 39.06
CA ILE C 413 6.77 -8.27 39.43
C ILE C 413 7.87 -9.25 39.05
N PHE C 414 8.66 -9.64 40.04
CA PHE C 414 9.68 -10.65 39.83
C PHE C 414 9.05 -12.03 39.89
N CYS C 415 9.37 -12.87 38.91
CA CYS C 415 8.75 -14.17 38.76
C CYS C 415 9.83 -15.24 38.61
N GLY C 416 9.73 -16.31 39.40
CA GLY C 416 10.72 -17.37 39.35
C GLY C 416 10.32 -18.47 40.30
N THR C 417 11.21 -19.44 40.49
CA THR C 417 10.98 -20.49 41.48
C THR C 417 11.69 -20.12 42.78
N LEU C 418 11.28 -20.75 43.87
CA LEU C 418 11.90 -20.45 45.16
C LEU C 418 13.30 -21.07 45.29
N THR C 419 13.47 -22.26 44.70
CA THR C 419 14.78 -22.92 44.62
C THR C 419 15.14 -23.21 43.17
N ALA C 420 16.43 -23.38 42.92
CA ALA C 420 16.94 -23.66 41.57
C ALA C 420 17.60 -25.04 41.53
N GLY C 421 17.89 -25.52 40.32
CA GLY C 421 18.58 -26.81 40.17
C GLY C 421 17.59 -27.95 40.14
N SER C 422 16.92 -28.08 39.00
CA SER C 422 15.94 -29.12 38.72
C SER C 422 14.85 -29.30 39.78
N LEU C 423 14.21 -28.19 40.15
CA LEU C 423 12.97 -28.25 40.92
C LEU C 423 11.90 -28.87 40.05
N LYS C 424 11.20 -29.87 40.60
CA LYS C 424 10.05 -30.46 39.92
C LYS C 424 8.85 -30.43 40.84
N THR C 425 7.74 -29.97 40.30
CA THR C 425 6.55 -29.72 41.07
C THR C 425 5.36 -30.30 40.30
N GLU C 426 4.34 -30.78 41.01
CA GLU C 426 3.11 -31.19 40.36
C GLU C 426 1.88 -30.57 41.03
N ILE C 427 0.91 -30.17 40.21
CA ILE C 427 -0.35 -29.64 40.72
C ILE C 427 -1.41 -30.73 40.62
N ALA C 428 -1.82 -31.25 41.77
CA ALA C 428 -2.84 -32.29 41.85
C ALA C 428 -3.82 -32.01 42.99
N ASP C 429 -5.09 -32.34 42.75
CA ASP C 429 -6.18 -32.20 43.75
C ASP C 429 -6.19 -30.82 44.40
N GLY C 430 -6.06 -29.78 43.57
CA GLY C 430 -6.08 -28.39 44.02
C GLY C 430 -4.89 -27.94 44.86
N LYS C 431 -3.82 -28.73 44.83
CA LYS C 431 -2.67 -28.53 45.71
C LYS C 431 -1.37 -28.49 44.92
N LEU C 432 -0.34 -27.89 45.52
CA LEU C 432 1.03 -27.96 45.02
C LEU C 432 1.76 -29.10 45.72
N ASN C 433 2.42 -29.94 44.94
CA ASN C 433 3.22 -31.03 45.48
C ASN C 433 4.65 -30.92 44.95
N ILE C 434 5.60 -30.82 45.86
CA ILE C 434 7.02 -30.75 45.47
C ILE C 434 7.56 -32.17 45.30
N VAL C 435 7.70 -32.57 44.04
CA VAL C 435 8.08 -33.92 43.64
C VAL C 435 9.59 -34.13 43.78
N GLN C 436 10.33 -33.08 43.45
CA GLN C 436 11.79 -33.08 43.51
C GLN C 436 12.24 -31.68 43.86
N GLU C 437 12.85 -31.51 45.03
CA GLU C 437 13.26 -30.18 45.47
C GLU C 437 14.48 -29.69 44.69
N GLY C 438 14.55 -28.38 44.47
CA GLY C 438 15.74 -27.76 43.92
C GLY C 438 16.89 -27.92 44.90
N ARG C 439 18.12 -27.98 44.41
CA ARG C 439 19.23 -28.13 45.35
C ARG C 439 20.03 -26.86 45.63
N VAL C 440 19.58 -25.73 45.06
CA VAL C 440 20.23 -24.43 45.28
C VAL C 440 19.20 -23.41 45.82
N LYS C 441 19.56 -22.72 46.90
CA LYS C 441 18.73 -21.59 47.37
C LYS C 441 18.84 -20.39 46.43
N LYS C 442 17.71 -19.75 46.15
CA LYS C 442 17.68 -18.51 45.35
C LYS C 442 17.51 -17.26 46.22
N PHE C 443 16.90 -17.44 47.39
CA PHE C 443 16.73 -16.36 48.36
C PHE C 443 17.87 -16.46 49.36
N ILE C 444 18.87 -15.61 49.15
CA ILE C 444 20.13 -15.70 49.86
C ILE C 444 20.35 -14.45 50.71
N ARG C 445 21.37 -14.48 51.57
CA ARG C 445 21.65 -13.39 52.50
C ARG C 445 22.03 -12.09 51.80
N GLU C 446 22.99 -12.18 50.89
CA GLU C 446 23.57 -11.01 50.25
C GLU C 446 24.08 -11.33 48.86
N LEU C 447 23.68 -10.53 47.87
CA LEU C 447 24.17 -10.69 46.50
C LEU C 447 25.65 -10.33 46.42
N PRO C 448 26.41 -11.02 45.58
CA PRO C 448 27.78 -10.59 45.29
C PRO C 448 27.79 -9.28 44.48
N GLU C 449 26.87 -9.16 43.51
CA GLU C 449 26.67 -7.93 42.73
C GLU C 449 25.17 -7.69 42.52
N ILE C 450 24.77 -6.43 42.42
CA ILE C 450 23.35 -6.07 42.38
C ILE C 450 22.93 -5.60 40.97
N THR C 451 21.83 -6.16 40.46
CA THR C 451 21.23 -5.68 39.21
C THR C 451 19.98 -4.81 39.47
N PHE C 452 19.35 -5.01 40.63
CA PHE C 452 18.18 -4.23 41.02
C PHE C 452 18.32 -3.91 42.50
N SER C 453 18.15 -2.64 42.87
CA SER C 453 18.27 -2.25 44.26
C SER C 453 16.92 -2.11 44.94
N GLY C 454 16.70 -2.92 45.97
CA GLY C 454 15.50 -2.85 46.80
C GLY C 454 15.33 -1.48 47.44
N LYS C 455 16.42 -0.95 47.99
CA LYS C 455 16.40 0.35 48.67
C LYS C 455 15.97 1.49 47.73
N ILE C 456 16.48 1.49 46.50
CA ILE C 456 16.16 2.54 45.51
C ILE C 456 14.71 2.43 45.06
N ALA C 457 14.25 1.21 44.79
CA ALA C 457 12.85 0.98 44.43
C ALA C 457 11.89 1.52 45.48
N LEU C 458 12.18 1.26 46.76
CA LEU C 458 11.36 1.81 47.85
C LEU C 458 11.39 3.35 47.87
N GLU C 459 12.57 3.93 47.70
CA GLU C 459 12.72 5.40 47.63
C GLU C 459 11.93 6.02 46.49
N ARG C 460 11.82 5.28 45.38
CA ARG C 460 11.08 5.73 44.20
C ARG C 460 9.57 5.44 44.30
N GLY C 461 9.15 4.79 45.38
CA GLY C 461 7.73 4.54 45.64
C GLY C 461 7.14 3.40 44.83
N LEU C 462 8.00 2.49 44.38
CA LEU C 462 7.55 1.42 43.50
C LEU C 462 6.98 0.24 44.28
N ASP C 463 6.03 -0.46 43.67
CA ASP C 463 5.41 -1.65 44.25
C ASP C 463 6.12 -2.92 43.76
N VAL C 464 6.83 -3.60 44.67
CA VAL C 464 7.66 -4.75 44.28
C VAL C 464 7.12 -6.09 44.81
N ARG C 465 6.90 -7.02 43.89
CA ARG C 465 6.37 -8.35 44.21
C ARG C 465 7.40 -9.41 43.77
N TYR C 466 7.44 -10.51 44.52
CA TYR C 466 8.22 -11.69 44.12
C TYR C 466 7.27 -12.88 44.16
N ILE C 467 7.03 -13.45 42.98
CA ILE C 467 6.10 -14.56 42.81
C ILE C 467 6.89 -15.82 42.53
N THR C 468 6.66 -16.84 43.35
CA THR C 468 7.18 -18.17 43.09
C THR C 468 6.04 -19.16 43.04
N GLU C 469 6.34 -20.41 42.74
CA GLU C 469 5.33 -21.46 42.67
C GLU C 469 4.67 -21.77 44.03
N ARG C 470 5.39 -21.51 45.12
CA ARG C 470 4.91 -21.92 46.44
C ARG C 470 4.64 -20.76 47.39
N ALA C 471 5.08 -19.56 47.03
CA ALA C 471 4.99 -18.40 47.92
C ALA C 471 5.00 -17.09 47.13
N VAL C 472 4.37 -16.06 47.69
CA VAL C 472 4.42 -14.70 47.14
C VAL C 472 4.88 -13.75 48.23
N PHE C 473 5.78 -12.84 47.86
CA PHE C 473 6.33 -11.82 48.77
C PHE C 473 6.09 -10.41 48.24
N THR C 474 6.06 -9.44 49.14
CA THR C 474 6.10 -8.02 48.78
C THR C 474 7.24 -7.35 49.55
N LEU C 475 7.97 -6.46 48.87
CA LEU C 475 9.03 -5.68 49.50
C LEU C 475 8.45 -4.50 50.27
N LYS C 476 8.85 -4.38 51.53
CA LYS C 476 8.46 -3.27 52.40
C LYS C 476 9.70 -2.69 53.09
N GLU C 477 9.53 -1.57 53.80
CA GLU C 477 10.67 -0.91 54.44
C GLU C 477 11.47 -1.84 55.37
N ASP C 478 10.79 -2.80 55.99
CA ASP C 478 11.47 -3.73 56.91
C ASP C 478 11.93 -5.05 56.28
N GLY C 479 11.75 -5.19 54.97
CA GLY C 479 12.23 -6.37 54.24
C GLY C 479 11.14 -7.03 53.44
N LEU C 480 11.39 -8.26 53.01
CA LEU C 480 10.38 -9.06 52.33
C LEU C 480 9.30 -9.53 53.29
N HIS C 481 8.06 -9.27 52.93
CA HIS C 481 6.91 -9.84 53.62
C HIS C 481 6.38 -11.01 52.81
N LEU C 482 6.22 -12.16 53.48
CA LEU C 482 5.51 -13.28 52.88
C LEU C 482 4.03 -13.05 53.01
N ILE C 483 3.35 -12.94 51.87
CA ILE C 483 1.93 -12.57 51.87
C ILE C 483 0.99 -13.70 51.44
N GLU C 484 1.52 -14.69 50.71
CA GLU C 484 0.74 -15.85 50.23
C GLU C 484 1.56 -17.16 50.22
N ILE C 485 0.91 -18.28 50.54
CA ILE C 485 1.50 -19.64 50.47
C ILE C 485 0.60 -20.50 49.64
N ALA C 486 1.18 -21.41 48.86
CA ALA C 486 0.40 -22.37 48.11
C ALA C 486 -0.25 -23.41 49.04
N PRO C 487 -1.48 -23.84 48.73
CA PRO C 487 -2.05 -25.02 49.39
C PRO C 487 -1.17 -26.23 49.10
N GLY C 488 -0.96 -27.08 50.11
CA GLY C 488 -0.14 -28.28 49.97
C GLY C 488 1.30 -28.10 50.40
N VAL C 489 1.65 -26.87 50.79
CA VAL C 489 3.01 -26.49 51.13
C VAL C 489 3.11 -26.18 52.63
N ASP C 490 4.18 -26.66 53.27
CA ASP C 490 4.44 -26.34 54.67
C ASP C 490 5.35 -25.12 54.82
N LEU C 491 4.92 -24.15 55.63
CA LEU C 491 5.67 -22.91 55.83
C LEU C 491 7.12 -23.15 56.23
N GLN C 492 7.32 -23.93 57.30
CA GLN C 492 8.66 -24.11 57.84
C GLN C 492 9.57 -24.92 56.92
N LYS C 493 9.17 -26.12 56.54
CA LYS C 493 10.07 -27.00 55.79
C LYS C 493 10.23 -26.59 54.31
N ASP C 494 9.15 -26.11 53.71
CA ASP C 494 9.13 -25.84 52.27
C ASP C 494 9.47 -24.39 51.90
N ILE C 495 9.34 -23.48 52.86
CA ILE C 495 9.65 -22.08 52.57
C ILE C 495 10.81 -21.58 53.41
N LEU C 496 10.62 -21.53 54.72
CA LEU C 496 11.61 -20.92 55.60
C LEU C 496 12.96 -21.64 55.56
N ASP C 497 12.92 -22.98 55.60
CA ASP C 497 14.15 -23.81 55.53
C ASP C 497 14.85 -23.75 54.18
N LYS C 498 14.18 -23.18 53.18
CA LYS C 498 14.71 -23.15 51.81
C LYS C 498 15.18 -21.74 51.41
N ASP C 500 17.73 -18.30 52.90
CA ASP C 500 18.88 -18.01 53.77
C ASP C 500 18.71 -16.73 54.59
N PHE C 501 17.49 -16.21 54.63
CA PHE C 501 17.11 -15.17 55.59
C PHE C 501 15.66 -15.40 56.03
N THR C 502 15.27 -14.74 57.12
CA THR C 502 13.90 -14.82 57.63
C THR C 502 13.09 -13.63 57.10
N PRO C 503 12.05 -13.92 56.31
CA PRO C 503 11.14 -12.86 55.86
C PRO C 503 10.20 -12.51 57.00
N VAL C 504 9.59 -11.33 56.93
CA VAL C 504 8.49 -10.99 57.81
C VAL C 504 7.24 -11.76 57.35
N ILE C 505 6.56 -12.44 58.27
CA ILE C 505 5.34 -13.13 57.90
C ILE C 505 4.16 -12.17 58.06
N SER C 506 3.45 -11.94 56.95
CA SER C 506 2.33 -10.98 56.94
C SER C 506 1.23 -11.40 57.91
N PRO C 507 0.70 -10.45 58.68
CA PRO C 507 -0.46 -10.72 59.53
C PRO C 507 -1.66 -11.12 58.68
N GLU C 508 -1.63 -10.72 57.40
CA GLU C 508 -2.69 -11.07 56.43
C GLU C 508 -2.31 -12.26 55.55
N LEU C 509 -1.35 -13.07 56.00
CA LEU C 509 -0.91 -14.27 55.27
C LEU C 509 -2.10 -15.13 54.89
N LYS C 510 -2.23 -15.41 53.60
CA LYS C 510 -3.34 -16.22 53.08
C LYS C 510 -2.85 -17.30 52.12
N LEU C 511 -3.68 -18.33 51.92
CA LEU C 511 -3.42 -19.32 50.88
C LEU C 511 -3.52 -18.62 49.53
N ASP C 513 -4.73 -18.19 45.79
CA ASP C 513 -6.09 -18.39 45.25
C ASP C 513 -6.33 -19.81 44.74
N GLU C 514 -7.40 -20.43 45.23
CA GLU C 514 -7.78 -21.81 44.89
C GLU C 514 -7.85 -22.06 43.38
N ARG C 515 -8.39 -21.08 42.65
CA ARG C 515 -8.58 -21.21 41.20
C ARG C 515 -7.27 -21.43 40.44
N LEU C 516 -6.16 -20.94 41.00
CA LEU C 516 -4.85 -21.07 40.37
C LEU C 516 -4.44 -22.53 40.16
N PHE C 517 -4.89 -23.40 41.06
CA PHE C 517 -4.45 -24.80 41.09
C PHE C 517 -5.48 -25.76 40.48
N ILE C 518 -6.49 -25.20 39.82
CA ILE C 518 -7.52 -26.02 39.17
C ILE C 518 -7.35 -25.97 37.66
N ASP C 519 -7.40 -27.14 37.04
CA ASP C 519 -7.17 -27.29 35.60
C ASP C 519 -8.43 -26.96 34.79
N ALA C 520 -8.98 -25.79 35.04
CA ALA C 520 -10.10 -25.24 34.28
C ALA C 520 -9.97 -23.73 34.22
N ALA C 521 -10.74 -23.08 33.35
CA ALA C 521 -10.77 -21.62 33.26
C ALA C 521 -11.10 -21.00 34.62
N GLY C 523 -12.12 -17.92 35.32
CA GLY C 523 -13.19 -16.92 35.34
C GLY C 523 -12.66 -15.65 35.94
N PHE C 524 -11.39 -15.36 35.65
CA PHE C 524 -10.69 -14.22 36.23
C PHE C 524 -11.09 -12.92 35.54
N VAL C 525 -11.48 -11.94 36.36
CA VAL C 525 -11.83 -10.61 35.86
C VAL C 525 -10.74 -9.63 36.28
N LEU C 526 -10.18 -8.91 35.31
CA LEU C 526 -9.19 -7.89 35.59
C LEU C 526 -9.82 -6.74 36.36
N PRO C 527 -9.14 -6.27 37.41
CA PRO C 527 -9.57 -5.08 38.13
C PRO C 527 -9.68 -3.87 37.20
N GLU C 528 -10.60 -2.97 37.50
CA GLU C 528 -10.89 -1.81 36.65
C GLU C 528 -9.73 -0.82 36.64
N ALA C 529 -9.69 0.05 35.64
CA ALA C 529 -8.58 0.99 35.42
C ALA C 529 -8.37 1.94 36.59
N VAL D 4 -9.46 11.86 -37.15
CA VAL D 4 -9.02 13.18 -36.64
C VAL D 4 -8.85 13.08 -35.12
N LYS D 5 -7.64 12.76 -34.68
CA LYS D 5 -7.26 12.72 -33.27
C LYS D 5 -5.99 13.54 -33.11
N PRO D 6 -5.82 14.22 -31.97
CA PRO D 6 -4.55 14.88 -31.68
C PRO D 6 -3.43 13.82 -31.59
N PRO D 7 -2.28 14.08 -32.19
CA PRO D 7 -1.18 13.11 -32.14
C PRO D 7 -0.46 13.12 -30.80
N ARG D 8 0.05 11.97 -30.39
CA ARG D 8 0.81 11.87 -29.15
C ARG D 8 2.24 12.36 -29.40
N ILE D 9 2.77 13.15 -28.48
CA ILE D 9 4.16 13.62 -28.57
C ILE D 9 5.05 12.78 -27.67
N ASN D 10 6.02 12.10 -28.28
CA ASN D 10 6.95 11.21 -27.57
C ASN D 10 6.24 10.24 -26.62
N GLY D 11 5.09 9.74 -27.06
CA GLY D 11 4.31 8.78 -26.30
C GLY D 11 3.37 9.38 -25.27
N ARG D 12 3.46 10.68 -25.02
CA ARG D 12 2.58 11.33 -24.02
C ARG D 12 1.17 11.51 -24.58
N VAL D 13 0.18 11.09 -23.79
CA VAL D 13 -1.23 11.26 -24.15
C VAL D 13 -1.56 12.75 -24.22
N PRO D 14 -2.19 13.19 -25.32
CA PRO D 14 -2.60 14.58 -25.45
C PRO D 14 -3.52 14.99 -24.29
N VAL D 15 -3.23 16.13 -23.69
CA VAL D 15 -4.06 16.67 -22.62
C VAL D 15 -4.71 17.95 -23.11
N LEU D 16 -6.04 17.98 -23.07
CA LEU D 16 -6.82 19.11 -23.56
C LEU D 16 -7.84 19.57 -22.53
N SER D 17 -8.34 20.78 -22.69
CA SER D 17 -9.50 21.21 -21.91
C SER D 17 -10.73 20.44 -22.40
N ALA D 18 -11.78 20.36 -21.58
CA ALA D 18 -13.01 19.69 -21.99
C ALA D 18 -13.60 20.34 -23.26
N GLN D 19 -13.54 21.68 -23.32
CA GLN D 19 -14.01 22.44 -24.49
C GLN D 19 -13.25 22.04 -25.75
N GLU D 20 -11.93 21.97 -25.64
CA GLU D 20 -11.06 21.55 -26.75
C GLU D 20 -11.36 20.10 -27.15
N ALA D 21 -11.50 19.23 -26.15
CA ALA D 21 -11.75 17.79 -26.39
C ALA D 21 -13.01 17.55 -27.21
N VAL D 22 -14.12 18.19 -26.82
CA VAL D 22 -15.42 17.90 -27.46
C VAL D 22 -15.52 18.40 -28.91
N ASN D 23 -14.58 19.24 -29.32
CA ASN D 23 -14.49 19.68 -30.72
C ASN D 23 -14.13 18.55 -31.70
N TYR D 24 -13.61 17.45 -31.18
CA TYR D 24 -13.27 16.27 -31.99
C TYR D 24 -14.47 15.36 -32.26
N ILE D 25 -15.65 15.72 -31.76
CA ILE D 25 -16.85 14.90 -32.00
C ILE D 25 -17.53 15.36 -33.29
N PRO D 26 -17.59 14.48 -34.29
CA PRO D 26 -18.25 14.81 -35.56
C PRO D 26 -19.77 14.62 -35.51
N ASP D 27 -20.47 15.20 -36.47
CA ASP D 27 -21.91 14.94 -36.62
C ASP D 27 -22.15 13.44 -36.75
N GLU D 28 -23.27 12.97 -36.20
CA GLU D 28 -23.71 11.57 -36.30
C GLU D 28 -22.83 10.54 -35.59
N ALA D 29 -21.88 11.00 -34.80
CA ALA D 29 -21.06 10.09 -33.98
C ALA D 29 -21.94 9.30 -33.01
N THR D 30 -21.55 8.06 -32.73
CA THR D 30 -22.15 7.28 -31.65
C THR D 30 -21.32 7.47 -30.38
N LEU D 31 -21.94 8.10 -29.39
CA LEU D 31 -21.29 8.47 -28.13
C LEU D 31 -21.68 7.53 -26.99
N CYS D 32 -20.68 6.95 -26.34
CA CYS D 32 -20.93 6.07 -25.18
C CYS D 32 -20.48 6.77 -23.90
N VAL D 33 -21.38 6.87 -22.94
CA VAL D 33 -21.11 7.62 -21.71
C VAL D 33 -21.05 6.72 -20.48
N LEU D 34 -19.89 6.73 -19.83
CA LEU D 34 -19.67 5.93 -18.62
C LEU D 34 -20.34 6.57 -17.42
N GLY D 35 -20.82 5.74 -16.48
CA GLY D 35 -21.32 6.30 -15.23
C GLY D 35 -22.56 5.62 -14.69
N ALA D 36 -22.80 5.80 -13.39
CA ALA D 36 -23.99 5.31 -12.71
C ALA D 36 -24.67 6.51 -12.02
N GLY D 37 -25.65 6.23 -11.17
CA GLY D 37 -26.44 7.29 -10.57
C GLY D 37 -25.65 8.18 -9.64
N GLY D 38 -26.08 9.43 -9.51
CA GLY D 38 -25.55 10.34 -8.51
C GLY D 38 -24.08 10.75 -8.65
N GLY D 39 -23.55 10.74 -9.87
CA GLY D 39 -22.18 11.19 -10.13
C GLY D 39 -21.10 10.12 -10.14
N ILE D 40 -21.49 8.87 -9.90
CA ILE D 40 -20.51 7.76 -9.86
C ILE D 40 -19.83 7.60 -11.22
N LEU D 41 -18.50 7.74 -11.24
CA LEU D 41 -17.68 7.57 -12.44
C LEU D 41 -18.09 8.39 -13.67
N GLU D 42 -18.66 9.56 -13.44
CA GLU D 42 -19.17 10.37 -14.53
C GLU D 42 -18.16 11.43 -14.96
N ALA D 43 -17.85 11.47 -16.26
CA ALA D 43 -16.96 12.51 -16.80
C ALA D 43 -17.76 13.80 -17.02
N THR D 44 -18.14 14.41 -15.90
CA THR D 44 -19.05 15.55 -15.90
C THR D 44 -18.58 16.73 -16.76
N THR D 45 -17.28 17.02 -16.76
CA THR D 45 -16.78 18.18 -17.53
C THR D 45 -16.97 17.97 -19.03
N LEU D 46 -16.92 16.71 -19.46
CA LEU D 46 -17.13 16.40 -20.88
C LEU D 46 -18.60 16.52 -21.29
N ILE D 47 -19.51 16.00 -20.47
CA ILE D 47 -20.95 16.16 -20.70
C ILE D 47 -21.31 17.65 -20.76
N THR D 48 -20.86 18.41 -19.75
CA THR D 48 -21.06 19.86 -19.70
C THR D 48 -20.56 20.59 -20.95
N ALA D 49 -19.32 20.31 -21.35
CA ALA D 49 -18.73 20.95 -22.53
C ALA D 49 -19.50 20.67 -23.81
N LEU D 50 -19.97 19.43 -23.97
CA LEU D 50 -20.72 19.07 -25.17
C LEU D 50 -22.07 19.78 -25.21
N ALA D 51 -22.76 19.81 -24.08
CA ALA D 51 -24.07 20.47 -23.97
C ALA D 51 -23.90 21.96 -24.29
N ASP D 52 -22.83 22.55 -23.76
CA ASP D 52 -22.51 23.95 -24.00
C ASP D 52 -22.13 24.28 -25.43
N LYS D 53 -21.29 23.43 -26.05
CA LYS D 53 -20.97 23.60 -27.47
C LYS D 53 -22.24 23.60 -28.32
N TYR D 54 -23.16 22.69 -28.02
CA TYR D 54 -24.42 22.64 -28.74
C TYR D 54 -25.29 23.87 -28.48
N LYS D 55 -25.38 24.29 -27.22
CA LYS D 55 -26.18 25.48 -26.90
C LYS D 55 -25.68 26.70 -27.68
N GLN D 56 -24.36 26.83 -27.80
CA GLN D 56 -23.73 27.98 -28.47
C GLN D 56 -23.67 27.88 -30.00
N THR D 57 -23.47 26.67 -30.53
CA THR D 57 -23.21 26.49 -31.98
C THR D 57 -24.18 25.59 -32.77
N GLN D 58 -25.12 24.93 -32.09
CA GLN D 58 -26.02 23.93 -32.70
C GLN D 58 -25.27 22.82 -33.46
N THR D 59 -24.05 22.54 -33.00
CA THR D 59 -23.25 21.38 -33.45
C THR D 59 -22.64 20.73 -32.19
N PRO D 60 -22.26 19.45 -32.24
CA PRO D 60 -22.48 18.57 -33.39
C PRO D 60 -23.93 18.15 -33.44
N ARG D 61 -24.35 17.54 -34.54
CA ARG D 61 -25.76 17.25 -34.76
C ARG D 61 -26.01 15.75 -34.82
N ASN D 62 -27.23 15.36 -34.46
CA ASN D 62 -27.76 14.01 -34.67
C ASN D 62 -26.86 12.90 -34.15
N LEU D 63 -26.44 13.06 -32.90
CA LEU D 63 -25.68 12.03 -32.21
C LEU D 63 -26.55 10.83 -31.88
N SER D 64 -25.90 9.68 -31.75
CA SER D 64 -26.50 8.48 -31.20
C SER D 64 -25.85 8.28 -29.82
N ILE D 65 -26.66 8.01 -28.80
CA ILE D 65 -26.14 7.82 -27.45
C ILE D 65 -26.27 6.36 -27.02
N ILE D 66 -25.23 5.85 -26.37
CA ILE D 66 -25.32 4.56 -25.68
C ILE D 66 -24.97 4.81 -24.21
N SER D 67 -25.88 4.46 -23.30
CA SER D 67 -25.68 4.68 -21.89
C SER D 67 -25.95 3.36 -21.15
N PRO D 68 -24.89 2.58 -20.91
CA PRO D 68 -25.03 1.27 -20.29
C PRO D 68 -25.80 1.30 -18.98
N THR D 69 -25.40 2.21 -18.09
CA THR D 69 -26.06 2.43 -16.80
C THR D 69 -26.76 3.78 -16.87
N GLY D 70 -27.67 4.02 -15.93
CA GLY D 70 -28.36 5.30 -15.86
C GLY D 70 -27.53 6.35 -15.14
N LEU D 71 -27.30 7.48 -15.80
CA LEU D 71 -26.61 8.61 -15.18
C LEU D 71 -27.59 9.63 -14.65
N GLY D 72 -27.18 10.33 -13.60
CA GLY D 72 -27.94 11.48 -13.14
C GLY D 72 -28.59 11.38 -11.78
N ASP D 73 -29.48 12.35 -11.54
CA ASP D 73 -30.14 12.54 -10.24
C ASP D 73 -31.67 12.46 -10.39
N ARG D 74 -32.14 11.75 -11.41
CA ARG D 74 -33.58 11.66 -11.72
C ARG D 74 -34.21 13.02 -12.04
N ALA D 75 -33.38 13.93 -12.57
CA ALA D 75 -33.83 15.28 -12.92
C ALA D 75 -32.99 15.87 -14.06
N ASP D 76 -32.25 16.96 -13.80
CA ASP D 76 -31.56 17.70 -14.87
C ASP D 76 -30.06 17.41 -15.01
N ARG D 77 -29.55 16.50 -14.19
CA ARG D 77 -28.13 16.13 -14.28
C ARG D 77 -27.96 14.88 -15.17
N GLY D 78 -26.82 14.20 -15.06
CA GLY D 78 -26.58 13.01 -15.91
C GLY D 78 -26.45 13.44 -17.36
N ILE D 79 -27.17 12.78 -18.25
CA ILE D 79 -27.16 13.19 -19.68
C ILE D 79 -28.38 14.04 -20.07
N SER D 80 -29.21 14.39 -19.08
CA SER D 80 -30.29 15.37 -19.33
C SER D 80 -29.85 16.64 -20.07
N PRO D 81 -28.65 17.18 -19.78
CA PRO D 81 -28.14 18.33 -20.51
C PRO D 81 -28.01 18.09 -22.03
N LEU D 82 -27.91 16.84 -22.44
CA LEU D 82 -27.77 16.52 -23.87
C LEU D 82 -29.13 16.45 -24.60
N ALA D 83 -30.22 16.61 -23.86
CA ALA D 83 -31.57 16.52 -24.42
C ALA D 83 -32.05 17.78 -25.13
N GLN D 84 -31.14 18.47 -25.81
CA GLN D 84 -31.51 19.64 -26.59
C GLN D 84 -31.89 19.13 -27.98
N GLU D 85 -33.00 19.63 -28.52
CA GLU D 85 -33.50 19.13 -29.81
C GLU D 85 -32.45 19.24 -30.89
N GLY D 86 -32.22 18.14 -31.61
CA GLY D 86 -31.27 18.11 -32.73
C GLY D 86 -29.87 17.61 -32.37
N LEU D 87 -29.53 17.60 -31.09
CA LEU D 87 -28.24 17.05 -30.63
C LEU D 87 -28.23 15.53 -30.66
N VAL D 88 -29.31 14.92 -30.16
CA VAL D 88 -29.45 13.46 -30.13
C VAL D 88 -30.60 13.01 -31.03
N LYS D 89 -30.37 11.98 -31.85
CA LYS D 89 -31.44 11.43 -32.68
C LYS D 89 -31.82 9.99 -32.31
N TRP D 90 -30.97 9.34 -31.51
CA TRP D 90 -31.05 7.89 -31.30
C TRP D 90 -30.38 7.58 -29.97
N ALA D 91 -31.01 6.71 -29.18
CA ALA D 91 -30.41 6.32 -27.90
C ALA D 91 -30.75 4.89 -27.49
N LEU D 92 -29.75 4.22 -26.94
CA LEU D 92 -29.86 2.88 -26.38
C LEU D 92 -29.34 2.95 -24.95
N CYS D 93 -30.25 2.83 -23.99
CA CYS D 93 -29.88 2.96 -22.58
C CYS D 93 -30.36 1.77 -21.78
N GLY D 94 -29.61 1.45 -20.74
CA GLY D 94 -29.97 0.36 -19.83
C GLY D 94 -31.00 0.79 -18.81
N HIS D 95 -30.92 2.04 -18.37
CA HIS D 95 -31.84 2.60 -17.39
C HIS D 95 -32.19 4.02 -17.79
N TRP D 96 -33.46 4.24 -18.10
CA TRP D 96 -33.89 5.50 -18.72
C TRP D 96 -34.36 6.58 -17.74
N GLY D 97 -34.81 6.18 -16.55
CA GLY D 97 -35.36 7.12 -15.57
C GLY D 97 -34.39 8.05 -14.87
N GLN D 98 -33.09 7.73 -14.90
CA GLN D 98 -32.10 8.52 -14.17
C GLN D 98 -31.80 9.87 -14.85
N SER D 99 -31.97 9.92 -16.18
CA SER D 99 -31.89 11.17 -16.97
C SER D 99 -33.21 11.43 -17.73
N PRO D 100 -34.24 11.89 -17.01
CA PRO D 100 -35.61 11.93 -17.56
C PRO D 100 -35.84 12.93 -18.70
N ARG D 101 -34.93 13.86 -18.94
CA ARG D 101 -35.09 14.78 -20.07
C ARG D 101 -34.90 14.06 -21.40
N ILE D 102 -34.04 13.05 -21.40
CA ILE D 102 -33.87 12.20 -22.58
C ILE D 102 -35.05 11.25 -22.72
N SER D 103 -35.55 10.72 -21.60
CA SER D 103 -36.76 9.91 -21.60
C SER D 103 -37.95 10.70 -22.16
N ASP D 104 -38.02 11.99 -21.82
CA ASP D 104 -39.08 12.88 -22.35
C ASP D 104 -39.06 12.93 -23.89
N LEU D 105 -37.87 13.01 -24.48
CA LEU D 105 -37.72 13.02 -25.93
C LEU D 105 -38.25 11.71 -26.53
N ALA D 106 -37.94 10.59 -25.87
CA ALA D 106 -38.44 9.28 -26.28
C ALA D 106 -39.97 9.15 -26.21
N GLU D 107 -40.53 9.60 -25.09
CA GLU D 107 -41.99 9.60 -24.85
C GLU D 107 -42.73 10.40 -25.92
N GLN D 108 -42.08 11.44 -26.44
CA GLN D 108 -42.70 12.35 -27.41
C GLN D 108 -42.34 12.01 -28.87
N ASN D 109 -41.65 10.88 -29.07
CA ASN D 109 -41.29 10.40 -30.40
C ASN D 109 -40.35 11.32 -31.17
N LYS D 110 -39.44 11.96 -30.42
CA LYS D 110 -38.46 12.89 -31.00
C LYS D 110 -37.10 12.24 -31.22
N ILE D 111 -36.89 11.07 -30.62
CA ILE D 111 -35.69 10.25 -30.88
C ILE D 111 -36.08 8.79 -31.04
N ILE D 112 -35.24 8.02 -31.74
CA ILE D 112 -35.31 6.56 -31.75
C ILE D 112 -34.80 6.08 -30.38
N ALA D 113 -35.46 5.08 -29.80
CA ALA D 113 -35.23 4.73 -28.40
C ALA D 113 -35.33 3.24 -28.13
N TYR D 114 -34.23 2.64 -27.69
CA TYR D 114 -34.19 1.23 -27.30
C TYR D 114 -33.78 1.05 -25.84
N ASN D 115 -34.22 -0.07 -25.26
CA ASN D 115 -33.82 -0.51 -23.93
C ASN D 115 -33.38 -1.99 -23.99
N TYR D 116 -32.09 -2.27 -24.03
CA TYR D 116 -31.59 -3.61 -23.76
C TYR D 116 -31.52 -3.75 -22.23
N PRO D 117 -31.68 -4.95 -21.69
CA PRO D 117 -31.38 -5.13 -20.27
C PRO D 117 -29.96 -4.61 -20.03
N GLN D 118 -29.76 -3.90 -18.93
CA GLN D 118 -28.48 -3.29 -18.61
C GLN D 118 -27.30 -4.27 -18.72
N GLY D 119 -27.48 -5.49 -18.21
CA GLY D 119 -26.42 -6.49 -18.21
C GLY D 119 -26.10 -6.94 -19.63
N VAL D 120 -27.13 -7.20 -20.41
CA VAL D 120 -26.95 -7.58 -21.81
C VAL D 120 -26.26 -6.46 -22.60
N LEU D 121 -26.66 -5.21 -22.33
CA LEU D 121 -26.08 -4.04 -23.00
C LEU D 121 -24.56 -3.99 -22.82
N THR D 122 -24.10 -4.12 -21.58
CA THR D 122 -22.65 -4.14 -21.33
C THR D 122 -21.94 -5.36 -21.98
N GLN D 123 -22.61 -6.51 -22.01
CA GLN D 123 -22.11 -7.69 -22.71
C GLN D 123 -22.00 -7.44 -24.22
N THR D 124 -22.97 -6.73 -24.82
CA THR D 124 -22.88 -6.41 -26.26
C THR D 124 -21.76 -5.45 -26.58
N LEU D 125 -21.45 -4.53 -25.65
CA LEU D 125 -20.28 -3.64 -25.85
C LEU D 125 -18.99 -4.42 -25.81
N ARG D 126 -18.91 -5.41 -24.92
CA ARG D 126 -17.75 -6.29 -24.83
C ARG D 126 -17.62 -7.15 -26.10
N ALA D 127 -18.75 -7.60 -26.63
CA ALA D 127 -18.78 -8.28 -27.94
C ALA D 127 -18.26 -7.38 -29.07
N ALA D 128 -18.69 -6.11 -29.05
CA ALA D 128 -18.30 -5.14 -30.08
C ALA D 128 -16.79 -4.86 -30.07
N ALA D 129 -16.19 -4.87 -28.88
CA ALA D 129 -14.73 -4.76 -28.71
C ALA D 129 -13.99 -5.88 -29.43
N ALA D 130 -14.58 -7.07 -29.37
CA ALA D 130 -14.02 -8.26 -30.01
C ALA D 130 -14.48 -8.48 -31.45
N HIS D 131 -15.23 -7.51 -32.00
CA HIS D 131 -15.81 -7.58 -33.36
C HIS D 131 -16.78 -8.78 -33.55
N GLN D 132 -17.38 -9.22 -32.46
CA GLN D 132 -18.45 -10.22 -32.52
C GLN D 132 -19.74 -9.46 -32.89
N PRO D 133 -20.59 -10.06 -33.72
CA PRO D 133 -21.76 -9.36 -34.26
C PRO D 133 -22.88 -9.14 -33.25
N GLY D 134 -22.95 -9.99 -32.23
CA GLY D 134 -23.99 -9.91 -31.21
C GLY D 134 -23.81 -11.02 -30.19
N ILE D 135 -24.72 -11.09 -29.22
CA ILE D 135 -24.69 -12.13 -28.20
C ILE D 135 -26.01 -12.90 -28.16
N ILE D 136 -25.93 -14.16 -27.74
CA ILE D 136 -27.11 -15.03 -27.61
C ILE D 136 -27.42 -15.23 -26.13
N SER D 137 -28.64 -14.89 -25.72
CA SER D 137 -29.01 -14.94 -24.32
C SER D 137 -30.51 -15.18 -24.17
N ASP D 138 -30.93 -15.94 -23.16
CA ASP D 138 -32.37 -16.10 -22.92
C ASP D 138 -32.91 -15.05 -21.95
N ILE D 139 -32.04 -14.14 -21.51
CA ILE D 139 -32.44 -13.01 -20.68
C ILE D 139 -33.31 -12.09 -21.54
N GLY D 140 -34.55 -11.90 -21.12
CA GLY D 140 -35.48 -11.05 -21.87
C GLY D 140 -36.63 -11.81 -22.52
N ILE D 141 -36.48 -13.12 -22.70
CA ILE D 141 -37.56 -13.96 -23.24
C ILE D 141 -38.83 -13.72 -22.46
N GLY D 142 -39.91 -13.48 -23.20
CA GLY D 142 -41.24 -13.30 -22.60
C GLY D 142 -41.51 -11.92 -22.02
N THR D 143 -40.56 -11.00 -22.13
CA THR D 143 -40.73 -9.61 -21.68
C THR D 143 -40.84 -8.69 -22.90
N PHE D 144 -40.94 -7.39 -22.68
CA PHE D 144 -41.07 -6.41 -23.77
C PHE D 144 -39.83 -6.39 -24.69
N VAL D 145 -38.71 -6.91 -24.21
CA VAL D 145 -37.49 -7.02 -24.99
C VAL D 145 -37.60 -8.09 -26.10
N ASP D 146 -38.40 -9.13 -25.84
CA ASP D 146 -38.70 -10.19 -26.80
C ASP D 146 -39.34 -9.58 -28.05
N PRO D 147 -38.84 -9.90 -29.24
CA PRO D 147 -39.34 -9.35 -30.50
C PRO D 147 -40.79 -9.78 -30.80
N ARG D 148 -41.28 -10.80 -30.12
CA ARG D 148 -42.69 -11.19 -30.16
C ARG D 148 -43.56 -10.18 -29.40
N GLN D 149 -42.94 -9.40 -28.52
CA GLN D 149 -43.62 -8.27 -27.88
C GLN D 149 -43.19 -6.93 -28.50
N GLN D 150 -42.31 -6.17 -27.84
CA GLN D 150 -41.91 -4.85 -28.37
C GLN D 150 -40.50 -4.81 -28.95
N GLY D 151 -39.73 -5.89 -28.78
CA GLY D 151 -38.33 -5.93 -29.25
C GLY D 151 -37.44 -4.89 -28.61
N GLY D 152 -37.79 -4.47 -27.39
CA GLY D 152 -37.06 -3.44 -26.66
C GLY D 152 -37.24 -2.02 -27.20
N LYS D 153 -38.18 -1.85 -28.14
CA LYS D 153 -38.47 -0.54 -28.74
C LYS D 153 -39.40 0.22 -27.82
N LEU D 154 -39.05 1.47 -27.51
CA LEU D 154 -39.76 2.21 -26.45
C LEU D 154 -40.86 3.16 -26.93
N ASN D 155 -40.91 3.43 -28.22
CA ASN D 155 -41.94 4.30 -28.77
C ASN D 155 -42.36 3.90 -30.20
N GLU D 156 -43.30 4.64 -30.77
CA GLU D 156 -43.83 4.33 -32.09
C GLU D 156 -42.89 4.61 -33.27
N VAL D 157 -41.99 5.58 -33.13
CA VAL D 157 -41.07 5.96 -34.21
C VAL D 157 -39.84 5.02 -34.31
N THR D 158 -39.70 4.12 -33.34
CA THR D 158 -38.61 3.17 -33.34
C THR D 158 -39.03 1.89 -34.06
N LYS D 159 -38.41 1.63 -35.21
CA LYS D 159 -38.86 0.58 -36.13
C LYS D 159 -37.86 -0.57 -36.35
N GLU D 160 -36.58 -0.24 -36.52
CA GLU D 160 -35.55 -1.23 -36.83
C GLU D 160 -35.41 -2.29 -35.74
N ASP D 161 -35.35 -3.56 -36.17
CA ASP D 161 -35.20 -4.69 -35.27
C ASP D 161 -33.73 -4.86 -34.90
N LEU D 162 -33.41 -4.82 -33.60
CA LEU D 162 -32.05 -5.08 -33.13
C LEU D 162 -31.94 -6.43 -32.44
N ILE D 163 -33.11 -6.99 -32.10
CA ILE D 163 -33.18 -8.24 -31.36
C ILE D 163 -34.00 -9.25 -32.18
N LYS D 164 -33.48 -10.47 -32.32
CA LYS D 164 -34.22 -11.54 -33.00
C LYS D 164 -34.26 -12.83 -32.20
N LEU D 165 -35.29 -13.63 -32.44
CA LEU D 165 -35.46 -14.90 -31.76
C LEU D 165 -34.69 -15.97 -32.53
N VAL D 166 -33.94 -16.78 -31.80
CA VAL D 166 -33.15 -17.87 -32.39
C VAL D 166 -33.33 -19.14 -31.55
N GLU D 167 -32.81 -20.25 -32.04
CA GLU D 167 -32.90 -21.54 -31.33
C GLU D 167 -31.54 -22.25 -31.29
N PHE D 168 -31.15 -22.68 -30.09
CA PHE D 168 -29.98 -23.57 -29.89
C PHE D 168 -30.32 -24.66 -28.90
N ASP D 169 -29.98 -25.90 -29.22
CA ASP D 169 -30.25 -27.06 -28.35
C ASP D 169 -31.73 -27.16 -27.93
N ASN D 170 -32.64 -26.94 -28.89
CA ASN D 170 -34.10 -26.92 -28.66
C ASN D 170 -34.60 -25.96 -27.57
N LYS D 171 -33.84 -24.89 -27.35
CA LYS D 171 -34.22 -23.85 -26.40
C LYS D 171 -34.33 -22.51 -27.13
N GLU D 172 -35.21 -21.64 -26.64
CA GLU D 172 -35.37 -20.30 -27.22
C GLU D 172 -34.30 -19.38 -26.67
N TYR D 173 -33.75 -18.54 -27.55
CA TYR D 173 -32.81 -17.50 -27.13
C TYR D 173 -33.09 -16.24 -27.91
N LEU D 174 -32.62 -15.10 -27.39
CA LEU D 174 -32.60 -13.87 -28.15
C LEU D 174 -31.19 -13.58 -28.63
N TYR D 175 -31.08 -13.10 -29.86
CA TYR D 175 -29.84 -12.59 -30.39
C TYR D 175 -29.89 -11.07 -30.33
N TYR D 176 -28.97 -10.48 -29.58
CA TYR D 176 -28.93 -9.02 -29.46
C TYR D 176 -27.78 -8.51 -30.32
N LYS D 177 -28.07 -7.62 -31.27
CA LYS D 177 -27.02 -7.01 -32.09
C LYS D 177 -26.06 -6.16 -31.24
N ALA D 178 -24.77 -6.36 -31.47
CA ALA D 178 -23.73 -5.55 -30.81
C ALA D 178 -23.47 -4.29 -31.63
N ILE D 179 -23.57 -3.14 -30.96
CA ILE D 179 -23.30 -1.85 -31.58
C ILE D 179 -22.04 -1.22 -30.93
N ALA D 180 -21.08 -0.84 -31.76
CA ALA D 180 -19.83 -0.22 -31.30
C ALA D 180 -19.94 1.30 -31.35
N PRO D 181 -19.49 1.97 -30.28
CA PRO D 181 -19.52 3.43 -30.25
C PRO D 181 -18.32 4.04 -30.99
N ASP D 182 -18.43 5.32 -31.35
CA ASP D 182 -17.40 6.10 -32.05
C ASP D 182 -16.58 6.97 -31.09
N ILE D 183 -17.22 7.38 -29.99
CA ILE D 183 -16.61 8.28 -29.01
C ILE D 183 -16.94 7.71 -27.62
N ALA D 184 -15.98 7.75 -26.70
CA ALA D 184 -16.25 7.43 -25.29
C ALA D 184 -15.95 8.61 -24.37
N PHE D 185 -16.84 8.85 -23.39
CA PHE D 185 -16.55 9.69 -22.22
C PHE D 185 -16.33 8.77 -21.01
N ILE D 186 -15.08 8.49 -20.68
CA ILE D 186 -14.78 7.67 -19.50
C ILE D 186 -14.04 8.50 -18.45
N ARG D 187 -13.73 7.87 -17.33
CA ARG D 187 -13.22 8.58 -16.17
C ARG D 187 -12.41 7.63 -15.31
N ALA D 188 -11.38 8.17 -14.66
CA ALA D 188 -10.59 7.46 -13.67
C ALA D 188 -10.14 8.44 -12.57
N THR D 189 -9.50 7.94 -11.52
CA THR D 189 -8.93 8.85 -10.54
C THR D 189 -7.66 9.53 -11.06
N THR D 190 -6.74 8.74 -11.58
CA THR D 190 -5.37 9.15 -11.82
C THR D 190 -4.89 8.46 -13.08
N CYS D 191 -4.06 9.14 -13.87
CA CYS D 191 -3.29 8.45 -14.92
C CYS D 191 -1.86 8.96 -15.02
N ASP D 192 -0.96 8.14 -15.56
CA ASP D 192 0.39 8.63 -15.82
C ASP D 192 0.46 9.36 -17.17
N SER D 193 1.64 9.87 -17.51
CA SER D 193 1.82 10.70 -18.71
C SER D 193 1.46 9.97 -20.01
N GLU D 194 1.41 8.64 -19.96
CA GLU D 194 1.08 7.82 -21.14
C GLU D 194 -0.38 7.35 -21.17
N GLY D 195 -1.14 7.69 -20.12
CA GLY D 195 -2.57 7.39 -20.06
C GLY D 195 -2.97 6.16 -19.26
N TYR D 196 -1.99 5.47 -18.69
CA TYR D 196 -2.26 4.33 -17.82
C TYR D 196 -3.00 4.79 -16.57
N ALA D 197 -4.20 4.27 -16.35
CA ALA D 197 -5.12 4.84 -15.36
C ALA D 197 -5.50 3.92 -14.20
N THR D 198 -5.57 4.51 -13.00
CA THR D 198 -6.01 3.81 -11.79
C THR D 198 -7.31 4.43 -11.23
N PHE D 199 -8.00 3.65 -10.42
CA PHE D 199 -9.33 3.98 -9.92
C PHE D 199 -9.38 4.03 -8.39
N GLU D 200 -8.27 4.42 -7.76
CA GLU D 200 -8.16 4.32 -6.30
C GLU D 200 -9.20 5.09 -5.48
N ASP D 201 -9.68 6.23 -5.99
CA ASP D 201 -10.68 7.02 -5.26
C ASP D 201 -12.10 6.87 -5.81
N GLU D 202 -12.26 6.12 -6.89
CA GLU D 202 -13.59 5.99 -7.51
C GLU D 202 -14.44 5.05 -6.68
N VAL D 203 -15.76 5.25 -6.74
CA VAL D 203 -16.69 4.42 -5.96
C VAL D 203 -16.63 2.95 -6.43
N TYR D 205 -15.87 0.43 -10.55
CA TYR D 205 -15.23 0.37 -11.88
C TYR D 205 -16.19 0.47 -13.05
N LEU D 206 -17.44 0.07 -12.81
CA LEU D 206 -18.42 -0.13 -13.87
C LEU D 206 -17.81 -0.91 -15.04
N ASP D 207 -18.01 -0.40 -16.26
CA ASP D 207 -17.48 -1.06 -17.45
C ASP D 207 -16.53 -0.17 -18.27
N ALA D 208 -15.70 0.61 -17.58
CA ALA D 208 -14.81 1.56 -18.26
C ALA D 208 -13.85 0.92 -19.27
N LEU D 209 -13.23 -0.21 -18.91
CA LEU D 209 -12.31 -0.90 -19.80
C LEU D 209 -13.01 -1.41 -21.05
N VAL D 210 -14.18 -2.03 -20.85
CA VAL D 210 -15.00 -2.53 -21.95
C VAL D 210 -15.35 -1.42 -22.95
N ILE D 211 -15.82 -0.28 -22.44
CA ILE D 211 -16.16 0.88 -23.28
C ILE D 211 -14.95 1.40 -24.05
N ALA D 212 -13.82 1.56 -23.36
CA ALA D 212 -12.58 2.00 -24.02
C ALA D 212 -12.17 1.06 -25.14
N GLN D 213 -12.19 -0.25 -24.87
CA GLN D 213 -11.81 -1.25 -25.88
C GLN D 213 -12.75 -1.24 -27.09
N ALA D 214 -14.06 -1.13 -26.83
CA ALA D 214 -15.07 -1.10 -27.88
C ALA D 214 -14.87 0.08 -28.83
N VAL D 215 -14.67 1.27 -28.27
CA VAL D 215 -14.43 2.48 -29.06
C VAL D 215 -13.09 2.40 -29.80
N HIS D 216 -12.06 1.97 -29.09
CA HIS D 216 -10.72 1.89 -29.67
C HIS D 216 -10.69 0.97 -30.91
N ASN D 217 -11.30 -0.22 -30.78
CA ASN D 217 -11.30 -1.19 -31.87
C ASN D 217 -12.28 -0.85 -32.99
N ASN D 218 -13.07 0.21 -32.81
CA ASN D 218 -13.97 0.71 -33.86
C ASN D 218 -13.38 1.95 -34.55
N GLY D 219 -12.09 2.20 -34.30
CA GLY D 219 -11.39 3.37 -34.83
C GLY D 219 -11.89 4.68 -34.26
N GLY D 220 -12.29 4.65 -32.99
CA GLY D 220 -12.96 5.79 -32.38
C GLY D 220 -12.02 6.64 -31.54
N ILE D 221 -12.59 7.54 -30.75
CA ILE D 221 -11.79 8.41 -29.88
C ILE D 221 -12.23 8.23 -28.44
N VAL D 222 -11.33 7.73 -27.61
CA VAL D 222 -11.59 7.57 -26.18
C VAL D 222 -11.09 8.80 -25.43
N GLN D 225 -11.58 11.66 -18.46
CA GLN D 225 -11.42 12.67 -17.42
C GLN D 225 -10.72 12.04 -16.22
N VAL D 226 -9.74 12.74 -15.66
CA VAL D 226 -9.06 12.28 -14.42
C VAL D 226 -8.89 13.43 -13.43
N GLN D 227 -8.63 13.10 -12.16
CA GLN D 227 -8.39 14.14 -11.16
C GLN D 227 -6.95 14.67 -11.24
N LYS D 228 -6.01 13.81 -11.59
CA LYS D 228 -4.61 14.22 -11.62
C LYS D 228 -3.80 13.31 -12.51
N VAL D 230 0.31 11.78 -13.19
CA VAL D 230 1.55 11.48 -12.49
C VAL D 230 2.64 11.06 -13.47
N LYS D 231 3.87 10.94 -12.97
CA LYS D 231 5.01 10.55 -13.79
C LYS D 231 4.83 9.16 -14.41
N LYS D 232 5.23 9.03 -15.67
CA LYS D 232 5.21 7.76 -16.40
C LYS D 232 5.70 6.58 -15.57
N ALA D 233 4.95 5.48 -15.58
CA ALA D 233 5.34 4.19 -14.97
C ALA D 233 5.60 4.23 -13.45
N THR D 234 4.90 5.13 -12.75
CA THR D 234 4.99 5.17 -11.29
C THR D 234 3.77 4.60 -10.57
N LEU D 235 2.76 4.14 -11.31
CA LEU D 235 1.60 3.50 -10.69
C LEU D 235 1.83 2.01 -10.56
N HIS D 236 1.28 1.40 -9.51
CA HIS D 236 1.39 -0.05 -9.32
C HIS D 236 0.69 -0.79 -10.48
N PRO D 237 1.41 -1.67 -11.19
CA PRO D 237 0.82 -2.32 -12.37
C PRO D 237 -0.47 -3.11 -12.10
N LYS D 238 -0.60 -3.68 -10.91
CA LYS D 238 -1.81 -4.40 -10.54
C LYS D 238 -2.99 -3.49 -10.12
N SER D 239 -2.74 -2.18 -10.05
CA SER D 239 -3.82 -1.22 -9.82
C SER D 239 -4.28 -0.53 -11.10
N VAL D 240 -3.53 -0.68 -12.18
CA VAL D 240 -3.91 -0.07 -13.45
C VAL D 240 -5.07 -0.87 -14.04
N ARG D 241 -6.17 -0.17 -14.36
CA ARG D 241 -7.36 -0.82 -14.92
C ARG D 241 -7.49 -0.54 -16.42
N ILE D 242 -6.90 0.56 -16.87
CA ILE D 242 -6.96 0.92 -18.29
C ILE D 242 -5.55 1.19 -18.83
N PRO D 243 -5.08 0.39 -19.78
CA PRO D 243 -3.79 0.64 -20.41
C PRO D 243 -3.83 1.90 -21.27
N GLY D 244 -2.74 2.65 -21.24
CA GLY D 244 -2.65 3.97 -21.86
C GLY D 244 -2.91 4.03 -23.35
N TYR D 245 -2.55 2.97 -24.07
CA TYR D 245 -2.73 2.96 -25.52
C TYR D 245 -4.20 2.96 -25.94
N LEU D 246 -5.12 2.80 -24.98
CA LEU D 246 -6.56 2.85 -25.24
C LEU D 246 -7.12 4.28 -25.16
N VAL D 247 -6.34 5.20 -24.61
CA VAL D 247 -6.81 6.55 -24.36
C VAL D 247 -6.25 7.52 -25.43
N ASP D 248 -7.14 8.30 -26.01
CA ASP D 248 -6.74 9.23 -27.08
C ASP D 248 -6.56 10.65 -26.58
N ILE D 249 -7.40 11.06 -25.62
CA ILE D 249 -7.39 12.42 -25.04
C ILE D 249 -7.64 12.32 -23.54
N VAL D 250 -6.87 13.09 -22.77
CA VAL D 250 -7.13 13.22 -21.34
C VAL D 250 -7.52 14.66 -21.02
N VAL D 251 -8.54 14.80 -20.16
CA VAL D 251 -8.94 16.08 -19.59
C VAL D 251 -8.69 15.97 -18.09
N VAL D 252 -7.94 16.91 -17.51
CA VAL D 252 -7.69 16.90 -16.06
C VAL D 252 -8.66 17.84 -15.35
N ASP D 253 -9.40 17.31 -14.38
CA ASP D 253 -10.30 18.10 -13.54
C ASP D 253 -9.86 17.95 -12.08
N PRO D 254 -9.09 18.90 -11.57
CA PRO D 254 -8.56 18.80 -10.20
C PRO D 254 -9.67 18.81 -9.16
N ASP D 255 -10.84 19.31 -9.55
CA ASP D 255 -12.00 19.43 -8.67
C ASP D 255 -12.95 18.23 -8.72
N GLN D 256 -12.57 17.22 -9.51
CA GLN D 256 -13.36 16.00 -9.66
C GLN D 256 -13.72 15.41 -8.31
N SER D 257 -15.01 15.13 -8.11
CA SER D 257 -15.46 14.52 -6.87
C SER D 257 -16.06 13.13 -7.09
N GLN D 258 -15.98 12.30 -6.06
CA GLN D 258 -16.44 10.91 -6.12
C GLN D 258 -17.91 10.79 -6.50
N LEU D 259 -18.71 11.74 -6.00
CA LEU D 259 -20.16 11.78 -6.22
C LEU D 259 -20.58 13.24 -6.47
N TYR D 260 -21.80 13.46 -6.95
CA TYR D 260 -22.36 14.80 -7.07
C TYR D 260 -22.30 15.48 -5.71
N GLY D 261 -22.14 16.81 -5.72
CA GLY D 261 -22.29 17.61 -4.50
C GLY D 261 -21.01 18.29 -4.04
N GLY D 262 -19.89 17.94 -4.66
CA GLY D 262 -18.60 18.62 -4.41
C GLY D 262 -17.91 18.30 -3.08
N ALA D 263 -18.34 17.26 -2.39
CA ALA D 263 -17.68 16.85 -1.15
C ALA D 263 -16.25 16.36 -1.43
N PRO D 264 -15.32 16.62 -0.51
CA PRO D 264 -13.95 16.15 -0.68
C PRO D 264 -13.89 14.62 -0.66
N VAL D 265 -12.77 14.05 -1.10
CA VAL D 265 -12.60 12.59 -1.16
C VAL D 265 -12.81 11.96 0.22
N ASN D 266 -13.62 10.91 0.25
CA ASN D 266 -13.86 10.14 1.47
C ASN D 266 -13.12 8.82 1.29
N ARG D 267 -12.07 8.62 2.08
CA ARG D 267 -11.21 7.44 1.91
C ARG D 267 -11.85 6.14 2.37
N PHE D 268 -12.94 6.22 3.15
CA PHE D 268 -13.75 5.02 3.43
C PHE D 268 -14.47 4.58 2.14
N ILE D 269 -15.01 5.53 1.39
CA ILE D 269 -15.64 5.25 0.09
C ILE D 269 -14.62 4.68 -0.88
N SER D 270 -13.40 5.23 -0.88
CA SER D 270 -12.31 4.70 -1.72
C SER D 270 -12.00 3.23 -1.43
N GLY D 271 -12.30 2.78 -0.21
CA GLY D 271 -12.00 1.40 0.23
C GLY D 271 -10.69 1.25 1.01
N ASP D 272 -10.09 2.37 1.38
CA ASP D 272 -8.75 2.36 1.99
C ASP D 272 -8.74 2.19 3.50
N PHE D 273 -9.88 2.44 4.14
CA PHE D 273 -10.01 2.37 5.59
C PHE D 273 -11.32 1.68 5.98
N THR D 274 -11.32 1.09 7.17
CA THR D 274 -12.49 0.39 7.71
C THR D 274 -13.19 1.32 8.70
N LEU D 275 -14.45 1.61 8.41
CA LEU D 275 -15.26 2.45 9.26
C LEU D 275 -15.63 1.68 10.53
N ASP D 276 -15.56 2.36 11.68
CA ASP D 276 -15.89 1.72 12.95
C ASP D 276 -17.40 1.56 13.10
N LEU D 283 -34.41 2.83 14.26
CA LEU D 283 -35.18 2.74 13.03
C LEU D 283 -36.68 2.75 13.32
N PRO D 284 -37.39 3.79 12.89
CA PRO D 284 -38.82 3.92 13.15
C PRO D 284 -39.64 2.80 12.50
N LEU D 285 -40.59 2.24 13.24
CA LEU D 285 -41.47 1.21 12.69
C LEU D 285 -42.53 1.85 11.79
N ASN D 286 -42.17 2.00 10.52
CA ASN D 286 -43.08 2.54 9.52
C ASN D 286 -43.30 1.51 8.40
N GLN D 287 -44.05 1.92 7.37
CA GLN D 287 -44.39 1.07 6.24
C GLN D 287 -43.16 0.43 5.57
N ARG D 288 -42.12 1.22 5.37
CA ARG D 288 -40.88 0.75 4.77
C ARG D 288 -40.20 -0.32 5.62
N LYS D 289 -40.14 -0.08 6.93
CA LYS D 289 -39.52 -1.05 7.86
C LYS D 289 -40.31 -2.35 7.91
N LEU D 290 -41.63 -2.25 7.93
CA LEU D 290 -42.50 -3.43 7.90
C LEU D 290 -42.19 -4.33 6.70
N VAL D 291 -42.16 -3.75 5.50
CA VAL D 291 -41.90 -4.52 4.28
C VAL D 291 -40.48 -5.11 4.29
N ALA D 292 -39.51 -4.33 4.74
CA ALA D 292 -38.12 -4.81 4.84
C ALA D 292 -37.97 -5.94 5.86
N ARG D 293 -38.65 -5.84 6.99
CA ARG D 293 -38.68 -6.93 7.98
C ARG D 293 -39.24 -8.22 7.38
N ARG D 294 -40.36 -8.14 6.67
CA ARG D 294 -40.94 -9.32 6.02
C ARG D 294 -40.05 -9.88 4.90
N ALA D 295 -39.40 -8.97 4.17
CA ALA D 295 -38.44 -9.35 3.15
C ALA D 295 -37.25 -10.11 3.74
N LEU D 296 -36.84 -9.73 4.94
CA LEU D 296 -35.71 -10.37 5.62
C LEU D 296 -35.99 -11.84 5.96
N PHE D 297 -37.26 -12.19 6.16
CA PHE D 297 -37.68 -13.58 6.37
C PHE D 297 -37.31 -14.50 5.21
N GLU D 298 -37.07 -13.91 4.04
CA GLU D 298 -36.78 -14.68 2.84
C GLU D 298 -35.29 -14.99 2.69
N ARG D 300 -31.48 -16.44 4.03
CA ARG D 300 -30.97 -17.69 4.57
C ARG D 300 -29.49 -17.44 4.87
N LYS D 301 -28.94 -18.09 5.90
CA LYS D 301 -27.50 -18.02 6.15
C LYS D 301 -26.75 -18.47 4.90
N GLY D 302 -25.70 -17.74 4.57
CA GLY D 302 -24.89 -18.03 3.38
C GLY D 302 -25.48 -17.66 2.03
N ALA D 303 -26.63 -17.00 2.01
CA ALA D 303 -27.22 -16.59 0.73
C ALA D 303 -26.50 -15.40 0.12
N VAL D 304 -26.43 -15.38 -1.22
CA VAL D 304 -25.98 -14.22 -1.99
C VAL D 304 -27.23 -13.54 -2.55
N GLY D 305 -27.47 -12.29 -2.13
CA GLY D 305 -28.66 -11.55 -2.54
C GLY D 305 -28.39 -10.25 -3.26
N ASN D 306 -29.44 -9.65 -3.80
CA ASN D 306 -29.39 -8.31 -4.39
C ASN D 306 -30.66 -7.55 -4.00
N VAL D 307 -30.47 -6.30 -3.57
CA VAL D 307 -31.59 -5.44 -3.16
C VAL D 307 -31.66 -4.25 -4.11
N GLY D 308 -32.81 -4.09 -4.74
CA GLY D 308 -33.05 -2.99 -5.67
C GLY D 308 -33.53 -1.75 -4.94
N VAL D 309 -33.43 -0.61 -5.62
CA VAL D 309 -33.93 0.66 -5.08
C VAL D 309 -35.45 0.56 -4.85
N GLY D 310 -35.90 1.07 -3.70
CA GLY D 310 -37.34 1.08 -3.39
C GLY D 310 -37.70 0.80 -1.95
N ILE D 311 -38.95 0.38 -1.73
CA ILE D 311 -39.51 0.22 -0.38
C ILE D 311 -38.73 -0.73 0.53
N ALA D 312 -38.10 -1.74 -0.07
CA ALA D 312 -37.34 -2.75 0.69
C ALA D 312 -35.84 -2.45 0.83
N ASP D 313 -35.36 -1.37 0.23
CA ASP D 313 -33.90 -1.14 0.16
C ASP D 313 -33.20 -0.83 1.51
N GLY D 314 -33.99 -0.79 2.58
CA GLY D 314 -33.46 -0.65 3.95
C GLY D 314 -33.26 -1.97 4.67
N ILE D 315 -33.41 -3.08 3.94
CA ILE D 315 -33.25 -4.42 4.50
C ILE D 315 -31.88 -4.65 5.15
N GLY D 316 -30.84 -3.96 4.65
CA GLY D 316 -29.50 -4.04 5.25
C GLY D 316 -29.49 -3.55 6.68
N LEU D 317 -30.13 -2.40 6.91
CA LEU D 317 -30.23 -1.81 8.25
C LEU D 317 -31.08 -2.66 9.21
N VAL D 318 -32.12 -3.31 8.67
CA VAL D 318 -32.95 -4.20 9.47
C VAL D 318 -32.13 -5.42 9.91
N ALA D 319 -31.43 -6.04 8.97
CA ALA D 319 -30.52 -7.15 9.29
C ALA D 319 -29.51 -6.78 10.37
N ARG D 320 -28.98 -5.56 10.30
CA ARG D 320 -28.02 -5.06 11.30
C ARG D 320 -28.68 -4.92 12.68
N GLU D 321 -29.92 -4.46 12.70
CA GLU D 321 -30.67 -4.35 13.97
C GLU D 321 -30.92 -5.72 14.60
N GLU D 322 -31.13 -6.73 13.76
CA GLU D 322 -31.39 -8.10 14.23
C GLU D 322 -30.12 -8.93 14.44
N GLY D 323 -28.96 -8.34 14.10
CA GLY D 323 -27.67 -8.98 14.34
C GLY D 323 -27.28 -10.11 13.39
N CYS D 324 -27.88 -10.13 12.20
CA CYS D 324 -27.61 -11.21 11.23
C CYS D 324 -27.00 -10.72 9.90
N ALA D 325 -26.52 -9.48 9.89
CA ALA D 325 -25.98 -8.87 8.66
C ALA D 325 -24.73 -9.60 8.14
N ASP D 326 -23.93 -10.13 9.05
CA ASP D 326 -22.71 -10.86 8.66
C ASP D 326 -22.98 -12.31 8.25
N ASP D 327 -24.25 -12.73 8.27
CA ASP D 327 -24.63 -14.11 7.95
C ASP D 327 -24.95 -14.33 6.46
N PHE D 328 -25.12 -13.24 5.71
CA PHE D 328 -25.36 -13.30 4.27
C PHE D 328 -24.57 -12.19 3.55
N ILE D 329 -24.59 -12.20 2.22
CA ILE D 329 -23.89 -11.18 1.46
C ILE D 329 -24.77 -10.60 0.36
N LEU D 330 -24.85 -9.26 0.33
CA LEU D 330 -25.58 -8.56 -0.71
C LEU D 330 -24.60 -8.01 -1.74
N THR D 331 -24.96 -8.17 -3.02
CA THR D 331 -24.14 -7.66 -4.11
C THR D 331 -24.92 -6.59 -4.85
N VAL D 332 -24.19 -5.73 -5.55
CA VAL D 332 -24.79 -4.65 -6.31
C VAL D 332 -24.40 -4.86 -7.77
N GLU D 333 -25.37 -4.73 -8.67
CA GLU D 333 -25.17 -5.09 -10.08
C GLU D 333 -24.03 -4.30 -10.75
N THR D 334 -23.74 -3.11 -10.24
CA THR D 334 -22.66 -2.28 -10.79
C THR D 334 -21.27 -2.70 -10.31
N GLY D 335 -21.20 -3.66 -9.38
CA GLY D 335 -19.92 -4.22 -9.01
C GLY D 335 -19.55 -4.44 -7.54
N PRO D 336 -19.92 -3.52 -6.64
CA PRO D 336 -19.63 -3.68 -5.21
C PRO D 336 -20.25 -4.91 -4.57
N ILE D 337 -19.44 -5.56 -3.74
CA ILE D 337 -19.87 -6.75 -3.03
C ILE D 337 -19.79 -6.49 -1.52
N GLY D 338 -20.94 -6.53 -0.86
CA GLY D 338 -21.02 -6.33 0.57
C GLY D 338 -20.90 -4.86 0.93
N GLY D 339 -20.72 -4.59 2.21
CA GLY D 339 -20.57 -3.22 2.67
C GLY D 339 -21.76 -2.76 3.50
N ILE D 340 -21.64 -1.56 4.05
CA ILE D 340 -22.68 -0.98 4.90
C ILE D 340 -22.93 0.47 4.53
N THR D 341 -24.12 0.95 4.89
CA THR D 341 -24.46 2.36 4.80
C THR D 341 -24.13 2.97 6.15
N SER D 342 -23.24 3.95 6.16
CA SER D 342 -22.92 4.63 7.41
C SER D 342 -24.05 5.58 7.82
N GLY D 348 -23.78 8.67 0.28
CA GLY D 348 -24.25 8.39 -1.08
C GLY D 348 -23.70 7.11 -1.68
N ALA D 349 -22.82 6.44 -0.93
CA ALA D 349 -22.20 5.19 -1.36
C ALA D 349 -21.88 4.34 -0.13
N ASN D 350 -21.69 3.04 -0.32
CA ASN D 350 -21.38 2.16 0.80
C ASN D 350 -19.90 2.09 1.16
N VAL D 351 -19.63 1.69 2.40
CA VAL D 351 -18.25 1.54 2.91
C VAL D 351 -18.08 0.14 3.47
N ASN D 352 -16.84 -0.22 3.82
CA ASN D 352 -16.49 -1.57 4.28
C ASN D 352 -16.90 -2.69 3.33
N THR D 353 -16.85 -2.43 2.02
CA THR D 353 -17.15 -3.44 1.02
C THR D 353 -16.13 -4.58 1.09
N ARG D 354 -16.52 -5.73 0.56
CA ARG D 354 -15.68 -6.92 0.61
C ARG D 354 -14.88 -7.09 -0.67
N ALA D 355 -15.43 -6.59 -1.78
CA ALA D 355 -14.77 -6.65 -3.09
C ALA D 355 -15.50 -5.72 -4.06
N ILE D 356 -14.80 -5.31 -5.11
CA ILE D 356 -15.46 -4.64 -6.24
C ILE D 356 -15.12 -5.34 -7.56
N LEU D 357 -16.14 -5.88 -8.22
CA LEU D 357 -15.94 -6.51 -9.53
C LEU D 357 -16.26 -5.49 -10.63
N ASP D 358 -15.77 -5.73 -11.84
CA ASP D 358 -16.25 -4.93 -12.96
C ASP D 358 -17.70 -5.32 -13.25
N THR D 360 -19.59 -5.87 -15.98
CA THR D 360 -19.93 -6.93 -16.93
C THR D 360 -19.77 -8.32 -16.29
N SER D 361 -18.72 -8.48 -15.48
CA SER D 361 -18.48 -9.74 -14.76
C SER D 361 -19.58 -10.03 -13.75
N GLN D 362 -20.05 -8.99 -13.08
CA GLN D 362 -21.16 -9.12 -12.13
C GLN D 362 -22.42 -9.63 -12.83
N PHE D 363 -22.70 -9.09 -14.01
CA PHE D 363 -23.89 -9.52 -14.77
C PHE D 363 -23.78 -10.93 -15.33
N ASP D 364 -22.57 -11.34 -15.74
CA ASP D 364 -22.32 -12.75 -16.09
C ASP D 364 -22.77 -13.66 -14.95
N PHE D 365 -22.37 -13.31 -13.72
CA PHE D 365 -22.73 -14.07 -12.52
C PHE D 365 -24.25 -14.13 -12.29
N TYR D 366 -24.92 -12.98 -12.38
CA TYR D 366 -26.39 -12.89 -12.26
C TYR D 366 -27.12 -13.70 -13.34
N HIS D 367 -26.66 -13.57 -14.58
CA HIS D 367 -27.31 -14.25 -15.71
C HIS D 367 -27.31 -15.77 -15.55
N GLY D 368 -26.26 -16.30 -14.94
CA GLY D 368 -26.15 -17.74 -14.72
C GLY D 368 -26.85 -18.26 -13.48
N GLY D 369 -27.66 -17.41 -12.84
CA GLY D 369 -28.45 -17.82 -11.69
C GLY D 369 -27.69 -17.77 -10.37
N GLY D 370 -26.64 -16.95 -10.33
CA GLY D 370 -25.79 -16.81 -9.15
C GLY D 370 -26.48 -16.28 -7.89
N LEU D 371 -27.51 -15.46 -8.07
CA LEU D 371 -28.27 -14.93 -6.94
C LEU D 371 -29.24 -15.95 -6.34
N ASP D 372 -29.11 -16.19 -5.04
CA ASP D 372 -30.05 -17.04 -4.31
C ASP D 372 -31.39 -16.31 -4.09
N VAL D 373 -31.31 -14.98 -3.93
CA VAL D 373 -32.50 -14.17 -3.63
C VAL D 373 -32.31 -12.75 -4.16
N CYS D 374 -33.38 -12.18 -4.68
CA CYS D 374 -33.38 -10.78 -5.06
C CYS D 374 -34.64 -10.07 -4.58
N TYR D 375 -34.48 -8.79 -4.29
CA TYR D 375 -35.59 -7.98 -3.83
C TYR D 375 -35.74 -6.83 -4.81
N LEU D 376 -36.90 -6.76 -5.45
CA LEU D 376 -37.17 -5.78 -6.48
C LEU D 376 -38.50 -5.05 -6.24
N SER D 377 -38.54 -3.75 -6.54
CA SER D 377 -39.78 -2.98 -6.45
C SER D 377 -40.66 -3.29 -7.64
N PHE D 378 -41.97 -3.14 -7.47
CA PHE D 378 -42.91 -3.24 -8.60
C PHE D 378 -43.76 -1.98 -8.75
N ALA D 379 -44.13 -1.66 -10.00
CA ALA D 379 -45.07 -0.58 -10.26
C ALA D 379 -46.48 -1.16 -10.37
N GLU D 380 -46.59 -2.25 -11.12
CA GLU D 380 -47.85 -2.96 -11.38
C GLU D 380 -47.63 -4.45 -11.45
N VAL D 381 -48.65 -5.21 -11.04
CA VAL D 381 -48.63 -6.68 -11.07
C VAL D 381 -49.95 -7.14 -11.71
N ASP D 382 -49.90 -8.09 -12.64
CA ASP D 382 -51.16 -8.56 -13.25
C ASP D 382 -51.55 -9.97 -12.81
N GLN D 383 -52.69 -10.46 -13.31
CA GLN D 383 -53.24 -11.76 -12.89
C GLN D 383 -52.36 -12.99 -13.15
N HIS D 384 -51.45 -12.89 -14.12
CA HIS D 384 -50.55 -14.00 -14.46
C HIS D 384 -49.24 -13.92 -13.66
N GLY D 385 -49.15 -12.96 -12.76
CA GLY D 385 -47.92 -12.79 -11.98
C GLY D 385 -46.89 -11.92 -12.69
N ASN D 386 -47.23 -11.43 -13.89
CA ASN D 386 -46.37 -10.50 -14.61
C ASN D 386 -46.13 -9.22 -13.80
N VAL D 387 -44.98 -8.60 -13.97
CA VAL D 387 -44.66 -7.34 -13.31
C VAL D 387 -44.22 -6.29 -14.34
N GLY D 388 -44.71 -5.06 -14.16
CA GLY D 388 -44.37 -3.93 -15.01
C GLY D 388 -43.59 -2.90 -14.19
N VAL D 389 -42.46 -2.47 -14.74
CA VAL D 389 -41.61 -1.47 -14.11
C VAL D 389 -41.04 -0.46 -15.13
N HIS D 390 -40.89 -0.87 -16.40
CA HIS D 390 -40.14 -0.07 -17.38
C HIS D 390 -40.88 1.13 -17.96
N LYS D 391 -42.20 1.05 -17.94
CA LYS D 391 -43.07 2.16 -18.31
C LYS D 391 -44.20 2.21 -17.30
N PHE D 392 -44.47 3.40 -16.77
CA PHE D 392 -45.60 3.58 -15.87
C PHE D 392 -46.21 4.98 -16.02
N ASN D 393 -47.52 5.00 -16.24
CA ASN D 393 -48.28 6.25 -16.47
C ASN D 393 -47.78 7.06 -17.67
N GLY D 394 -47.40 6.36 -18.74
CA GLY D 394 -46.85 7.00 -19.94
C GLY D 394 -45.36 7.32 -19.85
N LYS D 395 -44.80 7.25 -18.65
CA LYS D 395 -43.39 7.62 -18.45
C LYS D 395 -42.46 6.43 -18.67
N ILE D 396 -41.34 6.69 -19.36
CA ILE D 396 -40.32 5.69 -19.59
C ILE D 396 -39.33 5.68 -18.44
N GLY D 398 -37.46 2.54 -17.91
CA GLY D 398 -36.43 1.60 -18.32
C GLY D 398 -36.31 0.50 -17.28
N THR D 399 -35.40 -0.44 -17.53
CA THR D 399 -35.24 -1.63 -16.70
C THR D 399 -34.15 -1.49 -15.64
N GLY D 400 -33.05 -0.84 -16.01
CA GLY D 400 -31.82 -0.99 -15.24
C GLY D 400 -31.44 -2.45 -15.32
N GLY D 401 -31.06 -3.03 -14.17
CA GLY D 401 -30.73 -4.45 -14.08
C GLY D 401 -31.93 -5.34 -13.72
N PHE D 402 -33.14 -4.77 -13.72
CA PHE D 402 -34.36 -5.51 -13.35
C PHE D 402 -34.51 -6.84 -14.08
N ILE D 403 -34.38 -6.83 -15.41
CA ILE D 403 -34.55 -8.07 -16.18
C ILE D 403 -33.39 -9.04 -15.97
N ASP D 404 -32.17 -8.51 -15.89
CA ASP D 404 -30.98 -9.33 -15.65
C ASP D 404 -31.07 -10.11 -14.35
N ILE D 405 -31.69 -9.49 -13.34
CA ILE D 405 -31.81 -10.05 -11.99
C ILE D 405 -33.05 -10.95 -11.84
N SER D 406 -34.20 -10.49 -12.33
CA SER D 406 -35.47 -11.24 -12.19
C SER D 406 -35.63 -12.42 -13.17
N ALA D 407 -34.72 -12.55 -14.13
CA ALA D 407 -34.80 -13.62 -15.13
C ALA D 407 -34.42 -15.02 -14.62
N THR D 408 -33.35 -15.11 -13.82
CA THR D 408 -32.86 -16.44 -13.36
C THR D 408 -32.53 -16.57 -11.87
N SER D 409 -32.72 -15.52 -11.08
CA SER D 409 -32.47 -15.65 -9.63
C SER D 409 -33.42 -16.66 -9.00
N LYS D 410 -32.91 -17.46 -8.07
CA LYS D 410 -33.62 -18.64 -7.54
C LYS D 410 -34.92 -18.29 -6.82
N LYS D 411 -34.87 -17.20 -6.06
CA LYS D 411 -36.02 -16.67 -5.34
C LYS D 411 -36.15 -15.21 -5.71
N ILE D 412 -37.33 -14.82 -6.19
CA ILE D 412 -37.58 -13.44 -6.63
C ILE D 412 -38.64 -12.85 -5.71
N ILE D 413 -38.26 -11.82 -4.97
CA ILE D 413 -39.14 -11.19 -3.99
C ILE D 413 -39.50 -9.78 -4.40
N PHE D 414 -40.69 -9.60 -4.97
CA PHE D 414 -41.19 -8.27 -5.33
C PHE D 414 -41.77 -7.61 -4.09
N CYS D 415 -41.44 -6.34 -3.88
CA CYS D 415 -41.81 -5.59 -2.69
C CYS D 415 -42.46 -4.27 -3.11
N GLY D 416 -43.61 -3.96 -2.51
CA GLY D 416 -44.33 -2.73 -2.85
C GLY D 416 -45.55 -2.55 -1.97
N THR D 417 -46.49 -1.71 -2.39
CA THR D 417 -47.75 -1.58 -1.65
C THR D 417 -48.89 -2.11 -2.50
N LEU D 418 -50.00 -2.48 -1.86
CA LEU D 418 -51.13 -3.04 -2.60
C LEU D 418 -51.80 -1.95 -3.44
N THR D 419 -51.87 -0.74 -2.88
CA THR D 419 -52.39 0.42 -3.59
C THR D 419 -51.38 1.55 -3.54
N ALA D 420 -51.59 2.57 -4.38
CA ALA D 420 -50.72 3.74 -4.43
C ALA D 420 -51.56 4.99 -4.63
N GLY D 421 -50.96 6.15 -4.37
CA GLY D 421 -51.66 7.44 -4.48
C GLY D 421 -52.06 7.96 -3.12
N SER D 422 -51.11 8.58 -2.43
CA SER D 422 -51.28 9.09 -1.07
C SER D 422 -51.87 8.03 -0.12
N LEU D 423 -51.25 6.85 -0.12
CA LEU D 423 -51.60 5.80 0.83
C LEU D 423 -50.96 6.15 2.17
N LYS D 424 -51.78 6.21 3.21
CA LYS D 424 -51.30 6.49 4.56
C LYS D 424 -51.60 5.33 5.48
N THR D 425 -50.56 4.86 6.16
CA THR D 425 -50.66 3.69 7.01
C THR D 425 -49.89 3.91 8.31
N GLU D 426 -50.29 3.22 9.37
CA GLU D 426 -49.56 3.27 10.63
C GLU D 426 -49.57 1.92 11.33
N ILE D 427 -48.43 1.55 11.91
CA ILE D 427 -48.32 0.33 12.70
C ILE D 427 -48.44 0.71 14.17
N ALA D 428 -49.60 0.41 14.76
CA ALA D 428 -49.88 0.72 16.16
C ALA D 428 -50.63 -0.42 16.81
N ASP D 429 -50.29 -0.73 18.06
CA ASP D 429 -50.93 -1.79 18.85
C ASP D 429 -50.73 -3.19 18.27
N GLY D 430 -49.59 -3.40 17.60
CA GLY D 430 -49.27 -4.68 16.96
C GLY D 430 -50.19 -5.00 15.80
N LYS D 431 -50.66 -3.95 15.13
CA LYS D 431 -51.64 -4.06 14.06
C LYS D 431 -51.30 -3.08 12.93
N LEU D 432 -51.82 -3.37 11.74
CA LEU D 432 -51.74 -2.45 10.62
C LEU D 432 -53.03 -1.64 10.58
N ASN D 433 -52.89 -0.32 10.57
CA ASN D 433 -54.04 0.58 10.46
C ASN D 433 -53.95 1.42 9.20
N ILE D 434 -54.88 1.18 8.27
CA ILE D 434 -54.95 1.94 7.02
C ILE D 434 -55.67 3.27 7.27
N VAL D 435 -54.87 4.32 7.46
CA VAL D 435 -55.37 5.66 7.78
C VAL D 435 -56.06 6.27 6.56
N GLN D 436 -55.37 6.27 5.43
CA GLN D 436 -55.94 6.71 4.16
C GLN D 436 -55.56 5.73 3.05
N GLU D 437 -56.57 5.18 2.38
CA GLU D 437 -56.35 4.20 1.33
C GLU D 437 -55.78 4.85 0.06
N GLY D 438 -54.93 4.10 -0.63
CA GLY D 438 -54.41 4.52 -1.93
C GLY D 438 -55.54 4.57 -2.94
N ARG D 439 -55.49 5.57 -3.82
CA ARG D 439 -56.55 5.77 -4.80
C ARG D 439 -56.39 4.89 -6.04
N VAL D 440 -55.17 4.40 -6.27
CA VAL D 440 -54.86 3.63 -7.48
C VAL D 440 -54.52 2.17 -7.15
N LYS D 441 -55.16 1.24 -7.86
CA LYS D 441 -54.88 -0.20 -7.72
C LYS D 441 -53.62 -0.56 -8.48
N LYS D 442 -52.74 -1.32 -7.83
CA LYS D 442 -51.47 -1.77 -8.42
C LYS D 442 -51.56 -3.21 -8.95
N PHE D 443 -52.49 -3.99 -8.40
CA PHE D 443 -52.75 -5.34 -8.87
C PHE D 443 -53.90 -5.30 -9.87
N ILE D 444 -53.55 -5.37 -11.15
CA ILE D 444 -54.51 -5.16 -12.24
C ILE D 444 -54.68 -6.41 -13.11
N ARG D 445 -55.67 -6.39 -14.00
CA ARG D 445 -55.99 -7.55 -14.85
C ARG D 445 -54.86 -7.92 -15.83
N GLU D 446 -54.38 -6.91 -16.56
CA GLU D 446 -53.45 -7.12 -17.65
C GLU D 446 -52.48 -5.94 -17.76
N LEU D 447 -51.19 -6.22 -17.85
CA LEU D 447 -50.20 -5.16 -18.07
C LEU D 447 -50.21 -4.75 -19.54
N PRO D 448 -50.05 -3.47 -19.85
CA PRO D 448 -49.89 -3.05 -21.25
C PRO D 448 -48.54 -3.52 -21.82
N GLU D 449 -47.50 -3.46 -20.99
CA GLU D 449 -46.19 -4.05 -21.34
C GLU D 449 -45.56 -4.76 -20.15
N ILE D 450 -44.82 -5.83 -20.43
CA ILE D 450 -44.30 -6.75 -19.42
C ILE D 450 -42.79 -6.54 -19.21
N THR D 451 -42.37 -6.38 -17.96
CA THR D 451 -40.94 -6.35 -17.62
C THR D 451 -40.45 -7.70 -17.04
N PHE D 452 -41.37 -8.48 -16.49
CA PHE D 452 -41.09 -9.79 -15.91
C PHE D 452 -42.27 -10.70 -16.22
N SER D 453 -41.96 -11.86 -16.79
CA SER D 453 -42.97 -12.84 -17.15
C SER D 453 -43.17 -13.90 -16.07
N GLY D 454 -44.39 -13.99 -15.54
CA GLY D 454 -44.73 -14.99 -14.56
C GLY D 454 -44.58 -16.40 -15.14
N LYS D 455 -45.04 -16.57 -16.37
CA LYS D 455 -44.99 -17.85 -17.08
C LYS D 455 -43.55 -18.37 -17.21
N ILE D 456 -42.64 -17.49 -17.63
CA ILE D 456 -41.23 -17.87 -17.80
C ILE D 456 -40.58 -18.22 -16.45
N ALA D 457 -40.88 -17.47 -15.40
CA ALA D 457 -40.34 -17.76 -14.06
C ALA D 457 -40.71 -19.16 -13.59
N LEU D 458 -41.99 -19.52 -13.79
CA LEU D 458 -42.47 -20.85 -13.40
C LEU D 458 -41.83 -21.95 -14.25
N GLU D 459 -41.65 -21.69 -15.54
CA GLU D 459 -40.93 -22.63 -16.41
C GLU D 459 -39.49 -22.83 -15.95
N ARG D 460 -38.88 -21.76 -15.45
CA ARG D 460 -37.48 -21.84 -15.02
C ARG D 460 -37.31 -22.39 -13.60
N GLY D 461 -38.43 -22.71 -12.95
CA GLY D 461 -38.44 -23.29 -11.60
C GLY D 461 -38.15 -22.33 -10.46
N LEU D 462 -38.52 -21.06 -10.63
CA LEU D 462 -38.20 -20.02 -9.64
C LEU D 462 -39.33 -19.79 -8.62
N ASP D 463 -38.94 -19.44 -7.40
CA ASP D 463 -39.87 -19.13 -6.30
C ASP D 463 -40.16 -17.63 -6.30
N VAL D 464 -41.41 -17.23 -6.56
CA VAL D 464 -41.77 -15.83 -6.73
C VAL D 464 -42.75 -15.37 -5.66
N ARG D 465 -42.35 -14.35 -4.89
CA ARG D 465 -43.15 -13.77 -3.81
C ARG D 465 -43.52 -12.34 -4.14
N TYR D 466 -44.69 -11.90 -3.65
CA TYR D 466 -45.08 -10.50 -3.72
C TYR D 466 -45.44 -10.07 -2.29
N ILE D 467 -44.63 -9.18 -1.74
CA ILE D 467 -44.82 -8.68 -0.36
C ILE D 467 -45.34 -7.25 -0.41
N THR D 468 -46.49 -7.03 0.23
CA THR D 468 -46.99 -5.68 0.49
C THR D 468 -47.12 -5.50 1.99
N GLU D 469 -47.47 -4.28 2.42
CA GLU D 469 -47.69 -4.01 3.85
C GLU D 469 -48.84 -4.82 4.44
N ARG D 470 -49.83 -5.18 3.63
CA ARG D 470 -51.03 -5.79 4.19
C ARG D 470 -51.21 -7.26 3.81
N ALA D 471 -50.48 -7.71 2.79
CA ALA D 471 -50.68 -9.03 2.19
C ALA D 471 -49.41 -9.57 1.57
N VAL D 472 -49.26 -10.90 1.61
CA VAL D 472 -48.18 -11.59 0.92
C VAL D 472 -48.75 -12.65 0.00
N PHE D 473 -48.20 -12.71 -1.22
CA PHE D 473 -48.62 -13.64 -2.27
C PHE D 473 -47.44 -14.48 -2.74
N THR D 474 -47.75 -15.64 -3.33
CA THR D 474 -46.77 -16.48 -4.00
C THR D 474 -47.33 -16.85 -5.38
N LEU D 475 -46.48 -16.84 -6.40
CA LEU D 475 -46.91 -17.21 -7.74
C LEU D 475 -46.95 -18.72 -7.91
N LYS D 476 -48.10 -19.22 -8.35
CA LYS D 476 -48.24 -20.65 -8.65
C LYS D 476 -48.84 -20.86 -10.04
N GLU D 477 -48.91 -22.11 -10.50
CA GLU D 477 -49.38 -22.42 -11.85
C GLU D 477 -50.77 -21.85 -12.14
N ASP D 478 -51.58 -21.72 -11.10
CA ASP D 478 -52.96 -21.24 -11.26
C ASP D 478 -53.13 -19.77 -10.84
N GLY D 479 -52.02 -19.05 -10.72
CA GLY D 479 -52.03 -17.63 -10.44
C GLY D 479 -51.51 -17.29 -9.06
N LEU D 480 -51.77 -16.07 -8.62
CA LEU D 480 -51.30 -15.62 -7.32
C LEU D 480 -52.08 -16.28 -6.20
N HIS D 481 -51.36 -16.88 -5.25
CA HIS D 481 -51.94 -17.40 -4.03
C HIS D 481 -51.70 -16.39 -2.93
N LEU D 482 -52.77 -15.96 -2.25
CA LEU D 482 -52.62 -15.14 -1.06
C LEU D 482 -52.24 -16.07 0.10
N ILE D 483 -51.07 -15.84 0.71
CA ILE D 483 -50.57 -16.73 1.76
C ILE D 483 -50.56 -16.11 3.17
N GLU D 484 -50.50 -14.77 3.24
CA GLU D 484 -50.49 -14.05 4.53
C GLU D 484 -51.30 -12.75 4.48
N ILE D 485 -51.95 -12.40 5.60
CA ILE D 485 -52.67 -11.14 5.80
C ILE D 485 -52.17 -10.47 7.06
N ALA D 486 -52.02 -9.15 7.00
CA ALA D 486 -51.69 -8.37 8.19
C ALA D 486 -52.83 -8.44 9.21
N PRO D 487 -52.49 -8.51 10.49
CA PRO D 487 -53.46 -8.24 11.56
C PRO D 487 -53.99 -6.82 11.42
N GLY D 488 -55.29 -6.64 11.59
CA GLY D 488 -55.90 -5.31 11.52
C GLY D 488 -56.48 -4.96 10.16
N VAL D 489 -56.39 -5.91 9.24
CA VAL D 489 -56.87 -5.74 7.87
C VAL D 489 -57.99 -6.72 7.55
N ASP D 490 -59.02 -6.24 6.86
CA ASP D 490 -60.13 -7.09 6.45
C ASP D 490 -59.90 -7.65 5.06
N LEU D 491 -59.97 -8.97 4.94
CA LEU D 491 -59.74 -9.68 3.68
C LEU D 491 -60.55 -9.10 2.51
N GLN D 492 -61.87 -8.97 2.70
CA GLN D 492 -62.74 -8.53 1.61
C GLN D 492 -62.53 -7.07 1.21
N LYS D 493 -62.64 -6.15 2.17
CA LYS D 493 -62.63 -4.73 1.81
C LYS D 493 -61.24 -4.11 1.62
N ASP D 494 -60.25 -4.62 2.33
CA ASP D 494 -58.90 -4.04 2.29
C ASP D 494 -57.95 -4.74 1.31
N ILE D 495 -58.27 -5.96 0.90
CA ILE D 495 -57.46 -6.70 -0.06
C ILE D 495 -58.22 -7.03 -1.35
N LEU D 496 -59.23 -7.89 -1.24
CA LEU D 496 -59.95 -8.37 -2.43
C LEU D 496 -60.63 -7.24 -3.20
N ASP D 497 -61.22 -6.28 -2.48
CA ASP D 497 -61.85 -5.09 -3.08
C ASP D 497 -60.86 -4.15 -3.75
N LYS D 498 -59.58 -4.27 -3.39
CA LYS D 498 -58.56 -3.33 -3.87
C LYS D 498 -57.66 -3.94 -4.95
N ASP D 500 -57.88 -5.93 -8.95
CA ASP D 500 -58.74 -6.06 -10.12
C ASP D 500 -58.85 -7.50 -10.63
N PHE D 501 -58.32 -8.43 -9.85
CA PHE D 501 -58.50 -9.85 -10.12
C PHE D 501 -58.62 -10.64 -8.81
N THR D 502 -59.02 -11.91 -8.91
CA THR D 502 -59.24 -12.76 -7.74
C THR D 502 -58.08 -13.74 -7.56
N PRO D 503 -57.29 -13.56 -6.49
CA PRO D 503 -56.24 -14.52 -6.13
C PRO D 503 -56.82 -15.80 -5.53
N VAL D 504 -56.09 -16.91 -5.67
CA VAL D 504 -56.42 -18.12 -4.93
C VAL D 504 -56.09 -17.83 -3.47
N ILE D 505 -57.01 -18.14 -2.57
CA ILE D 505 -56.75 -17.94 -1.15
C ILE D 505 -56.21 -19.26 -0.60
N SER D 506 -54.96 -19.22 -0.12
CA SER D 506 -54.25 -20.42 0.34
C SER D 506 -55.02 -21.09 1.47
N PRO D 507 -55.16 -22.41 1.41
CA PRO D 507 -55.73 -23.17 2.53
C PRO D 507 -54.88 -23.04 3.80
N GLU D 508 -53.59 -22.73 3.63
CA GLU D 508 -52.70 -22.48 4.77
C GLU D 508 -52.55 -20.99 5.11
N LEU D 509 -53.53 -20.19 4.68
CA LEU D 509 -53.58 -18.75 4.94
C LEU D 509 -53.35 -18.45 6.43
N LYS D 510 -52.43 -17.53 6.70
CA LYS D 510 -52.10 -17.18 8.07
C LYS D 510 -51.92 -15.67 8.22
N LEU D 511 -51.93 -15.23 9.48
CA LEU D 511 -51.61 -13.83 9.78
C LEU D 511 -50.11 -13.63 9.57
N ASP D 513 -46.55 -12.58 10.57
CA ASP D 513 -45.90 -12.75 11.88
C ASP D 513 -46.09 -11.56 12.82
N GLU D 514 -46.57 -11.86 14.03
CA GLU D 514 -46.87 -10.84 15.05
C GLU D 514 -45.70 -9.89 15.31
N ARG D 515 -44.48 -10.43 15.33
CA ARG D 515 -43.26 -9.65 15.62
C ARG D 515 -42.98 -8.52 14.64
N LEU D 516 -43.47 -8.64 13.41
CA LEU D 516 -43.25 -7.62 12.39
C LEU D 516 -43.85 -6.27 12.80
N PHE D 517 -44.95 -6.34 13.56
CA PHE D 517 -45.76 -5.16 13.87
C PHE D 517 -45.50 -4.60 15.27
N ILE D 518 -44.46 -5.10 15.93
CA ILE D 518 -44.09 -4.65 17.28
C ILE D 518 -42.80 -3.83 17.22
N ASP D 519 -42.83 -2.65 17.84
CA ASP D 519 -41.72 -1.69 17.76
C ASP D 519 -40.56 -2.06 18.70
N ALA D 520 -40.07 -3.28 18.57
CA ALA D 520 -38.96 -3.82 19.32
C ALA D 520 -38.24 -4.86 18.48
N ALA D 521 -37.00 -5.20 18.85
CA ALA D 521 -36.22 -6.20 18.12
C ALA D 521 -36.98 -7.53 18.09
N GLY D 523 -35.98 -10.66 17.47
CA GLY D 523 -35.32 -11.89 17.86
C GLY D 523 -35.33 -12.86 16.69
N PHE D 524 -35.28 -12.30 15.49
CA PHE D 524 -35.28 -13.07 14.26
C PHE D 524 -33.97 -13.85 14.14
N VAL D 525 -34.09 -15.11 13.74
CA VAL D 525 -32.91 -15.94 13.50
C VAL D 525 -32.97 -16.47 12.07
N LEU D 526 -31.88 -16.24 11.33
CA LEU D 526 -31.74 -16.74 9.97
C LEU D 526 -31.66 -18.26 9.94
N PRO D 527 -32.44 -18.88 9.05
CA PRO D 527 -32.34 -20.32 8.80
C PRO D 527 -30.97 -20.70 8.23
N GLU D 528 -30.49 -21.89 8.58
CA GLU D 528 -29.17 -22.38 8.15
C GLU D 528 -29.03 -22.51 6.64
N ALA D 529 -27.78 -22.54 6.18
CA ALA D 529 -27.45 -22.61 4.75
C ALA D 529 -28.10 -23.80 4.04
#